data_8TDV
#
_entry.id   8TDV
#
_cell.length_a   1.00
_cell.length_b   1.00
_cell.length_c   1.00
_cell.angle_alpha   90.00
_cell.angle_beta   90.00
_cell.angle_gamma   90.00
#
_symmetry.space_group_name_H-M   'P 1'
#
loop_
_entity.id
_entity.type
_entity.pdbx_description
1 polymer 'Deoxynucleoside triphosphate triphosphohydrolase SAMHD1'
2 polymer "RNA (5'-R(P*CP*CP*GP*GP*CP*C)-3')"
3 polymer "RNA (5'-R(P*CP*CP*GP*AP*CP*CP*C)-3')"
4 non-polymer 'FE (III) ION'
#
loop_
_entity_poly.entity_id
_entity_poly.type
_entity_poly.pdbx_seq_one_letter_code
_entity_poly.pdbx_strand_id
1 'polypeptide(L)'
;MQRADSEQPSKRPRCDDSPRTPSNTPSAEADWSPGLELHPDYKTWGPEQVCSFLRRGGFEEPVLLKNIRENEITGALLPC
LDESRFENLGVSSLGERKKLLSYIQRLVQIHVDTMKVINDPIHGHIELHPLLVRIIDTPQFQRLRYIKQLGGGYYVFPGA
SHNRFEHSLGVGYLAGCLVHALGEKQPELQISERDVLCVQIAGLCHDLGHGPFSHMFDGRFIPLARPEVKWTHEQGSVMM
FEHLINSNGIKPVMEQYGLIPEEDICFIKEQIVGPLESPVEDSLWPYKGRPENKSFLYEIVSNKRNGIDVDKWDYFARDC
HHLGIQNNFDYKRFIKFARVCEVDNELRICARDKEVGNLYDMFHTRNSLHRRAYQHKVGNIIDTMITDAFLKADDYIEIT
GAGGKKYRISTAIDDMEAYTKLTDNIFLEILYSTDPKLKDAREILKQIEYRNLFKYVGETQPTGQIKIKREDYESLPKEV
ASAKPKVLLDVKLKAEDFIVDVINMDYGMQEKNPIDHVSFYCKTAPNRAIRITKNQVSQLLPEKFAEQLIRVYCKKVDRK
SLYAARQYFVQWCADRNFTKPQDGDVIAPLITPQKKEWNDSTSVQNPTRLREASKSRVQLFKDDPM
;
A,B,E,F
2 'polyribonucleotide' CCGGCC J
3 'polyribonucleotide' CCGACCC K
#
# COMPACT_ATOMS: atom_id res chain seq x y z
N THR A 114 -13.59 26.69 20.60
CA THR A 114 -13.43 26.63 19.16
C THR A 114 -12.29 25.69 18.77
N MET A 115 -12.57 24.79 17.83
CA MET A 115 -11.55 23.87 17.32
C MET A 115 -11.98 23.44 15.93
N LYS A 116 -11.29 23.95 14.91
CA LYS A 116 -11.66 23.64 13.53
C LYS A 116 -10.86 22.46 13.01
N VAL A 117 -11.42 21.78 12.02
CA VAL A 117 -10.78 20.67 11.35
C VAL A 117 -10.99 20.81 9.85
N ILE A 118 -9.92 20.64 9.08
CA ILE A 118 -9.93 20.84 7.63
C ILE A 118 -9.54 19.53 6.97
N ASN A 119 -10.33 19.08 5.99
CA ASN A 119 -10.02 17.88 5.25
C ASN A 119 -9.10 18.24 4.09
N ASP A 120 -7.89 17.68 4.10
CA ASP A 120 -6.97 17.87 3.00
C ASP A 120 -6.62 16.50 2.41
N PRO A 121 -6.54 16.39 1.09
CA PRO A 121 -6.17 15.09 0.49
C PRO A 121 -4.80 14.61 0.92
N ILE A 122 -3.87 15.51 1.18
CA ILE A 122 -2.50 15.12 1.53
C ILE A 122 -2.38 14.85 3.03
N HIS A 123 -2.82 15.78 3.87
CA HIS A 123 -2.57 15.72 5.29
C HIS A 123 -3.75 15.22 6.11
N GLY A 124 -4.80 14.75 5.46
CA GLY A 124 -5.94 14.23 6.19
C GLY A 124 -6.65 15.28 7.02
N HIS A 125 -6.80 15.04 8.32
CA HIS A 125 -7.44 16.00 9.21
C HIS A 125 -6.42 16.99 9.75
N ILE A 126 -6.62 18.26 9.45
CA ILE A 126 -5.77 19.35 9.91
C ILE A 126 -6.52 20.11 11.00
N GLU A 127 -6.01 20.05 12.23
CA GLU A 127 -6.69 20.68 13.35
C GLU A 127 -6.12 22.08 13.57
N LEU A 128 -7.01 23.04 13.78
CA LEU A 128 -6.65 24.44 13.98
C LEU A 128 -7.38 24.99 15.20
N HIS A 129 -6.75 25.96 15.84
CA HIS A 129 -7.27 26.63 17.02
C HIS A 129 -7.69 28.06 16.69
N PRO A 130 -8.54 28.67 17.52
CA PRO A 130 -9.33 29.83 17.04
C PRO A 130 -8.53 31.00 16.52
N LEU A 131 -7.27 31.19 16.96
CA LEU A 131 -6.44 32.22 16.34
C LEU A 131 -6.20 31.93 14.87
N LEU A 132 -5.87 30.67 14.55
CA LEU A 132 -5.64 30.31 13.16
C LEU A 132 -6.91 30.45 12.34
N VAL A 133 -8.06 30.10 12.92
CA VAL A 133 -9.34 30.27 12.22
C VAL A 133 -9.61 31.75 11.97
N ARG A 134 -9.43 32.58 12.99
CA ARG A 134 -9.68 34.01 12.84
C ARG A 134 -8.78 34.60 11.76
N ILE A 135 -7.53 34.16 11.67
CA ILE A 135 -6.68 34.59 10.57
C ILE A 135 -7.21 34.05 9.24
N ILE A 136 -7.70 32.81 9.23
CA ILE A 136 -8.07 32.15 7.98
C ILE A 136 -9.35 32.77 7.41
N ASP A 137 -10.36 32.98 8.25
CA ASP A 137 -11.65 33.50 7.79
C ASP A 137 -11.62 35.03 7.74
N THR A 138 -10.72 35.54 6.91
CA THR A 138 -10.58 36.96 6.62
C THR A 138 -10.48 37.13 5.12
N PRO A 139 -10.83 38.31 4.60
CA PRO A 139 -10.76 38.50 3.14
C PRO A 139 -9.37 38.28 2.57
N GLN A 140 -8.32 38.55 3.35
CA GLN A 140 -6.97 38.48 2.83
C GLN A 140 -6.40 37.07 2.81
N PHE A 141 -7.14 36.07 3.30
CA PHE A 141 -6.79 34.67 3.13
C PHE A 141 -7.61 33.99 2.04
N GLN A 142 -8.91 34.25 1.96
CA GLN A 142 -9.70 33.78 0.83
C GLN A 142 -9.16 34.31 -0.50
N ARG A 143 -8.41 35.42 -0.48
CA ARG A 143 -7.70 35.85 -1.67
C ARG A 143 -6.80 34.74 -2.19
N LEU A 144 -6.16 34.02 -1.29
CA LEU A 144 -5.31 32.90 -1.69
C LEU A 144 -6.12 31.81 -2.40
N ARG A 145 -7.40 31.67 -2.04
CA ARG A 145 -8.22 30.61 -2.62
C ARG A 145 -8.39 30.74 -4.12
N TYR A 146 -8.11 31.91 -4.70
CA TYR A 146 -8.27 32.13 -6.13
C TYR A 146 -6.95 32.38 -6.82
N ILE A 147 -5.84 31.92 -6.23
CA ILE A 147 -4.52 32.05 -6.83
C ILE A 147 -3.97 30.64 -7.04
N LYS A 148 -3.64 30.32 -8.28
CA LYS A 148 -3.16 28.98 -8.60
C LYS A 148 -1.78 28.74 -8.02
N GLN A 149 -1.59 27.54 -7.46
CA GLN A 149 -0.26 27.16 -6.99
C GLN A 149 0.74 27.14 -8.14
N LEU A 150 0.37 26.51 -9.24
CA LEU A 150 1.15 26.52 -10.47
C LEU A 150 0.37 27.34 -11.49
N GLY A 151 0.72 28.61 -11.62
CA GLY A 151 0.02 29.51 -12.51
C GLY A 151 0.04 29.04 -13.95
N GLY A 152 1.23 28.91 -14.53
CA GLY A 152 1.37 28.39 -15.87
C GLY A 152 1.43 26.89 -15.97
N GLY A 153 1.34 26.18 -14.85
CA GLY A 153 1.30 24.74 -14.88
C GLY A 153 -0.07 24.15 -15.11
N TYR A 154 -1.13 24.92 -14.87
CA TYR A 154 -2.47 24.40 -15.10
C TYR A 154 -2.78 24.27 -16.58
N TYR A 155 -2.27 25.20 -17.39
CA TYR A 155 -2.44 25.10 -18.84
C TYR A 155 -1.54 24.06 -19.46
N VAL A 156 -0.85 23.27 -18.63
CA VAL A 156 -0.07 22.12 -19.08
C VAL A 156 -0.53 20.84 -18.40
N PHE A 157 -0.71 20.90 -17.08
CA PHE A 157 -1.20 19.75 -16.33
C PHE A 157 -2.67 19.95 -16.03
N PRO A 158 -3.58 19.15 -16.59
CA PRO A 158 -5.02 19.35 -16.32
C PRO A 158 -5.39 19.12 -14.86
N GLY A 159 -4.59 18.40 -14.09
CA GLY A 159 -4.90 18.21 -12.69
C GLY A 159 -4.40 19.28 -11.76
N ALA A 160 -3.50 20.15 -12.23
CA ALA A 160 -2.83 21.13 -11.39
C ALA A 160 -3.72 22.37 -11.18
N SER A 161 -4.92 22.13 -10.68
CA SER A 161 -5.85 23.19 -10.36
C SER A 161 -5.84 23.55 -8.88
N HIS A 162 -4.88 23.03 -8.11
CA HIS A 162 -4.81 23.34 -6.69
C HIS A 162 -4.34 24.77 -6.47
N ASN A 163 -4.92 25.43 -5.47
CA ASN A 163 -4.66 26.82 -5.18
C ASN A 163 -3.77 26.97 -3.96
N ARG A 164 -3.31 28.20 -3.73
CA ARG A 164 -2.44 28.48 -2.59
C ARG A 164 -3.14 28.31 -1.25
N PHE A 165 -4.47 28.22 -1.22
CA PHE A 165 -5.17 28.13 0.05
C PHE A 165 -4.86 26.81 0.76
N GLU A 166 -5.03 25.70 0.04
CA GLU A 166 -4.74 24.39 0.63
C GLU A 166 -3.25 24.23 0.89
N HIS A 167 -2.40 24.79 0.04
CA HIS A 167 -0.97 24.75 0.29
C HIS A 167 -0.60 25.46 1.58
N SER A 168 -1.18 26.63 1.81
CA SER A 168 -0.91 27.35 3.06
C SER A 168 -1.44 26.58 4.25
N LEU A 169 -2.63 25.99 4.14
CA LEU A 169 -3.16 25.19 5.22
C LEU A 169 -2.23 24.02 5.56
N GLY A 170 -1.74 23.33 4.53
CA GLY A 170 -0.85 22.21 4.75
C GLY A 170 0.47 22.64 5.37
N VAL A 171 1.02 23.76 4.92
CA VAL A 171 2.29 24.23 5.46
C VAL A 171 2.12 24.63 6.92
N GLY A 172 1.04 25.33 7.24
CA GLY A 172 0.76 25.65 8.63
C GLY A 172 0.61 24.41 9.50
N TYR A 173 -0.12 23.41 9.01
CA TYR A 173 -0.29 22.17 9.76
C TYR A 173 1.06 21.49 10.00
N LEU A 174 1.88 21.38 8.96
CA LEU A 174 3.17 20.72 9.10
C LEU A 174 4.06 21.46 10.08
N ALA A 175 4.11 22.79 9.99
CA ALA A 175 4.92 23.56 10.92
C ALA A 175 4.43 23.38 12.35
N GLY A 176 3.11 23.38 12.54
CA GLY A 176 2.57 23.15 13.87
C GLY A 176 2.91 21.78 14.42
N CYS A 177 2.84 20.76 13.58
CA CYS A 177 3.18 19.41 14.03
C CYS A 177 4.67 19.30 14.37
N LEU A 178 5.52 19.87 13.53
CA LEU A 178 6.97 19.78 13.76
C LEU A 178 7.40 20.56 14.99
N VAL A 179 6.75 21.69 15.28
CA VAL A 179 7.07 22.44 16.49
C VAL A 179 6.37 21.88 17.72
N HIS A 180 5.28 21.11 17.53
CA HIS A 180 4.60 20.47 18.64
C HIS A 180 5.29 19.19 19.09
N ALA A 181 5.91 18.46 18.15
CA ALA A 181 6.69 17.29 18.53
C ALA A 181 7.92 17.69 19.31
N LEU A 182 8.64 18.72 18.85
CA LEU A 182 9.84 19.21 19.52
C LEU A 182 9.43 20.00 20.75
N GLY A 183 9.35 19.32 21.88
CA GLY A 183 8.86 19.92 23.12
C GLY A 183 8.09 18.90 23.93
N GLU A 184 7.61 17.85 23.26
CA GLU A 184 7.08 16.68 23.95
C GLU A 184 8.12 15.59 24.10
N LYS A 185 9.01 15.44 23.11
CA LYS A 185 10.10 14.49 23.17
C LYS A 185 11.44 15.17 23.48
N GLN A 186 11.42 16.44 23.85
CA GLN A 186 12.62 17.18 24.25
C GLN A 186 12.22 18.40 25.05
N PRO A 187 11.60 18.24 26.25
CA PRO A 187 11.06 19.37 27.01
C PRO A 187 12.10 20.13 27.83
N GLU A 188 13.21 20.48 27.19
CA GLU A 188 14.24 21.28 27.83
C GLU A 188 14.31 22.71 27.31
N LEU A 189 13.69 23.00 26.17
CA LEU A 189 13.72 24.32 25.57
C LEU A 189 12.49 25.15 25.93
N GLN A 190 11.56 24.58 26.70
CA GLN A 190 10.41 25.30 27.25
C GLN A 190 9.54 25.90 26.14
N ILE A 191 8.97 25.01 25.33
CA ILE A 191 8.05 25.40 24.27
C ILE A 191 6.64 25.41 24.84
N SER A 192 5.94 26.52 24.66
CA SER A 192 4.62 26.75 25.25
C SER A 192 3.58 26.95 24.16
N GLU A 193 2.33 27.08 24.59
CA GLU A 193 1.24 27.37 23.68
C GLU A 193 1.39 28.74 23.01
N ARG A 194 2.17 29.63 23.62
CA ARG A 194 2.47 30.91 22.99
C ARG A 194 3.31 30.74 21.74
N ASP A 195 4.15 29.71 21.69
CA ASP A 195 5.07 29.53 20.57
C ASP A 195 4.47 28.73 19.42
N VAL A 196 3.76 27.64 19.72
CA VAL A 196 3.23 26.78 18.65
C VAL A 196 2.30 27.56 17.74
N LEU A 197 1.35 28.29 18.32
CA LEU A 197 0.43 29.09 17.52
C LEU A 197 1.17 30.17 16.75
N CYS A 198 2.13 30.84 17.39
CA CYS A 198 2.91 31.87 16.70
C CYS A 198 3.59 31.30 15.47
N VAL A 199 4.21 30.14 15.61
CA VAL A 199 4.82 29.47 14.46
C VAL A 199 3.76 29.20 13.39
N GLN A 200 2.77 28.37 13.72
CA GLN A 200 1.66 28.09 12.82
C GLN A 200 1.19 29.31 12.04
N ILE A 201 1.06 30.46 12.73
CA ILE A 201 0.69 31.70 12.05
C ILE A 201 1.76 32.09 11.04
N ALA A 202 3.03 31.99 11.42
CA ALA A 202 4.10 32.35 10.49
C ALA A 202 4.06 31.48 9.24
N GLY A 203 3.86 30.18 9.44
CA GLY A 203 3.75 29.28 8.31
C GLY A 203 2.54 29.58 7.44
N LEU A 204 1.39 29.85 8.07
CA LEU A 204 0.15 30.07 7.34
C LEU A 204 0.19 31.34 6.51
N CYS A 205 1.06 32.28 6.86
CA CYS A 205 1.23 33.52 6.12
C CYS A 205 2.57 33.58 5.39
N HIS A 206 3.20 32.42 5.18
CA HIS A 206 4.49 32.40 4.49
C HIS A 206 4.35 32.66 2.99
N ASP A 207 3.13 32.63 2.46
CA ASP A 207 2.87 32.93 1.06
C ASP A 207 1.67 33.86 0.90
N LEU A 208 1.34 34.61 1.96
CA LEU A 208 0.14 35.43 1.96
C LEU A 208 0.18 36.49 0.86
N GLY A 209 1.36 36.95 0.48
CA GLY A 209 1.51 38.04 -0.45
C GLY A 209 1.69 37.66 -1.91
N HIS A 210 1.49 36.39 -2.26
CA HIS A 210 1.60 36.00 -3.66
C HIS A 210 0.54 36.71 -4.49
N GLY A 211 0.94 37.17 -5.67
CA GLY A 211 0.04 37.85 -6.57
C GLY A 211 -0.65 36.90 -7.52
N PRO A 212 -1.09 37.41 -8.66
CA PRO A 212 -1.72 36.53 -9.66
C PRO A 212 -0.70 35.56 -10.25
N PHE A 213 -1.14 34.31 -10.41
CA PHE A 213 -0.32 33.24 -11.00
C PHE A 213 0.98 33.04 -10.24
N SER A 214 0.91 33.19 -8.91
CA SER A 214 1.98 32.82 -7.99
C SER A 214 3.36 33.34 -8.37
N HIS A 215 4.30 32.42 -8.56
CA HIS A 215 5.70 32.79 -8.74
C HIS A 215 5.94 33.60 -10.00
N MET A 216 4.98 33.63 -10.93
CA MET A 216 5.15 34.47 -12.11
C MET A 216 5.12 35.95 -11.73
N PHE A 217 4.25 36.32 -10.78
CA PHE A 217 4.00 37.73 -10.51
C PHE A 217 5.28 38.46 -10.12
N ASP A 218 6.03 37.90 -9.19
CA ASP A 218 7.30 38.47 -8.78
C ASP A 218 8.48 37.84 -9.52
N GLY A 219 8.23 36.83 -10.34
CA GLY A 219 9.32 36.17 -11.03
C GLY A 219 9.69 36.79 -12.35
N ARG A 220 8.68 37.21 -13.12
CA ARG A 220 8.90 37.80 -14.42
C ARG A 220 8.11 39.08 -14.67
N PHE A 221 7.00 39.31 -13.95
CA PHE A 221 6.17 40.47 -14.22
C PHE A 221 6.74 41.73 -13.58
N ILE A 222 6.85 41.74 -12.24
CA ILE A 222 7.26 42.96 -11.53
C ILE A 222 8.61 43.49 -12.02
N PRO A 223 9.65 42.67 -12.21
CA PRO A 223 10.89 43.22 -12.76
C PRO A 223 10.73 43.84 -14.14
N LEU A 224 9.79 43.34 -14.95
CA LEU A 224 9.54 43.95 -16.26
C LEU A 224 8.74 45.23 -16.14
N ALA A 225 7.86 45.33 -15.14
CA ALA A 225 6.98 46.48 -15.00
C ALA A 225 7.62 47.61 -14.20
N ARG A 226 8.23 47.29 -13.06
CA ARG A 226 8.86 48.26 -12.18
C ARG A 226 10.27 47.80 -11.86
N PRO A 227 11.20 47.93 -12.81
CA PRO A 227 12.57 47.49 -12.55
C PRO A 227 13.26 48.28 -11.46
N GLU A 228 12.78 49.48 -11.13
CA GLU A 228 13.42 50.31 -10.12
C GLU A 228 13.03 49.92 -8.70
N VAL A 229 11.99 49.12 -8.52
CA VAL A 229 11.52 48.71 -7.21
C VAL A 229 11.85 47.24 -7.01
N LYS A 230 12.41 46.91 -5.85
CA LYS A 230 12.75 45.54 -5.50
C LYS A 230 11.58 44.91 -4.76
N TRP A 231 11.02 43.83 -5.29
CA TRP A 231 9.83 43.21 -4.74
C TRP A 231 10.00 41.70 -4.72
N THR A 232 9.65 41.09 -3.58
CA THR A 232 9.62 39.64 -3.44
C THR A 232 8.36 39.27 -2.67
N HIS A 233 7.82 38.08 -2.97
CA HIS A 233 6.55 37.69 -2.38
C HIS A 233 6.64 37.45 -0.88
N GLU A 234 7.84 37.37 -0.31
CA GLU A 234 7.97 37.36 1.15
C GLU A 234 7.66 38.72 1.74
N GLN A 235 8.14 39.79 1.12
CA GLN A 235 7.77 41.13 1.55
C GLN A 235 6.27 41.35 1.36
N GLY A 236 5.71 40.83 0.27
CA GLY A 236 4.28 40.90 0.09
C GLY A 236 3.53 40.16 1.18
N SER A 237 4.05 39.01 1.60
CA SER A 237 3.43 38.27 2.69
C SER A 237 3.47 39.09 3.97
N VAL A 238 4.59 39.74 4.24
CA VAL A 238 4.73 40.54 5.45
C VAL A 238 3.74 41.71 5.43
N MET A 239 3.67 42.42 4.31
CA MET A 239 2.77 43.56 4.21
C MET A 239 1.31 43.13 4.30
N MET A 240 0.95 42.04 3.63
CA MET A 240 -0.43 41.57 3.70
C MET A 240 -0.78 41.13 5.12
N PHE A 241 0.15 40.48 5.81
CA PHE A 241 -0.12 40.08 7.19
C PHE A 241 -0.27 41.31 8.08
N GLU A 242 0.56 42.33 7.89
CA GLU A 242 0.45 43.54 8.69
C GLU A 242 -0.91 44.21 8.45
N HIS A 243 -1.33 44.27 7.17
CA HIS A 243 -2.65 44.82 6.85
C HIS A 243 -3.77 44.00 7.48
N LEU A 244 -3.64 42.67 7.43
CA LEU A 244 -4.64 41.81 8.06
C LEU A 244 -4.74 42.07 9.55
N ILE A 245 -3.58 42.19 10.21
CA ILE A 245 -3.56 42.45 11.64
C ILE A 245 -4.24 43.78 11.95
N ASN A 246 -3.89 44.81 11.18
CA ASN A 246 -4.38 46.15 11.51
C ASN A 246 -5.84 46.34 11.14
N SER A 247 -6.35 45.62 10.15
CA SER A 247 -7.72 45.81 9.68
C SER A 247 -8.72 44.85 10.29
N ASN A 248 -8.36 43.58 10.47
CA ASN A 248 -9.33 42.56 10.84
C ASN A 248 -9.52 42.45 12.36
N GLY A 249 -8.83 43.26 13.15
CA GLY A 249 -8.94 43.16 14.59
C GLY A 249 -8.37 41.87 15.15
N ILE A 250 -7.18 41.47 14.67
CA ILE A 250 -6.57 40.23 15.14
C ILE A 250 -5.80 40.41 16.44
N LYS A 251 -5.38 41.63 16.75
CA LYS A 251 -4.66 41.88 18.00
C LYS A 251 -5.48 41.54 19.25
N PRO A 252 -6.76 41.91 19.36
CA PRO A 252 -7.51 41.53 20.56
C PRO A 252 -7.56 40.03 20.81
N VAL A 253 -7.68 39.22 19.74
CA VAL A 253 -7.72 37.77 19.95
C VAL A 253 -6.32 37.17 20.06
N MET A 254 -5.29 37.86 19.57
CA MET A 254 -3.93 37.46 19.89
C MET A 254 -3.67 37.62 21.39
N GLU A 255 -4.09 38.76 21.95
CA GLU A 255 -3.93 38.98 23.38
C GLU A 255 -4.84 38.09 24.20
N GLN A 256 -6.01 37.74 23.67
CA GLN A 256 -6.93 36.85 24.38
C GLN A 256 -6.32 35.46 24.57
N TYR A 257 -5.65 34.95 23.54
CA TYR A 257 -5.08 33.61 23.58
C TYR A 257 -3.59 33.59 23.90
N GLY A 258 -3.15 34.51 24.75
CA GLY A 258 -1.80 34.48 25.27
C GLY A 258 -0.71 34.81 24.28
N LEU A 259 -0.76 36.02 23.72
CA LEU A 259 0.30 36.50 22.84
C LEU A 259 0.61 37.95 23.18
N ILE A 260 1.84 38.36 22.88
CA ILE A 260 2.27 39.75 23.03
C ILE A 260 2.53 40.31 21.65
N PRO A 261 1.58 41.06 21.07
CA PRO A 261 1.73 41.46 19.66
C PRO A 261 2.99 42.25 19.36
N GLU A 262 3.42 43.12 20.28
CA GLU A 262 4.57 43.98 20.05
C GLU A 262 5.80 43.17 19.66
N GLU A 263 5.98 41.99 20.26
CA GLU A 263 7.10 41.12 19.91
C GLU A 263 6.69 39.94 19.04
N ASP A 264 5.48 39.42 19.20
CA ASP A 264 5.06 38.26 18.41
C ASP A 264 4.92 38.60 16.93
N ILE A 265 4.40 39.79 16.63
CA ILE A 265 4.28 40.19 15.23
C ILE A 265 5.65 40.33 14.59
N CYS A 266 6.60 40.92 15.33
CA CYS A 266 7.97 41.01 14.84
C CYS A 266 8.59 39.64 14.64
N PHE A 267 8.33 38.71 15.57
CA PHE A 267 8.84 37.35 15.43
C PHE A 267 8.29 36.68 14.18
N ILE A 268 6.99 36.81 13.93
CA ILE A 268 6.39 36.18 12.76
C ILE A 268 6.94 36.80 11.48
N LYS A 269 7.05 38.13 11.46
CA LYS A 269 7.58 38.82 10.28
C LYS A 269 9.01 38.40 10.01
N GLU A 270 9.83 38.27 11.06
CA GLU A 270 11.20 37.79 10.87
C GLU A 270 11.22 36.34 10.42
N GLN A 271 10.28 35.53 10.90
CA GLN A 271 10.18 34.15 10.41
C GLN A 271 9.90 34.11 8.92
N ILE A 272 9.11 35.06 8.42
CA ILE A 272 8.75 35.04 7.00
C ILE A 272 9.95 35.47 6.15
N VAL A 273 10.63 36.55 6.52
CA VAL A 273 11.68 37.12 5.69
C VAL A 273 13.06 36.91 6.29
N GLY A 274 13.21 37.08 7.59
CA GLY A 274 14.52 36.97 8.22
C GLY A 274 14.92 38.25 8.94
N PRO A 275 16.17 38.69 8.71
CA PRO A 275 16.64 39.91 9.37
C PRO A 275 15.99 41.17 8.82
N LEU A 276 15.12 41.81 9.61
CA LEU A 276 14.49 43.04 9.17
C LEU A 276 15.53 44.15 8.99
N GLU A 277 16.47 44.27 9.92
CA GLU A 277 17.54 45.24 9.81
C GLU A 277 18.76 44.60 9.15
N SER A 278 19.82 45.38 9.00
CA SER A 278 21.09 44.93 8.43
C SER A 278 22.22 45.33 9.36
N PRO A 279 22.38 44.63 10.48
CA PRO A 279 23.47 44.96 11.41
C PRO A 279 24.80 44.46 10.91
N VAL A 280 25.83 45.29 11.09
CA VAL A 280 27.18 44.95 10.65
C VAL A 280 27.86 44.27 11.84
N GLU A 281 27.60 42.97 11.99
CA GLU A 281 28.24 42.15 13.00
C GLU A 281 28.03 40.69 12.66
N ASP A 282 29.12 39.96 12.46
CA ASP A 282 29.00 38.52 12.20
C ASP A 282 28.55 37.77 13.44
N SER A 283 29.17 38.08 14.58
CA SER A 283 28.82 37.40 15.84
C SER A 283 27.73 38.19 16.56
N LEU A 284 26.52 38.08 16.04
CA LEU A 284 25.38 38.77 16.61
C LEU A 284 24.11 37.96 16.34
N TRP A 285 23.08 38.25 17.15
CA TRP A 285 21.75 37.64 16.99
C TRP A 285 20.82 38.71 16.45
N PRO A 286 20.65 38.80 15.12
CA PRO A 286 19.95 39.95 14.53
C PRO A 286 18.44 39.91 14.61
N TYR A 287 17.85 39.01 15.40
CA TYR A 287 16.40 38.88 15.50
C TYR A 287 15.91 39.48 16.81
N LYS A 288 14.91 40.35 16.72
CA LYS A 288 14.24 40.90 17.89
C LYS A 288 13.01 40.12 18.30
N GLY A 289 12.69 39.05 17.58
CA GLY A 289 11.52 38.25 17.90
C GLY A 289 11.77 37.32 19.06
N ARG A 290 12.76 36.44 18.94
CA ARG A 290 13.12 35.51 19.99
C ARG A 290 14.62 35.53 20.20
N PRO A 291 15.09 35.30 21.42
CA PRO A 291 16.54 35.20 21.66
C PRO A 291 17.12 33.94 21.06
N GLU A 292 18.43 33.75 21.17
CA GLU A 292 19.06 32.58 20.60
C GLU A 292 18.63 31.29 21.28
N ASN A 293 18.04 31.37 22.48
CA ASN A 293 17.52 30.20 23.16
C ASN A 293 16.35 29.58 22.41
N LYS A 294 15.93 30.22 21.31
CA LYS A 294 14.90 29.67 20.43
C LYS A 294 15.35 29.73 18.99
N SER A 295 16.65 29.60 18.74
CA SER A 295 17.17 29.71 17.38
C SER A 295 16.54 28.68 16.46
N PHE A 296 16.31 27.46 16.98
CA PHE A 296 15.72 26.40 16.18
C PHE A 296 14.35 26.80 15.63
N LEU A 297 13.67 27.73 16.30
CA LEU A 297 12.35 28.15 15.83
C LEU A 297 12.41 28.85 14.48
N TYR A 298 13.60 29.28 14.03
CA TYR A 298 13.76 29.89 12.72
C TYR A 298 14.19 28.88 11.66
N GLU A 299 13.95 27.59 11.88
CA GLU A 299 14.32 26.53 10.95
C GLU A 299 13.14 25.61 10.69
N ILE A 300 11.93 26.16 10.62
CA ILE A 300 10.71 25.39 10.45
C ILE A 300 10.01 25.73 9.15
N VAL A 301 9.76 27.02 8.91
CA VAL A 301 8.97 27.45 7.77
C VAL A 301 9.85 27.98 6.64
N SER A 302 10.89 28.75 6.97
CA SER A 302 11.74 29.38 5.96
C SER A 302 13.20 29.08 6.30
N ASN A 303 13.80 28.14 5.58
CA ASN A 303 15.18 27.73 5.77
C ASN A 303 15.96 27.96 4.49
N LYS A 304 17.17 28.52 4.63
CA LYS A 304 18.01 28.82 3.49
C LYS A 304 19.29 27.99 3.42
N ARG A 305 19.58 27.19 4.45
CA ARG A 305 20.84 26.43 4.48
C ARG A 305 20.62 24.92 4.40
N ASN A 306 19.82 24.36 5.30
CA ASN A 306 19.67 22.90 5.33
C ASN A 306 18.62 22.41 4.34
N GLY A 307 17.64 23.23 4.01
CA GLY A 307 16.63 22.84 3.05
C GLY A 307 15.53 21.96 3.59
N ILE A 308 15.46 21.77 4.91
CA ILE A 308 14.40 20.96 5.50
C ILE A 308 13.40 21.86 6.21
N ASP A 309 12.36 22.27 5.49
CA ASP A 309 11.30 23.09 6.04
C ASP A 309 9.96 22.53 5.60
N VAL A 310 8.93 22.82 6.39
CA VAL A 310 7.62 22.23 6.15
C VAL A 310 7.01 22.74 4.86
N ASP A 311 7.39 23.95 4.42
CA ASP A 311 6.87 24.48 3.17
C ASP A 311 7.21 23.59 1.99
N LYS A 312 8.49 23.24 1.86
CA LYS A 312 8.91 22.38 0.75
C LYS A 312 8.24 21.02 0.84
N TRP A 313 8.17 20.44 2.04
CA TRP A 313 7.50 19.15 2.21
C TRP A 313 6.07 19.22 1.70
N ASP A 314 5.31 20.21 2.15
CA ASP A 314 3.90 20.27 1.81
C ASP A 314 3.69 20.50 0.32
N TYR A 315 4.46 21.41 -0.29
CA TYR A 315 4.18 21.66 -1.69
C TYR A 315 4.73 20.56 -2.58
N PHE A 316 5.77 19.84 -2.15
CA PHE A 316 6.18 18.64 -2.87
C PHE A 316 5.08 17.59 -2.82
N ALA A 317 4.52 17.35 -1.64
CA ALA A 317 3.45 16.37 -1.51
C ALA A 317 2.24 16.75 -2.37
N ARG A 318 1.87 18.02 -2.36
CA ARG A 318 0.71 18.45 -3.13
C ARG A 318 0.96 18.33 -4.64
N ASP A 319 2.15 18.74 -5.09
CA ASP A 319 2.47 18.60 -6.52
C ASP A 319 2.51 17.14 -6.93
N CYS A 320 3.01 16.27 -6.07
CA CYS A 320 3.01 14.84 -6.39
C CYS A 320 1.59 14.30 -6.47
N HIS A 321 0.71 14.73 -5.55
CA HIS A 321 -0.67 14.27 -5.60
C HIS A 321 -1.38 14.75 -6.86
N HIS A 322 -1.09 15.97 -7.30
CA HIS A 322 -1.80 16.56 -8.43
C HIS A 322 -1.06 16.41 -9.75
N LEU A 323 0.08 15.73 -9.79
CA LEU A 323 0.79 15.47 -11.02
C LEU A 323 0.97 13.99 -11.31
N GLY A 324 0.47 13.12 -10.46
CA GLY A 324 0.62 11.68 -10.68
C GLY A 324 2.07 11.22 -10.64
N ILE A 325 2.85 11.73 -9.69
CA ILE A 325 4.24 11.35 -9.55
C ILE A 325 4.41 10.54 -8.27
N GLN A 326 5.44 9.69 -8.25
CA GLN A 326 5.69 8.81 -7.12
C GLN A 326 6.33 9.61 -5.98
N ASN A 327 5.64 9.66 -4.85
CA ASN A 327 6.11 10.37 -3.66
C ASN A 327 6.68 9.34 -2.68
N ASN A 328 8.00 9.27 -2.61
CA ASN A 328 8.66 8.32 -1.72
C ASN A 328 8.89 8.89 -0.32
N PHE A 329 9.12 10.20 -0.22
CA PHE A 329 9.33 10.81 1.08
C PHE A 329 8.06 10.77 1.92
N ASP A 330 8.21 10.47 3.21
CA ASP A 330 7.10 10.39 4.14
C ASP A 330 7.46 11.23 5.37
N TYR A 331 6.86 12.42 5.47
CA TYR A 331 7.21 13.36 6.52
C TYR A 331 6.83 12.88 7.91
N LYS A 332 5.93 11.91 8.02
CA LYS A 332 5.50 11.43 9.33
C LYS A 332 6.68 10.84 10.10
N ARG A 333 7.48 10.01 9.43
CA ARG A 333 8.66 9.42 10.07
C ARG A 333 9.68 10.48 10.44
N PHE A 334 9.91 11.46 9.56
CA PHE A 334 10.87 12.51 9.88
C PHE A 334 10.43 13.33 11.09
N ILE A 335 9.14 13.66 11.17
CA ILE A 335 8.61 14.37 12.33
C ILE A 335 8.76 13.53 13.59
N LYS A 336 8.37 12.26 13.53
CA LYS A 336 8.38 11.40 14.71
C LYS A 336 9.79 11.09 15.21
N PHE A 337 10.81 11.33 14.39
CA PHE A 337 12.17 10.98 14.77
C PHE A 337 13.12 12.17 14.66
N ALA A 338 12.71 13.31 15.21
CA ALA A 338 13.50 14.54 15.14
C ALA A 338 13.75 15.09 16.54
N ARG A 339 14.95 15.66 16.73
CA ARG A 339 15.34 16.26 17.99
C ARG A 339 16.20 17.48 17.73
N VAL A 340 16.27 18.36 18.71
CA VAL A 340 17.12 19.55 18.62
C VAL A 340 18.50 19.19 19.14
N CYS A 341 19.52 19.45 18.32
CA CYS A 341 20.90 19.11 18.65
C CYS A 341 21.79 20.32 18.40
N GLU A 342 22.82 20.48 19.23
CA GLU A 342 23.78 21.56 19.07
C GLU A 342 24.86 21.10 18.10
N VAL A 343 25.07 21.87 17.03
CA VAL A 343 26.02 21.53 15.98
C VAL A 343 27.28 22.40 16.08
N ASP A 344 27.14 23.71 15.88
CA ASP A 344 28.25 24.65 15.98
C ASP A 344 27.79 25.82 16.85
N ASN A 345 27.90 25.66 18.16
CA ASN A 345 27.54 26.68 19.15
C ASN A 345 26.11 27.18 18.98
N GLU A 346 25.25 26.41 18.30
CA GLU A 346 23.89 26.82 18.05
C GLU A 346 23.00 25.59 17.97
N LEU A 347 21.70 25.81 18.10
CA LEU A 347 20.72 24.73 18.09
C LEU A 347 20.17 24.55 16.67
N ARG A 348 20.16 23.31 16.20
CA ARG A 348 19.62 22.98 14.88
C ARG A 348 18.77 21.73 14.99
N ILE A 349 17.74 21.65 14.15
CA ILE A 349 16.87 20.48 14.12
C ILE A 349 17.55 19.37 13.34
N CYS A 350 17.61 18.17 13.94
CA CYS A 350 18.29 17.02 13.35
C CYS A 350 17.37 15.82 13.40
N ALA A 351 17.51 14.94 12.42
CA ALA A 351 16.70 13.73 12.33
C ALA A 351 17.48 12.54 12.87
N ARG A 352 16.92 11.34 12.71
CA ARG A 352 17.59 10.13 13.13
C ARG A 352 18.50 9.60 12.02
N ASP A 353 19.45 8.77 12.42
CA ASP A 353 20.42 8.24 11.46
C ASP A 353 19.74 7.38 10.40
N LYS A 354 18.78 6.55 10.80
CA LYS A 354 18.13 5.65 9.86
C LYS A 354 17.03 6.38 9.10
N GLU A 355 17.38 7.53 8.51
CA GLU A 355 16.47 8.27 7.65
C GLU A 355 17.16 8.88 6.44
N VAL A 356 18.45 8.61 6.23
CA VAL A 356 19.17 9.27 5.14
C VAL A 356 18.62 8.83 3.79
N GLY A 357 18.11 7.60 3.69
CA GLY A 357 17.42 7.19 2.47
C GLY A 357 16.14 7.97 2.26
N ASN A 358 15.41 8.24 3.34
CA ASN A 358 14.20 9.05 3.23
C ASN A 358 14.52 10.45 2.73
N LEU A 359 15.61 11.05 3.22
CA LEU A 359 15.95 12.39 2.78
C LEU A 359 16.53 12.39 1.36
N TYR A 360 17.21 11.32 0.96
CA TYR A 360 17.60 11.18 -0.44
C TYR A 360 16.38 11.10 -1.34
N ASP A 361 15.37 10.34 -0.93
CA ASP A 361 14.12 10.29 -1.68
C ASP A 361 13.46 11.66 -1.75
N MET A 362 13.46 12.40 -0.64
CA MET A 362 12.88 13.74 -0.64
C MET A 362 13.63 14.65 -1.61
N PHE A 363 14.95 14.61 -1.59
CA PHE A 363 15.73 15.47 -2.49
C PHE A 363 15.51 15.09 -3.95
N HIS A 364 15.42 13.79 -4.24
CA HIS A 364 15.19 13.39 -5.63
C HIS A 364 13.78 13.75 -6.08
N THR A 365 12.79 13.68 -5.16
CA THR A 365 11.47 14.19 -5.47
C THR A 365 11.51 15.69 -5.77
N ARG A 366 12.28 16.44 -4.99
CA ARG A 366 12.44 17.86 -5.24
C ARG A 366 13.01 18.12 -6.63
N ASN A 367 14.09 17.41 -6.98
CA ASN A 367 14.72 17.61 -8.27
C ASN A 367 13.79 17.23 -9.41
N SER A 368 13.06 16.11 -9.27
CA SER A 368 12.14 15.69 -10.32
C SER A 368 11.00 16.67 -10.49
N LEU A 369 10.45 17.18 -9.38
CA LEU A 369 9.40 18.19 -9.45
C LEU A 369 9.89 19.48 -10.10
N HIS A 370 11.10 19.91 -9.76
CA HIS A 370 11.62 21.15 -10.32
C HIS A 370 12.15 21.01 -11.74
N ARG A 371 12.39 19.80 -12.24
CA ARG A 371 12.72 19.63 -13.64
C ARG A 371 11.54 19.23 -14.52
N ARG A 372 10.47 18.68 -13.95
CA ARG A 372 9.24 18.47 -14.71
C ARG A 372 8.40 19.73 -14.83
N ALA A 373 8.08 20.38 -13.72
CA ALA A 373 7.06 21.43 -13.69
C ALA A 373 7.67 22.83 -13.73
N TYR A 374 8.53 23.15 -12.77
CA TYR A 374 9.03 24.52 -12.65
C TYR A 374 10.00 24.90 -13.75
N GLN A 375 10.46 23.93 -14.55
CA GLN A 375 11.25 24.20 -15.74
C GLN A 375 10.57 23.68 -16.99
N HIS A 376 9.26 23.47 -16.94
CA HIS A 376 8.52 22.96 -18.09
C HIS A 376 8.58 23.96 -19.24
N LYS A 377 8.70 23.44 -20.46
CA LYS A 377 8.86 24.31 -21.62
C LYS A 377 7.58 25.09 -21.90
N VAL A 378 6.49 24.38 -22.19
CA VAL A 378 5.24 25.06 -22.52
C VAL A 378 4.67 25.78 -21.31
N GLY A 379 4.94 25.29 -20.10
CA GLY A 379 4.53 26.02 -18.91
C GLY A 379 5.16 27.39 -18.84
N ASN A 380 6.48 27.46 -19.08
CA ASN A 380 7.15 28.75 -19.08
C ASN A 380 6.72 29.62 -20.27
N ILE A 381 6.41 28.99 -21.41
CA ILE A 381 5.93 29.76 -22.55
C ILE A 381 4.60 30.43 -22.22
N ILE A 382 3.70 29.68 -21.59
CA ILE A 382 2.40 30.24 -21.20
C ILE A 382 2.58 31.29 -20.10
N ASP A 383 3.55 31.09 -19.20
CA ASP A 383 3.87 32.12 -18.22
C ASP A 383 4.29 33.42 -18.91
N THR A 384 5.15 33.30 -19.92
CA THR A 384 5.59 34.49 -20.66
C THR A 384 4.41 35.15 -21.37
N MET A 385 3.52 34.34 -21.95
CA MET A 385 2.37 34.92 -22.65
C MET A 385 1.44 35.65 -21.69
N ILE A 386 1.17 35.07 -20.52
CA ILE A 386 0.34 35.74 -19.52
C ILE A 386 1.01 37.02 -19.03
N THR A 387 2.33 36.97 -18.83
CA THR A 387 3.05 38.17 -18.41
C THR A 387 2.96 39.27 -19.46
N ASP A 388 3.11 38.91 -20.73
CA ASP A 388 3.00 39.89 -21.80
C ASP A 388 1.59 40.48 -21.87
N ALA A 389 0.57 39.63 -21.70
CA ALA A 389 -0.80 40.12 -21.70
C ALA A 389 -1.05 41.07 -20.55
N PHE A 390 -0.50 40.79 -19.37
CA PHE A 390 -0.62 41.72 -18.26
C PHE A 390 0.10 43.02 -18.56
N LEU A 391 1.30 42.94 -19.13
CA LEU A 391 2.06 44.14 -19.45
C LEU A 391 1.29 45.04 -20.40
N LYS A 392 0.76 44.48 -21.49
CA LYS A 392 0.05 45.28 -22.47
C LYS A 392 -1.23 45.88 -21.88
N ALA A 393 -1.79 45.23 -20.85
CA ALA A 393 -3.00 45.71 -20.19
C ALA A 393 -2.70 46.41 -18.87
N ASP A 394 -1.43 46.65 -18.56
CA ASP A 394 -1.09 47.25 -17.28
C ASP A 394 -1.65 48.66 -17.15
N ASP A 395 -1.54 49.46 -18.21
CA ASP A 395 -1.93 50.87 -18.15
C ASP A 395 -3.44 51.06 -18.15
N TYR A 396 -4.20 50.10 -18.69
CA TYR A 396 -5.63 50.28 -18.90
C TYR A 396 -6.49 49.55 -17.89
N ILE A 397 -5.91 49.04 -16.80
CA ILE A 397 -6.65 48.35 -15.76
C ILE A 397 -6.39 49.07 -14.44
N GLU A 398 -7.46 49.49 -13.78
CA GLU A 398 -7.36 50.23 -12.52
C GLU A 398 -8.08 49.45 -11.42
N ILE A 399 -7.43 49.29 -10.28
CA ILE A 399 -8.02 48.69 -9.10
C ILE A 399 -8.16 49.77 -8.04
N THR A 400 -9.30 49.78 -7.35
CA THR A 400 -9.61 50.82 -6.38
C THR A 400 -9.54 50.25 -4.97
N GLY A 401 -8.75 50.89 -4.12
CA GLY A 401 -8.66 50.48 -2.73
C GLY A 401 -9.35 51.46 -1.81
N ALA A 402 -8.72 51.80 -0.70
CA ALA A 402 -9.28 52.80 0.20
C ALA A 402 -8.98 54.20 -0.33
N GLY A 403 -9.96 55.08 -0.23
CA GLY A 403 -9.85 56.42 -0.75
C GLY A 403 -10.03 56.56 -2.25
N GLY A 404 -10.40 55.47 -2.94
CA GLY A 404 -10.70 55.55 -4.36
C GLY A 404 -9.50 55.66 -5.27
N LYS A 405 -8.28 55.57 -4.73
CA LYS A 405 -7.09 55.75 -5.56
C LYS A 405 -6.95 54.62 -6.56
N LYS A 406 -6.59 54.98 -7.79
CA LYS A 406 -6.50 54.02 -8.90
C LYS A 406 -5.06 53.54 -9.01
N TYR A 407 -4.80 52.32 -8.55
CA TYR A 407 -3.50 51.69 -8.68
C TYR A 407 -3.55 50.68 -9.81
N ARG A 408 -2.55 50.73 -10.70
CA ARG A 408 -2.48 49.78 -11.80
C ARG A 408 -2.07 48.41 -11.27
N ILE A 409 -1.91 47.45 -12.19
CA ILE A 409 -1.54 46.10 -11.81
C ILE A 409 -0.17 46.09 -11.15
N SER A 410 0.79 46.78 -11.76
CA SER A 410 2.14 46.79 -11.22
C SER A 410 2.23 47.55 -9.91
N THR A 411 1.53 48.68 -9.80
CA THR A 411 1.62 49.52 -8.61
C THR A 411 0.72 49.06 -7.48
N ALA A 412 -0.09 48.02 -7.69
CA ALA A 412 -0.97 47.56 -6.62
C ALA A 412 -0.20 46.90 -5.50
N ILE A 413 1.08 46.60 -5.70
CA ILE A 413 1.90 46.08 -4.62
C ILE A 413 2.17 47.15 -3.58
N ASP A 414 1.99 48.43 -3.93
CA ASP A 414 2.26 49.50 -2.98
C ASP A 414 1.11 49.73 -2.01
N ASP A 415 -0.07 49.18 -2.27
CA ASP A 415 -1.20 49.29 -1.36
C ASP A 415 -1.81 47.91 -1.16
N MET A 416 -1.96 47.50 0.09
CA MET A 416 -2.50 46.18 0.39
C MET A 416 -4.00 46.10 0.18
N GLU A 417 -4.72 47.20 0.40
CA GLU A 417 -6.15 47.20 0.13
C GLU A 417 -6.43 46.93 -1.34
N ALA A 418 -5.62 47.49 -2.23
CA ALA A 418 -5.73 47.18 -3.65
C ALA A 418 -5.16 45.81 -3.97
N TYR A 419 -4.02 45.45 -3.36
CA TYR A 419 -3.36 44.19 -3.66
C TYR A 419 -4.20 42.99 -3.25
N THR A 420 -5.15 43.18 -2.33
CA THR A 420 -6.05 42.09 -1.96
C THR A 420 -6.88 41.65 -3.17
N LYS A 421 -7.39 42.62 -3.93
CA LYS A 421 -8.28 42.34 -5.05
C LYS A 421 -7.53 42.11 -6.35
N LEU A 422 -6.27 41.72 -6.28
CA LEU A 422 -5.46 41.44 -7.46
C LEU A 422 -5.13 39.95 -7.45
N THR A 423 -6.02 39.17 -8.05
CA THR A 423 -5.92 37.71 -8.09
C THR A 423 -5.79 37.25 -9.54
N ASP A 424 -5.90 35.94 -9.75
CA ASP A 424 -5.90 35.39 -11.10
C ASP A 424 -7.08 35.88 -11.93
N ASN A 425 -8.13 36.40 -11.28
CA ASN A 425 -9.28 36.91 -12.00
C ASN A 425 -8.90 37.95 -13.03
N ILE A 426 -7.81 38.69 -12.80
CA ILE A 426 -7.39 39.71 -13.74
C ILE A 426 -7.18 39.10 -15.12
N PHE A 427 -6.58 37.91 -15.16
CA PHE A 427 -6.48 37.15 -16.40
C PHE A 427 -7.82 37.14 -17.13
N LEU A 428 -8.83 36.57 -16.48
CA LEU A 428 -10.15 36.51 -17.08
C LEU A 428 -10.73 37.91 -17.29
N GLU A 429 -10.39 38.85 -16.40
CA GLU A 429 -10.89 40.20 -16.56
C GLU A 429 -10.30 40.88 -17.79
N ILE A 430 -9.23 40.34 -18.35
CA ILE A 430 -8.77 40.77 -19.66
C ILE A 430 -9.47 39.99 -20.77
N LEU A 431 -9.72 38.70 -20.53
CA LEU A 431 -10.21 37.84 -21.60
C LEU A 431 -11.66 38.13 -21.93
N TYR A 432 -12.48 38.43 -20.93
CA TYR A 432 -13.90 38.72 -21.12
C TYR A 432 -14.17 40.21 -21.25
N SER A 433 -13.20 40.97 -21.76
CA SER A 433 -13.30 42.42 -21.82
C SER A 433 -13.56 42.86 -23.26
N THR A 434 -14.55 43.72 -23.43
CA THR A 434 -14.86 44.30 -24.74
C THR A 434 -14.22 45.66 -24.94
N ASP A 435 -13.43 46.13 -23.99
CA ASP A 435 -12.83 47.45 -24.11
C ASP A 435 -11.79 47.45 -25.22
N PRO A 436 -11.87 48.38 -26.18
CA PRO A 436 -10.87 48.41 -27.25
C PRO A 436 -9.45 48.62 -26.77
N LYS A 437 -9.25 49.40 -25.71
CA LYS A 437 -7.90 49.66 -25.23
C LYS A 437 -7.22 48.40 -24.69
N LEU A 438 -8.01 47.44 -24.21
CA LEU A 438 -7.46 46.16 -23.78
C LEU A 438 -7.24 45.19 -24.93
N LYS A 439 -7.62 45.59 -26.15
CA LYS A 439 -7.66 44.71 -27.32
C LYS A 439 -6.43 43.83 -27.43
N ASP A 440 -5.25 44.45 -27.56
CA ASP A 440 -4.02 43.70 -27.73
C ASP A 440 -3.87 42.63 -26.67
N ALA A 441 -4.02 43.01 -25.40
CA ALA A 441 -3.91 42.05 -24.31
C ALA A 441 -4.88 40.89 -24.52
N ARG A 442 -6.16 41.22 -24.74
CA ARG A 442 -7.15 40.17 -24.95
C ARG A 442 -6.74 39.27 -26.10
N GLU A 443 -6.21 39.87 -27.18
CA GLU A 443 -5.79 39.08 -28.33
C GLU A 443 -4.81 38.00 -27.91
N ILE A 444 -3.81 38.37 -27.11
CA ILE A 444 -2.79 37.39 -26.74
C ILE A 444 -3.44 36.27 -25.94
N LEU A 445 -4.35 36.62 -25.03
CA LEU A 445 -5.03 35.59 -24.25
C LEU A 445 -5.80 34.66 -25.17
N LYS A 446 -6.45 35.21 -26.20
CA LYS A 446 -7.15 34.36 -27.16
C LYS A 446 -6.17 33.43 -27.87
N GLN A 447 -4.98 33.93 -28.21
CA GLN A 447 -3.98 33.05 -28.82
C GLN A 447 -3.57 31.92 -27.89
N ILE A 448 -3.77 32.08 -26.58
CA ILE A 448 -3.53 30.98 -25.65
C ILE A 448 -4.62 29.93 -25.79
N GLU A 449 -5.87 30.34 -25.98
CA GLU A 449 -6.97 29.39 -26.05
C GLU A 449 -6.93 28.58 -27.34
N TYR A 450 -6.66 29.22 -28.46
CA TYR A 450 -6.52 28.47 -29.72
C TYR A 450 -5.21 27.71 -29.80
N ARG A 451 -4.45 27.70 -28.70
CA ARG A 451 -3.16 27.04 -28.62
C ARG A 451 -2.21 27.58 -29.69
N ASN A 452 -2.26 28.89 -29.93
CA ASN A 452 -1.31 29.55 -30.82
C ASN A 452 -0.07 30.02 -30.04
N LEU A 453 0.56 29.08 -29.34
CA LEU A 453 1.64 29.43 -28.43
C LEU A 453 2.84 29.96 -29.20
N PHE A 454 3.72 30.64 -28.47
CA PHE A 454 5.02 31.04 -29.01
C PHE A 454 5.90 29.80 -29.09
N LYS A 455 6.18 29.35 -30.32
CA LYS A 455 7.07 28.21 -30.49
C LYS A 455 8.47 28.56 -30.00
N TYR A 456 9.14 27.58 -29.41
CA TYR A 456 10.45 27.80 -28.81
C TYR A 456 11.46 26.81 -29.34
N VAL A 457 12.66 27.29 -29.63
CA VAL A 457 13.77 26.43 -30.04
C VAL A 457 15.07 27.01 -29.50
N GLY A 458 15.69 26.30 -28.57
CA GLY A 458 16.95 26.76 -28.00
C GLY A 458 16.90 26.94 -26.50
N GLU A 459 17.95 26.47 -25.81
CA GLU A 459 18.07 26.65 -24.36
C GLU A 459 19.55 26.59 -24.01
N THR A 460 20.15 27.76 -23.78
CA THR A 460 21.57 27.86 -23.47
C THR A 460 21.76 28.64 -22.19
N GLN A 461 22.87 28.38 -21.50
CA GLN A 461 23.23 29.08 -20.28
C GLN A 461 24.67 29.57 -20.43
N PRO A 462 24.93 30.87 -20.31
CA PRO A 462 26.30 31.36 -20.43
C PRO A 462 27.07 31.22 -19.13
N THR A 463 28.39 31.14 -19.26
CA THR A 463 29.28 31.00 -18.12
C THR A 463 29.83 32.33 -17.62
N GLY A 464 29.40 33.45 -18.20
CA GLY A 464 29.86 34.75 -17.77
C GLY A 464 29.00 35.35 -16.68
N GLN A 465 29.06 34.76 -15.48
CA GLN A 465 28.29 35.20 -14.31
C GLN A 465 26.81 35.10 -14.66
N ILE A 466 25.99 36.11 -14.40
CA ILE A 466 24.56 36.08 -14.67
C ILE A 466 24.18 37.40 -15.33
N LYS A 467 22.87 37.56 -15.56
CA LYS A 467 22.37 38.76 -16.21
C LYS A 467 22.64 39.99 -15.34
N ILE A 468 22.88 41.13 -16.01
CA ILE A 468 23.22 42.36 -15.31
C ILE A 468 21.97 43.01 -14.71
N LYS A 469 21.02 43.38 -15.58
CA LYS A 469 19.80 44.02 -15.12
C LYS A 469 18.83 42.96 -14.59
N ARG A 470 17.66 43.41 -14.13
CA ARG A 470 16.67 42.47 -13.61
C ARG A 470 15.87 41.83 -14.74
N GLU A 471 15.09 42.63 -15.46
CA GLU A 471 14.35 42.12 -16.62
C GLU A 471 14.32 43.05 -17.82
N ASP A 472 14.69 44.32 -17.69
CA ASP A 472 14.52 45.26 -18.80
C ASP A 472 15.55 45.02 -19.89
N TYR A 473 16.84 45.15 -19.54
CA TYR A 473 17.90 44.96 -20.52
C TYR A 473 18.01 43.53 -21.03
N GLU A 474 17.37 42.57 -20.35
CA GLU A 474 17.44 41.19 -20.80
C GLU A 474 16.79 41.00 -22.17
N SER A 475 15.60 41.59 -22.37
CA SER A 475 14.88 41.35 -23.61
C SER A 475 15.55 42.07 -24.77
N LEU A 476 15.87 43.35 -24.59
CA LEU A 476 16.38 44.16 -25.70
C LEU A 476 17.70 43.61 -26.24
N PRO A 477 18.71 43.37 -25.42
CA PRO A 477 19.96 42.78 -25.94
C PRO A 477 19.74 41.43 -26.61
N LYS A 478 18.86 40.59 -26.08
CA LYS A 478 18.63 39.28 -26.67
C LYS A 478 18.06 39.41 -28.09
N GLU A 479 17.01 40.23 -28.25
CA GLU A 479 16.43 40.44 -29.56
C GLU A 479 17.43 41.08 -30.51
N VAL A 480 18.18 42.09 -30.03
CA VAL A 480 19.12 42.80 -30.90
C VAL A 480 20.21 41.87 -31.40
N ALA A 481 20.85 41.14 -30.48
CA ALA A 481 21.94 40.24 -30.86
C ALA A 481 21.47 39.01 -31.61
N SER A 482 20.16 38.74 -31.63
CA SER A 482 19.64 37.56 -32.31
C SER A 482 19.88 37.61 -33.81
N ALA A 483 20.06 38.79 -34.39
CA ALA A 483 20.26 38.94 -35.83
C ALA A 483 21.74 39.10 -36.15
N LYS A 484 22.23 38.25 -37.06
CA LYS A 484 23.62 38.30 -37.50
C LYS A 484 23.74 37.44 -38.75
N PRO A 485 24.78 37.66 -39.56
CA PRO A 485 24.98 36.83 -40.77
C PRO A 485 25.59 35.47 -40.45
N LYS A 486 24.75 34.58 -39.92
CA LYS A 486 25.19 33.24 -39.51
C LYS A 486 25.17 32.27 -40.69
N VAL A 487 25.91 32.64 -41.73
CA VAL A 487 26.03 31.84 -42.95
C VAL A 487 24.67 31.54 -43.56
N VAL A 491 16.39 31.37 -44.50
CA VAL A 491 15.38 32.41 -44.63
C VAL A 491 16.04 33.76 -44.89
N LYS A 492 15.22 34.81 -44.95
CA LYS A 492 15.71 36.16 -45.18
C LYS A 492 14.99 37.10 -44.21
N LEU A 493 15.22 38.40 -44.40
CA LEU A 493 14.63 39.44 -43.57
C LEU A 493 15.05 39.29 -42.12
N LYS A 494 14.46 40.11 -41.23
CA LYS A 494 14.79 40.04 -39.82
C LYS A 494 13.64 40.62 -39.01
N ALA A 495 13.64 40.29 -37.72
CA ALA A 495 12.63 40.80 -36.79
C ALA A 495 13.28 41.00 -35.44
N GLU A 496 12.50 41.52 -34.48
CA GLU A 496 12.98 41.74 -33.13
C GLU A 496 11.97 41.28 -32.08
N ASP A 497 10.95 40.52 -32.46
CA ASP A 497 9.93 40.05 -31.52
C ASP A 497 10.26 38.63 -31.07
N PHE A 498 11.33 38.54 -30.25
CA PHE A 498 11.78 37.26 -29.70
C PHE A 498 11.97 37.43 -28.20
N ILE A 499 11.22 36.66 -27.42
CA ILE A 499 11.30 36.76 -25.97
C ILE A 499 12.52 36.00 -25.47
N VAL A 500 12.93 36.32 -24.24
CA VAL A 500 14.04 35.64 -23.59
C VAL A 500 13.71 35.39 -22.13
N ASP A 501 13.32 34.16 -21.82
CA ASP A 501 12.90 33.79 -20.47
C ASP A 501 14.10 33.24 -19.71
N VAL A 502 14.54 33.95 -18.67
CA VAL A 502 15.66 33.53 -17.84
C VAL A 502 15.12 33.19 -16.47
N ILE A 503 15.21 31.90 -16.11
CA ILE A 503 14.70 31.40 -14.84
C ILE A 503 15.89 30.99 -13.98
N ASN A 504 15.94 31.51 -12.76
CA ASN A 504 17.01 31.18 -11.82
C ASN A 504 16.48 30.48 -10.57
N MET A 505 15.49 31.05 -9.89
CA MET A 505 14.92 30.50 -8.67
C MET A 505 15.99 30.23 -7.61
N PRO A 514 25.37 17.38 -2.09
CA PRO A 514 24.09 18.07 -2.11
C PRO A 514 23.26 17.80 -0.85
N ILE A 515 23.65 16.78 -0.09
CA ILE A 515 22.97 16.41 1.15
C ILE A 515 23.86 16.64 2.36
N ASP A 516 24.94 17.41 2.21
CA ASP A 516 25.85 17.63 3.33
C ASP A 516 25.27 18.58 4.36
N HIS A 517 24.47 19.56 3.92
CA HIS A 517 23.91 20.55 4.84
C HIS A 517 22.85 19.97 5.77
N VAL A 518 22.38 18.75 5.51
CA VAL A 518 21.38 18.12 6.35
C VAL A 518 22.08 17.37 7.47
N SER A 519 21.67 17.64 8.70
CA SER A 519 22.26 17.03 9.89
C SER A 519 21.26 16.10 10.56
N PHE A 520 21.76 14.99 11.10
CA PHE A 520 20.91 14.00 11.75
C PHE A 520 21.63 13.41 12.95
N TYR A 521 20.84 12.92 13.90
CA TYR A 521 21.40 12.30 15.10
C TYR A 521 22.11 11.01 14.75
N CYS A 522 23.12 10.67 15.55
CA CYS A 522 23.95 9.50 15.29
C CYS A 522 23.43 8.24 15.96
N LYS A 523 22.95 8.34 17.20
CA LYS A 523 22.48 7.19 17.94
C LYS A 523 21.51 7.67 19.02
N THR A 524 21.17 6.79 19.95
CA THR A 524 20.26 7.13 21.03
C THR A 524 21.03 7.50 22.30
N ARG A 528 25.93 14.40 23.57
CA ARG A 528 24.96 14.61 22.51
C ARG A 528 25.56 14.23 21.16
N ALA A 529 24.75 13.57 20.33
CA ALA A 529 25.21 13.17 19.01
C ALA A 529 25.29 14.37 18.07
N ILE A 530 26.02 14.19 16.98
CA ILE A 530 26.23 15.23 15.99
C ILE A 530 26.06 14.61 14.60
N ARG A 531 26.30 15.43 13.57
CA ARG A 531 26.20 14.95 12.20
C ARG A 531 27.25 13.88 11.93
N ILE A 532 26.95 13.03 10.94
CA ILE A 532 27.88 11.95 10.60
C ILE A 532 29.19 12.55 10.09
N THR A 533 30.30 12.01 10.59
CA THR A 533 31.64 12.48 10.25
C THR A 533 31.80 13.98 10.54
N GLU A 547 21.47 26.84 -12.49
CA GLU A 547 21.26 27.98 -11.60
C GLU A 547 20.64 29.16 -12.35
N GLN A 548 20.82 29.17 -13.67
CA GLN A 548 20.26 30.23 -14.51
C GLN A 548 20.07 29.65 -15.92
N LEU A 549 18.83 29.30 -16.24
CA LEU A 549 18.50 28.75 -17.55
C LEU A 549 17.84 29.82 -18.41
N ILE A 550 18.34 29.98 -19.63
CA ILE A 550 17.84 30.99 -20.56
C ILE A 550 17.24 30.28 -21.77
N ARG A 551 16.02 30.66 -22.14
CA ARG A 551 15.32 30.06 -23.26
C ARG A 551 14.73 31.17 -24.13
N VAL A 552 14.47 30.83 -25.40
CA VAL A 552 13.90 31.79 -26.34
C VAL A 552 12.56 31.28 -26.86
N TYR A 553 11.95 32.03 -27.78
CA TYR A 553 10.66 31.65 -28.36
C TYR A 553 10.36 32.48 -29.60
N CYS A 554 10.18 31.79 -30.74
CA CYS A 554 9.84 32.44 -32.01
C CYS A 554 8.61 31.77 -32.60
N LYS A 555 7.63 32.58 -33.01
CA LYS A 555 6.34 32.09 -33.48
C LYS A 555 6.00 32.71 -34.83
N LYS A 556 6.95 32.68 -35.77
CA LYS A 556 6.74 33.27 -37.08
C LYS A 556 5.95 32.34 -38.00
N VAL A 557 6.50 31.16 -38.30
CA VAL A 557 5.91 30.22 -39.25
C VAL A 557 6.32 28.80 -38.86
N ASP A 558 5.70 27.82 -39.51
CA ASP A 558 6.02 26.42 -39.21
C ASP A 558 7.49 26.11 -39.51
N ARG A 559 8.04 26.72 -40.57
CA ARG A 559 9.42 26.50 -40.96
C ARG A 559 10.31 27.72 -40.80
N LYS A 560 9.80 28.91 -41.13
CA LYS A 560 10.61 30.13 -41.02
C LYS A 560 10.98 30.42 -39.58
N SER A 561 10.04 30.24 -38.66
CA SER A 561 10.33 30.48 -37.25
C SER A 561 11.40 29.52 -36.74
N LEU A 562 11.35 28.26 -37.14
CA LEU A 562 12.37 27.30 -36.70
C LEU A 562 13.75 27.72 -37.20
N TYR A 563 13.85 28.10 -38.47
CA TYR A 563 15.14 28.52 -39.02
C TYR A 563 15.66 29.77 -38.32
N ALA A 564 14.78 30.76 -38.11
CA ALA A 564 15.20 31.98 -37.43
C ALA A 564 15.60 31.69 -35.98
N ALA A 565 14.89 30.79 -35.31
CA ALA A 565 15.23 30.43 -33.94
C ALA A 565 16.59 29.73 -33.88
N ARG A 566 16.87 28.85 -34.84
CA ARG A 566 18.19 28.22 -34.89
C ARG A 566 19.28 29.27 -35.12
N GLN A 567 19.04 30.19 -36.07
CA GLN A 567 20.02 31.22 -36.36
C GLN A 567 20.27 32.10 -35.14
N TYR A 568 19.20 32.47 -34.43
CA TYR A 568 19.37 33.33 -33.26
C TYR A 568 20.03 32.59 -32.11
N PHE A 569 19.74 31.29 -31.94
CA PHE A 569 20.43 30.51 -30.93
C PHE A 569 21.92 30.41 -31.24
N VAL A 570 22.26 30.28 -32.52
CA VAL A 570 23.66 30.27 -32.93
C VAL A 570 24.31 31.61 -32.61
N GLN A 571 23.62 32.69 -32.95
CA GLN A 571 24.23 34.02 -32.80
C GLN A 571 24.42 34.34 -31.32
N TRP A 572 23.40 34.09 -30.51
CA TRP A 572 23.49 34.36 -29.08
C TRP A 572 24.55 33.50 -28.43
N CYS A 573 24.65 32.22 -28.82
CA CYS A 573 25.72 31.37 -28.28
C CYS A 573 27.09 31.90 -28.65
N ALA A 574 27.28 32.27 -29.93
CA ALA A 574 28.57 32.80 -30.37
C ALA A 574 28.87 34.18 -29.81
N ASP A 575 27.87 34.87 -29.25
CA ASP A 575 28.05 36.24 -28.76
C ASP A 575 28.05 36.35 -27.25
N ARG A 576 27.17 35.62 -26.55
CA ARG A 576 27.05 35.74 -25.10
C ARG A 576 28.17 34.93 -24.44
N ASN A 577 29.37 35.52 -24.46
CA ASN A 577 30.57 34.93 -23.85
C ASN A 577 30.83 33.52 -24.36
N PHE A 578 30.68 33.34 -25.68
CA PHE A 578 30.90 32.06 -26.35
C PHE A 578 30.03 30.96 -25.74
N THR A 579 28.76 31.29 -25.51
CA THR A 579 27.81 30.34 -24.96
C THR A 579 27.54 29.18 -25.92
N ASP B 113 -0.64 16.26 -38.83
CA ASP B 113 -0.57 16.27 -37.36
C ASP B 113 -0.18 14.90 -36.83
N THR B 114 -0.41 14.68 -35.54
CA THR B 114 -0.07 13.42 -34.90
C THR B 114 -0.94 13.22 -33.66
N MET B 115 -0.96 12.00 -33.17
CA MET B 115 -1.68 11.69 -31.94
C MET B 115 -1.11 12.49 -30.78
N LYS B 116 -1.98 13.05 -29.96
CA LYS B 116 -1.55 13.80 -28.80
C LYS B 116 -1.71 12.98 -27.53
N VAL B 117 -1.01 13.40 -26.48
CA VAL B 117 -1.04 12.70 -25.20
C VAL B 117 -1.11 13.74 -24.09
N ILE B 118 -2.00 13.54 -23.14
CA ILE B 118 -2.20 14.45 -22.03
C ILE B 118 -2.07 13.67 -20.72
N ASN B 119 -1.30 14.19 -19.78
CA ASN B 119 -1.05 13.48 -18.53
C ASN B 119 -2.13 13.84 -17.54
N ASP B 120 -2.79 12.83 -16.99
CA ASP B 120 -3.81 13.02 -15.97
C ASP B 120 -3.47 12.17 -14.76
N PRO B 121 -3.67 12.68 -13.55
CA PRO B 121 -3.38 11.87 -12.36
C PRO B 121 -4.23 10.61 -12.27
N ILE B 122 -5.42 10.60 -12.88
CA ILE B 122 -6.33 9.48 -12.77
C ILE B 122 -5.99 8.41 -13.80
N HIS B 123 -5.97 8.79 -15.08
CA HIS B 123 -5.85 7.83 -16.16
C HIS B 123 -4.46 7.78 -16.78
N GLY B 124 -3.48 8.42 -16.16
CA GLY B 124 -2.14 8.41 -16.74
C GLY B 124 -2.13 9.09 -18.09
N HIS B 125 -1.58 8.42 -19.09
CA HIS B 125 -1.53 8.97 -20.43
C HIS B 125 -2.90 8.87 -21.08
N ILE B 126 -3.37 9.99 -21.64
CA ILE B 126 -4.65 10.09 -22.32
C ILE B 126 -4.34 10.45 -23.77
N GLU B 127 -4.49 9.47 -24.67
CA GLU B 127 -4.11 9.67 -26.06
C GLU B 127 -5.33 10.12 -26.85
N LEU B 128 -5.17 11.20 -27.60
CA LEU B 128 -6.26 11.85 -28.33
C LEU B 128 -5.96 11.87 -29.82
N HIS B 129 -6.99 11.60 -30.60
CA HIS B 129 -6.95 11.74 -32.05
C HIS B 129 -6.79 13.21 -32.41
N PRO B 130 -6.17 13.50 -33.56
CA PRO B 130 -6.04 14.91 -33.97
C PRO B 130 -7.36 15.67 -34.05
N LEU B 131 -8.44 15.00 -34.44
CA LEU B 131 -9.74 15.67 -34.45
C LEU B 131 -10.17 16.05 -33.03
N LEU B 132 -9.94 15.16 -32.07
CA LEU B 132 -10.24 15.49 -30.68
C LEU B 132 -9.42 16.67 -30.21
N VAL B 133 -8.15 16.74 -30.61
CA VAL B 133 -7.31 17.87 -30.25
C VAL B 133 -7.86 19.16 -30.84
N ARG B 134 -8.24 19.13 -32.12
CA ARG B 134 -8.79 20.31 -32.76
C ARG B 134 -10.06 20.78 -32.05
N ILE B 135 -10.90 19.83 -31.62
CA ILE B 135 -12.09 20.21 -30.86
C ILE B 135 -11.72 20.82 -29.52
N ILE B 136 -10.71 20.25 -28.85
CA ILE B 136 -10.41 20.65 -27.47
C ILE B 136 -9.83 22.06 -27.45
N ASP B 137 -8.86 22.35 -28.32
CA ASP B 137 -8.16 23.63 -28.31
C ASP B 137 -9.01 24.71 -28.99
N THR B 138 -10.18 24.95 -28.41
CA THR B 138 -11.11 25.98 -28.84
C THR B 138 -11.59 26.76 -27.62
N PRO B 139 -11.95 28.03 -27.79
CA PRO B 139 -12.44 28.79 -26.63
C PRO B 139 -13.63 28.17 -25.95
N GLN B 140 -14.58 27.62 -26.73
CA GLN B 140 -15.80 27.08 -26.14
C GLN B 140 -15.56 25.78 -25.37
N PHE B 141 -14.38 25.18 -25.51
CA PHE B 141 -14.00 24.03 -24.71
C PHE B 141 -12.99 24.37 -23.62
N GLN B 142 -12.02 25.23 -23.91
CA GLN B 142 -11.12 25.72 -22.88
C GLN B 142 -11.84 26.57 -21.85
N ARG B 143 -13.07 26.99 -22.13
CA ARG B 143 -13.90 27.65 -21.13
C ARG B 143 -14.09 26.79 -19.89
N LEU B 144 -14.03 25.47 -20.04
CA LEU B 144 -14.20 24.58 -18.90
C LEU B 144 -13.04 24.68 -17.91
N ARG B 145 -11.91 25.26 -18.32
CA ARG B 145 -10.79 25.45 -17.39
C ARG B 145 -11.15 26.33 -16.22
N TYR B 146 -12.15 27.20 -16.36
CA TYR B 146 -12.51 28.15 -15.32
C TYR B 146 -13.91 27.89 -14.78
N ILE B 147 -14.36 26.64 -14.85
CA ILE B 147 -15.61 26.21 -14.24
C ILE B 147 -15.30 25.05 -13.31
N LYS B 148 -15.53 25.24 -12.01
CA LYS B 148 -15.23 24.21 -11.03
C LYS B 148 -16.14 23.01 -11.22
N GLN B 149 -15.59 21.81 -11.02
CA GLN B 149 -16.39 20.60 -11.14
C GLN B 149 -17.45 20.56 -10.06
N LEU B 150 -17.04 20.55 -8.79
CA LEU B 150 -18.00 20.55 -7.70
C LEU B 150 -18.60 21.93 -7.43
N GLY B 151 -17.95 22.99 -7.90
CA GLY B 151 -18.47 24.33 -7.72
C GLY B 151 -18.41 24.81 -6.28
N GLY B 152 -19.56 25.09 -5.68
CA GLY B 152 -19.59 25.58 -4.32
C GLY B 152 -19.00 24.60 -3.33
N GLY B 153 -19.02 23.31 -3.65
CA GLY B 153 -18.39 22.32 -2.80
C GLY B 153 -16.91 22.57 -2.61
N TYR B 154 -16.30 23.38 -3.48
CA TYR B 154 -14.90 23.73 -3.29
C TYR B 154 -14.68 24.54 -2.02
N TYR B 155 -15.63 25.42 -1.69
CA TYR B 155 -15.46 26.23 -0.49
C TYR B 155 -15.70 25.43 0.78
N VAL B 156 -15.99 24.15 0.66
CA VAL B 156 -16.19 23.27 1.81
C VAL B 156 -15.11 22.20 1.81
N PHE B 157 -14.64 21.83 0.63
CA PHE B 157 -13.54 20.88 0.47
C PHE B 157 -12.38 21.58 -0.21
N PRO B 158 -11.36 22.01 0.54
CA PRO B 158 -10.26 22.77 -0.08
C PRO B 158 -9.50 22.01 -1.13
N GLY B 159 -9.53 20.67 -1.11
CA GLY B 159 -8.83 19.92 -2.13
C GLY B 159 -9.59 19.71 -3.41
N ALA B 160 -10.89 20.01 -3.42
CA ALA B 160 -11.74 19.74 -4.58
C ALA B 160 -11.76 20.96 -5.51
N SER B 161 -10.59 21.22 -6.10
CA SER B 161 -10.42 22.35 -7.01
C SER B 161 -10.40 21.94 -8.47
N HIS B 162 -10.76 20.69 -8.78
CA HIS B 162 -10.75 20.24 -10.16
C HIS B 162 -11.89 20.88 -10.95
N ASN B 163 -11.68 21.00 -12.25
CA ASN B 163 -12.60 21.67 -13.16
C ASN B 163 -13.24 20.66 -14.11
N ARG B 164 -14.17 21.15 -14.93
CA ARG B 164 -14.84 20.31 -15.91
C ARG B 164 -13.94 19.97 -17.09
N PHE B 165 -12.80 20.65 -17.24
CA PHE B 165 -11.91 20.38 -18.36
C PHE B 165 -11.29 19.00 -18.27
N GLU B 166 -10.69 18.68 -17.12
CA GLU B 166 -10.11 17.35 -16.93
C GLU B 166 -11.19 16.28 -16.87
N HIS B 167 -12.36 16.62 -16.33
CA HIS B 167 -13.46 15.67 -16.34
C HIS B 167 -13.86 15.31 -17.76
N SER B 168 -13.96 16.30 -18.64
CA SER B 168 -14.31 16.03 -20.03
C SER B 168 -13.24 15.21 -20.73
N LEU B 169 -11.96 15.57 -20.51
CA LEU B 169 -10.88 14.81 -21.12
C LEU B 169 -10.90 13.36 -20.66
N GLY B 170 -11.11 13.14 -19.36
CA GLY B 170 -11.14 11.78 -18.84
C GLY B 170 -12.32 10.98 -19.36
N VAL B 171 -13.49 11.61 -19.46
CA VAL B 171 -14.65 10.89 -19.97
C VAL B 171 -14.45 10.53 -21.43
N GLY B 172 -13.85 11.44 -22.21
CA GLY B 172 -13.52 11.09 -23.58
C GLY B 172 -12.55 9.92 -23.67
N TYR B 173 -11.52 9.93 -22.82
CA TYR B 173 -10.57 8.83 -22.82
C TYR B 173 -11.24 7.51 -22.47
N LEU B 174 -12.09 7.51 -21.44
CA LEU B 174 -12.76 6.28 -21.01
C LEU B 174 -13.67 5.76 -22.11
N ALA B 175 -14.44 6.66 -22.74
CA ALA B 175 -15.34 6.22 -23.80
C ALA B 175 -14.56 5.66 -24.99
N GLY B 176 -13.46 6.31 -25.37
CA GLY B 176 -12.64 5.80 -26.44
C GLY B 176 -12.06 4.43 -26.14
N CYS B 177 -11.55 4.24 -24.92
CA CYS B 177 -11.02 2.94 -24.54
C CYS B 177 -12.10 1.87 -24.57
N LEU B 178 -13.29 2.19 -24.05
CA LEU B 178 -14.37 1.20 -24.02
C LEU B 178 -14.80 0.81 -25.43
N VAL B 179 -14.98 1.80 -26.31
CA VAL B 179 -15.45 1.48 -27.66
C VAL B 179 -14.37 0.73 -28.44
N HIS B 180 -13.10 1.09 -28.23
CA HIS B 180 -12.03 0.38 -28.94
C HIS B 180 -11.92 -1.06 -28.46
N ALA B 181 -12.08 -1.27 -27.15
CA ALA B 181 -12.06 -2.63 -26.63
C ALA B 181 -13.22 -3.45 -27.17
N LEU B 182 -14.42 -2.87 -27.21
CA LEU B 182 -15.57 -3.58 -27.78
C LEU B 182 -15.34 -3.90 -29.25
N GLY B 183 -14.75 -2.97 -30.00
CA GLY B 183 -14.51 -3.21 -31.41
C GLY B 183 -13.51 -4.33 -31.63
N GLU B 184 -12.40 -4.31 -30.88
CA GLU B 184 -11.40 -5.35 -31.03
C GLU B 184 -11.94 -6.72 -30.60
N LYS B 185 -12.67 -6.76 -29.48
CA LYS B 185 -13.10 -8.03 -28.92
C LYS B 185 -14.11 -8.74 -29.81
N GLN B 186 -15.12 -8.02 -30.30
CA GLN B 186 -16.25 -8.61 -31.03
C GLN B 186 -16.33 -8.01 -32.43
N PRO B 187 -15.66 -8.61 -33.42
CA PRO B 187 -15.73 -8.05 -34.79
C PRO B 187 -17.11 -8.11 -35.42
N GLU B 188 -18.02 -8.94 -34.91
CA GLU B 188 -19.34 -9.04 -35.51
C GLU B 188 -20.18 -7.78 -35.31
N LEU B 189 -19.76 -6.86 -34.44
CA LEU B 189 -20.44 -5.59 -34.29
C LEU B 189 -20.06 -4.58 -35.37
N GLN B 190 -18.99 -4.84 -36.11
CA GLN B 190 -18.55 -3.99 -37.23
C GLN B 190 -18.33 -2.54 -36.79
N ILE B 191 -17.70 -2.36 -35.63
CA ILE B 191 -17.35 -1.02 -35.17
C ILE B 191 -16.20 -0.49 -36.01
N SER B 192 -16.35 0.73 -36.51
CA SER B 192 -15.36 1.38 -37.35
C SER B 192 -14.79 2.59 -36.64
N GLU B 193 -13.84 3.26 -37.29
CA GLU B 193 -13.20 4.42 -36.70
C GLU B 193 -14.17 5.59 -36.56
N ARG B 194 -15.13 5.71 -37.47
CA ARG B 194 -16.11 6.79 -37.37
C ARG B 194 -16.92 6.69 -36.09
N ASP B 195 -17.38 5.47 -35.74
CA ASP B 195 -18.12 5.30 -34.50
C ASP B 195 -17.25 5.64 -33.29
N VAL B 196 -15.99 5.23 -33.32
CA VAL B 196 -15.09 5.49 -32.19
C VAL B 196 -14.89 6.99 -32.01
N LEU B 197 -14.62 7.70 -33.11
CA LEU B 197 -14.43 9.14 -33.02
C LEU B 197 -15.70 9.85 -32.57
N CYS B 198 -16.86 9.40 -33.05
CA CYS B 198 -18.12 10.02 -32.63
C CYS B 198 -18.36 9.80 -31.13
N VAL B 199 -18.07 8.61 -30.63
CA VAL B 199 -18.25 8.34 -29.21
C VAL B 199 -17.28 9.19 -28.39
N GLN B 200 -16.04 9.32 -28.84
CA GLN B 200 -15.07 10.15 -28.12
C GLN B 200 -15.51 11.61 -28.11
N ILE B 201 -15.98 12.12 -29.25
CA ILE B 201 -16.43 13.51 -29.32
C ILE B 201 -17.62 13.75 -28.40
N ALA B 202 -18.56 12.79 -28.37
CA ALA B 202 -19.68 12.89 -27.43
C ALA B 202 -19.20 12.85 -25.99
N GLY B 203 -18.14 12.09 -25.71
CA GLY B 203 -17.59 12.08 -24.37
C GLY B 203 -16.98 13.41 -23.97
N LEU B 204 -16.23 14.02 -24.89
CA LEU B 204 -15.57 15.29 -24.58
C LEU B 204 -16.58 16.43 -24.41
N CYS B 205 -17.70 16.37 -25.12
CA CYS B 205 -18.66 17.46 -25.15
C CYS B 205 -19.94 17.13 -24.39
N HIS B 206 -19.84 16.28 -23.38
CA HIS B 206 -21.03 15.91 -22.62
C HIS B 206 -21.33 16.90 -21.49
N ASP B 207 -20.45 17.86 -21.23
CA ASP B 207 -20.69 18.84 -20.17
C ASP B 207 -20.31 20.25 -20.61
N LEU B 208 -20.26 20.52 -21.91
CA LEU B 208 -19.94 21.87 -22.38
C LEU B 208 -20.98 22.89 -21.94
N GLY B 209 -22.20 22.44 -21.68
CA GLY B 209 -23.25 23.35 -21.29
C GLY B 209 -23.27 23.75 -19.83
N HIS B 210 -22.31 23.27 -19.05
CA HIS B 210 -22.25 23.63 -17.64
C HIS B 210 -21.97 25.13 -17.49
N GLY B 211 -22.67 25.76 -16.57
CA GLY B 211 -22.48 27.18 -16.32
C GLY B 211 -21.57 27.43 -15.15
N PRO B 212 -21.66 28.61 -14.55
CA PRO B 212 -20.87 28.90 -13.35
C PRO B 212 -21.22 27.94 -12.22
N PHE B 213 -20.18 27.42 -11.55
CA PHE B 213 -20.32 26.50 -10.42
C PHE B 213 -21.08 25.23 -10.80
N SER B 214 -21.02 24.86 -12.08
CA SER B 214 -21.50 23.56 -12.58
C SER B 214 -22.97 23.38 -12.21
N HIS B 215 -23.34 22.33 -11.48
CA HIS B 215 -24.75 21.98 -11.29
C HIS B 215 -25.52 23.04 -10.52
N MET B 216 -24.84 23.97 -9.85
CA MET B 216 -25.55 25.05 -9.18
C MET B 216 -26.25 25.96 -10.17
N PHE B 217 -25.65 26.16 -11.36
CA PHE B 217 -26.15 27.17 -12.28
C PHE B 217 -27.54 26.84 -12.80
N ASP B 218 -27.80 25.57 -13.11
CA ASP B 218 -29.11 25.17 -13.60
C ASP B 218 -29.96 24.47 -12.56
N GLY B 219 -29.35 23.79 -11.59
CA GLY B 219 -30.12 23.14 -10.54
C GLY B 219 -30.67 24.10 -9.51
N ARG B 220 -30.08 25.28 -9.39
CA ARG B 220 -30.48 26.21 -8.33
C ARG B 220 -30.79 27.62 -8.84
N PHE B 221 -30.07 28.10 -9.84
CA PHE B 221 -30.16 29.49 -10.26
C PHE B 221 -31.21 29.71 -11.34
N ILE B 222 -31.11 28.95 -12.45
CA ILE B 222 -31.99 29.19 -13.60
C ILE B 222 -33.47 29.11 -13.23
N PRO B 223 -33.95 28.11 -12.49
CA PRO B 223 -35.38 28.09 -12.15
C PRO B 223 -35.85 29.31 -11.39
N LEU B 224 -35.00 29.90 -10.54
CA LEU B 224 -35.39 31.13 -9.87
C LEU B 224 -35.40 32.31 -10.83
N ALA B 225 -34.40 32.41 -11.70
CA ALA B 225 -34.27 33.57 -12.56
C ALA B 225 -35.33 33.56 -13.66
N ARG B 226 -35.49 32.45 -14.36
CA ARG B 226 -36.39 32.34 -15.51
C ARG B 226 -37.24 31.08 -15.36
N PRO B 227 -38.28 31.13 -14.52
CA PRO B 227 -39.13 29.94 -14.33
C PRO B 227 -39.96 29.57 -15.54
N GLU B 228 -40.06 30.44 -16.55
CA GLU B 228 -40.89 30.20 -17.72
C GLU B 228 -40.16 29.42 -18.80
N VAL B 229 -38.89 29.10 -18.61
CA VAL B 229 -38.09 28.38 -19.59
C VAL B 229 -37.55 27.12 -18.92
N LYS B 230 -37.77 25.97 -19.56
CA LYS B 230 -37.23 24.71 -19.09
C LYS B 230 -35.82 24.54 -19.66
N TRP B 231 -34.83 24.44 -18.78
CA TRP B 231 -33.44 24.46 -19.18
C TRP B 231 -32.67 23.41 -18.39
N THR B 232 -32.14 22.42 -19.09
CA THR B 232 -31.22 21.44 -18.52
C THR B 232 -29.89 21.53 -19.26
N HIS B 233 -28.79 21.34 -18.53
CA HIS B 233 -27.48 21.64 -19.08
C HIS B 233 -27.09 20.70 -20.21
N GLU B 234 -27.83 19.60 -20.43
CA GLU B 234 -27.57 18.78 -21.60
C GLU B 234 -27.99 19.49 -22.88
N GLN B 235 -29.13 20.18 -22.87
CA GLN B 235 -29.51 21.01 -24.00
C GLN B 235 -28.49 22.11 -24.23
N GLY B 236 -27.99 22.70 -23.15
CA GLY B 236 -26.93 23.68 -23.29
C GLY B 236 -25.68 23.09 -23.89
N SER B 237 -25.37 21.84 -23.53
CA SER B 237 -24.21 21.17 -24.09
C SER B 237 -24.39 20.94 -25.59
N VAL B 238 -25.60 20.56 -26.01
CA VAL B 238 -25.89 20.37 -27.42
C VAL B 238 -25.71 21.69 -28.17
N MET B 239 -26.32 22.76 -27.65
CA MET B 239 -26.22 24.05 -28.32
C MET B 239 -24.77 24.54 -28.36
N MET B 240 -24.02 24.34 -27.28
CA MET B 240 -22.62 24.75 -27.25
C MET B 240 -21.81 23.94 -28.26
N PHE B 241 -22.10 22.65 -28.40
CA PHE B 241 -21.40 21.84 -29.39
C PHE B 241 -21.71 22.33 -30.80
N GLU B 242 -22.98 22.66 -31.07
CA GLU B 242 -23.34 23.18 -32.38
C GLU B 242 -22.60 24.49 -32.67
N HIS B 243 -22.55 25.39 -31.68
CA HIS B 243 -21.82 26.63 -31.86
C HIS B 243 -20.34 26.37 -32.08
N LEU B 244 -19.77 25.39 -31.36
CA LEU B 244 -18.37 25.05 -31.53
C LEU B 244 -18.09 24.58 -32.95
N ILE B 245 -18.93 23.67 -33.46
CA ILE B 245 -18.73 23.17 -34.81
C ILE B 245 -18.86 24.29 -35.83
N ASN B 246 -19.87 25.15 -35.68
CA ASN B 246 -20.10 26.19 -36.68
C ASN B 246 -19.00 27.24 -36.66
N SER B 247 -18.62 27.71 -35.47
CA SER B 247 -17.63 28.77 -35.37
C SER B 247 -16.23 28.27 -35.74
N ASN B 248 -15.83 27.13 -35.19
CA ASN B 248 -14.45 26.68 -35.27
C ASN B 248 -14.14 25.92 -36.55
N GLY B 249 -15.12 25.73 -37.43
CA GLY B 249 -14.88 25.04 -38.69
C GLY B 249 -14.49 23.60 -38.52
N ILE B 250 -15.22 22.87 -37.66
CA ILE B 250 -14.92 21.46 -37.43
C ILE B 250 -15.33 20.61 -38.63
N LYS B 251 -16.41 20.98 -39.32
CA LYS B 251 -16.94 20.15 -40.38
C LYS B 251 -15.93 19.78 -41.47
N PRO B 252 -15.07 20.69 -41.95
CA PRO B 252 -14.03 20.24 -42.90
C PRO B 252 -13.13 19.16 -42.34
N VAL B 253 -12.78 19.25 -41.05
CA VAL B 253 -11.92 18.22 -40.45
C VAL B 253 -12.68 16.91 -40.29
N MET B 254 -13.97 16.99 -39.91
CA MET B 254 -14.78 15.78 -39.82
C MET B 254 -14.89 15.09 -41.17
N GLU B 255 -15.05 15.86 -42.23
CA GLU B 255 -15.03 15.27 -43.57
C GLU B 255 -13.67 14.69 -43.90
N GLN B 256 -12.60 15.34 -43.45
CA GLN B 256 -11.25 14.90 -43.79
C GLN B 256 -10.94 13.54 -43.18
N TYR B 257 -11.34 13.32 -41.93
CA TYR B 257 -10.95 12.12 -41.19
C TYR B 257 -11.98 11.00 -41.28
N GLY B 258 -12.90 11.08 -42.23
CA GLY B 258 -13.81 9.98 -42.52
C GLY B 258 -15.21 10.12 -41.97
N LEU B 259 -15.46 11.09 -41.10
CA LEU B 259 -16.80 11.27 -40.56
C LEU B 259 -17.71 11.89 -41.62
N ILE B 260 -19.01 11.60 -41.50
CA ILE B 260 -20.01 12.18 -42.38
C ILE B 260 -20.87 13.13 -41.54
N PRO B 261 -20.68 14.46 -41.67
CA PRO B 261 -21.29 15.38 -40.72
C PRO B 261 -22.80 15.26 -40.61
N GLU B 262 -23.51 15.09 -41.74
CA GLU B 262 -24.96 15.16 -41.75
C GLU B 262 -25.59 14.15 -40.80
N GLU B 263 -24.95 13.01 -40.60
CA GLU B 263 -25.44 12.01 -39.66
C GLU B 263 -24.55 11.83 -38.44
N ASP B 264 -23.23 12.01 -38.58
CA ASP B 264 -22.35 11.87 -37.43
C ASP B 264 -22.62 12.95 -36.38
N ILE B 265 -22.85 14.19 -36.83
CA ILE B 265 -23.15 15.26 -35.87
C ILE B 265 -24.48 15.00 -35.17
N CYS B 266 -25.48 14.53 -35.92
CA CYS B 266 -26.75 14.16 -35.30
C CYS B 266 -26.56 13.03 -34.30
N PHE B 267 -25.71 12.06 -34.63
CA PHE B 267 -25.44 10.97 -33.70
C PHE B 267 -24.78 11.47 -32.42
N ILE B 268 -23.82 12.39 -32.55
CA ILE B 268 -23.16 12.93 -31.37
C ILE B 268 -24.16 13.68 -30.51
N LYS B 269 -24.99 14.51 -31.13
CA LYS B 269 -26.00 15.25 -30.37
C LYS B 269 -26.98 14.30 -29.69
N GLU B 270 -27.37 13.23 -30.38
CA GLU B 270 -28.25 12.23 -29.77
C GLU B 270 -27.57 11.58 -28.57
N GLN B 271 -26.29 11.28 -28.69
CA GLN B 271 -25.56 10.72 -27.55
C GLN B 271 -25.53 11.69 -26.38
N ILE B 272 -25.47 12.99 -26.66
CA ILE B 272 -25.44 13.98 -25.57
C ILE B 272 -26.78 14.01 -24.84
N VAL B 273 -27.88 14.09 -25.58
CA VAL B 273 -29.20 14.32 -24.98
C VAL B 273 -30.14 13.14 -25.19
N GLY B 274 -30.20 12.60 -26.41
CA GLY B 274 -31.12 11.53 -26.71
C GLY B 274 -31.89 11.74 -27.99
N PRO B 275 -33.14 11.29 -28.03
CA PRO B 275 -33.96 11.42 -29.24
C PRO B 275 -34.30 12.89 -29.51
N LEU B 276 -34.00 13.34 -30.74
CA LEU B 276 -34.32 14.70 -31.11
C LEU B 276 -35.82 14.95 -31.10
N GLU B 277 -36.60 13.99 -31.56
CA GLU B 277 -38.05 14.12 -31.59
C GLU B 277 -38.65 13.97 -30.20
N ASP B 282 -43.45 5.28 -33.10
CA ASP B 282 -44.26 4.12 -32.74
C ASP B 282 -43.45 3.14 -31.90
N SER B 283 -42.64 3.68 -30.98
CA SER B 283 -41.78 2.88 -30.10
C SER B 283 -40.88 1.94 -30.90
N LEU B 284 -40.31 2.46 -31.99
CA LEU B 284 -39.45 1.68 -32.89
C LEU B 284 -38.26 2.53 -33.27
N TRP B 285 -37.18 2.42 -32.49
CA TRP B 285 -35.89 3.06 -32.72
C TRP B 285 -36.02 4.56 -32.97
N PRO B 286 -36.31 5.36 -31.93
CA PRO B 286 -36.41 6.81 -32.13
C PRO B 286 -35.14 7.44 -32.66
N TYR B 287 -33.97 6.92 -32.31
CA TYR B 287 -32.72 7.50 -32.77
C TYR B 287 -32.61 7.45 -34.28
N LYS B 288 -31.99 8.47 -34.85
CA LYS B 288 -31.80 8.56 -36.30
C LYS B 288 -30.34 8.73 -36.68
N GLY B 289 -29.42 8.47 -35.76
CA GLY B 289 -28.01 8.66 -36.04
C GLY B 289 -27.33 7.41 -36.56
N ARG B 290 -27.84 6.24 -36.15
CA ARG B 290 -27.30 4.97 -36.58
C ARG B 290 -28.39 3.92 -36.48
N PRO B 291 -28.31 2.84 -37.24
CA PRO B 291 -29.40 1.85 -37.25
C PRO B 291 -29.57 1.18 -35.90
N GLU B 292 -30.71 0.51 -35.76
CA GLU B 292 -31.10 -0.12 -34.51
C GLU B 292 -30.19 -1.28 -34.11
N ASN B 293 -29.37 -1.79 -35.04
CA ASN B 293 -28.49 -2.90 -34.68
C ASN B 293 -27.35 -2.43 -33.78
N LYS B 294 -26.97 -1.17 -33.87
CA LYS B 294 -25.97 -0.57 -32.99
C LYS B 294 -26.63 0.16 -31.82
N SER B 295 -27.49 -0.55 -31.08
CA SER B 295 -28.25 0.04 -30.00
C SER B 295 -27.44 0.20 -28.71
N PHE B 296 -26.20 -0.29 -28.68
CA PHE B 296 -25.38 -0.19 -27.48
C PHE B 296 -24.47 1.04 -27.50
N LEU B 297 -24.17 1.59 -28.67
CA LEU B 297 -23.32 2.77 -28.74
C LEU B 297 -23.97 3.99 -28.11
N TYR B 298 -25.29 3.99 -27.96
CA TYR B 298 -25.99 5.15 -27.40
C TYR B 298 -25.95 5.19 -25.88
N GLU B 299 -25.41 4.17 -25.22
CA GLU B 299 -25.35 4.13 -23.77
C GLU B 299 -23.93 3.93 -23.27
N ILE B 300 -22.92 4.22 -24.09
CA ILE B 300 -21.54 4.18 -23.62
C ILE B 300 -21.23 5.38 -22.73
N VAL B 301 -21.66 6.57 -23.15
CA VAL B 301 -21.30 7.81 -22.48
C VAL B 301 -22.44 8.36 -21.64
N SER B 302 -23.66 8.37 -22.18
CA SER B 302 -24.80 8.91 -21.45
C SER B 302 -25.47 7.83 -20.60
N ASN B 303 -25.98 6.79 -21.24
CA ASN B 303 -26.58 5.63 -20.58
C ASN B 303 -27.65 6.05 -19.57
N LYS B 304 -28.72 6.66 -20.10
CA LYS B 304 -29.83 7.05 -19.25
C LYS B 304 -30.56 5.85 -18.67
N ARG B 305 -30.46 4.68 -19.31
CA ARG B 305 -31.25 3.52 -18.92
C ARG B 305 -30.56 2.68 -17.85
N ASN B 306 -29.39 2.13 -18.15
CA ASN B 306 -28.72 1.24 -17.21
C ASN B 306 -28.18 2.01 -16.01
N GLY B 307 -27.51 3.14 -16.25
CA GLY B 307 -26.99 3.96 -15.18
C GLY B 307 -25.50 3.85 -14.93
N ILE B 308 -24.76 3.10 -15.75
CA ILE B 308 -23.32 3.04 -15.67
C ILE B 308 -22.73 3.56 -16.98
N ASP B 309 -21.83 4.51 -16.88
CA ASP B 309 -21.25 5.14 -18.06
C ASP B 309 -19.86 5.65 -17.72
N VAL B 310 -19.09 5.96 -18.76
CA VAL B 310 -17.72 6.44 -18.56
C VAL B 310 -17.71 7.75 -17.80
N ASP B 311 -18.76 8.57 -17.97
CA ASP B 311 -18.84 9.82 -17.22
C ASP B 311 -18.85 9.56 -15.72
N LYS B 312 -19.69 8.62 -15.27
CA LYS B 312 -19.76 8.33 -13.85
C LYS B 312 -18.45 7.75 -13.34
N TRP B 313 -17.83 6.84 -14.10
CA TRP B 313 -16.56 6.28 -13.67
C TRP B 313 -15.51 7.36 -13.48
N ASP B 314 -15.37 8.24 -14.47
CA ASP B 314 -14.31 9.25 -14.38
C ASP B 314 -14.58 10.25 -13.27
N TYR B 315 -15.82 10.72 -13.12
CA TYR B 315 -15.99 11.74 -12.10
C TYR B 315 -16.02 11.13 -10.70
N PHE B 316 -16.39 9.85 -10.55
CA PHE B 316 -16.20 9.17 -9.28
C PHE B 316 -14.71 9.07 -8.95
N ALA B 317 -13.90 8.68 -9.93
CA ALA B 317 -12.47 8.55 -9.69
C ALA B 317 -11.86 9.89 -9.29
N ARG B 318 -12.26 10.96 -9.98
CA ARG B 318 -11.67 12.27 -9.71
C ARG B 318 -12.13 12.82 -8.37
N ASP B 319 -13.41 12.63 -8.04
CA ASP B 319 -13.91 13.04 -6.73
C ASP B 319 -13.17 12.31 -5.61
N CYS B 320 -12.95 11.00 -5.77
CA CYS B 320 -12.24 10.26 -4.73
C CYS B 320 -10.77 10.67 -4.67
N HIS B 321 -10.17 11.03 -5.81
CA HIS B 321 -8.80 11.51 -5.78
C HIS B 321 -8.68 12.83 -5.04
N HIS B 322 -9.63 13.74 -5.24
CA HIS B 322 -9.55 15.07 -4.64
C HIS B 322 -10.29 15.21 -3.32
N LEU B 323 -10.91 14.14 -2.81
CA LEU B 323 -11.61 14.20 -1.54
C LEU B 323 -11.02 13.32 -0.46
N GLY B 324 -10.04 12.48 -0.79
CA GLY B 324 -9.47 11.56 0.18
C GLY B 324 -10.26 10.28 0.39
N ILE B 325 -11.38 10.11 -0.30
CA ILE B 325 -12.18 8.89 -0.18
C ILE B 325 -11.51 7.78 -0.95
N GLN B 326 -11.75 6.54 -0.52
CA GLN B 326 -11.11 5.38 -1.12
C GLN B 326 -11.79 4.99 -2.43
N ASN B 327 -10.98 4.75 -3.46
CA ASN B 327 -11.47 4.32 -4.78
C ASN B 327 -11.14 2.85 -4.95
N ASN B 328 -12.18 2.00 -4.92
CA ASN B 328 -12.00 0.57 -5.06
C ASN B 328 -12.22 0.06 -6.48
N PHE B 329 -12.95 0.80 -7.31
CA PHE B 329 -13.33 0.30 -8.63
C PHE B 329 -12.19 0.48 -9.61
N ASP B 330 -11.77 -0.63 -10.24
CA ASP B 330 -10.75 -0.63 -11.28
C ASP B 330 -11.45 -0.68 -12.62
N TYR B 331 -11.51 0.46 -13.31
CA TYR B 331 -12.27 0.53 -14.56
C TYR B 331 -11.61 -0.27 -15.68
N LYS B 332 -10.29 -0.45 -15.62
CA LYS B 332 -9.59 -1.18 -16.67
C LYS B 332 -10.08 -2.63 -16.75
N ARG B 333 -10.28 -3.27 -15.60
CA ARG B 333 -10.77 -4.64 -15.59
C ARG B 333 -12.17 -4.73 -16.16
N PHE B 334 -13.05 -3.81 -15.78
CA PHE B 334 -14.42 -3.81 -16.31
C PHE B 334 -14.41 -3.62 -17.83
N ILE B 335 -13.58 -2.70 -18.32
CA ILE B 335 -13.46 -2.52 -19.76
C ILE B 335 -12.98 -3.79 -20.43
N LYS B 336 -11.96 -4.44 -19.86
CA LYS B 336 -11.37 -5.61 -20.49
C LYS B 336 -12.31 -6.80 -20.49
N PHE B 337 -13.33 -6.81 -19.64
CA PHE B 337 -14.30 -7.89 -19.54
C PHE B 337 -15.69 -7.43 -19.93
N ALA B 338 -15.81 -6.65 -21.01
CA ALA B 338 -17.07 -6.12 -21.48
C ALA B 338 -17.44 -6.78 -22.80
N ARG B 339 -18.68 -7.27 -22.90
CA ARG B 339 -19.20 -7.84 -24.14
C ARG B 339 -20.63 -7.38 -24.34
N VAL B 340 -21.07 -7.39 -25.60
CA VAL B 340 -22.41 -6.96 -25.96
C VAL B 340 -23.27 -8.19 -26.18
N CYS B 341 -24.42 -8.24 -25.52
CA CYS B 341 -25.29 -9.42 -25.53
C CYS B 341 -26.73 -8.93 -25.70
N GLU B 342 -27.67 -9.82 -25.44
CA GLU B 342 -29.09 -9.48 -25.44
C GLU B 342 -29.69 -9.83 -24.09
N VAL B 343 -30.48 -8.90 -23.54
CA VAL B 343 -31.17 -9.13 -22.27
C VAL B 343 -32.63 -9.46 -22.56
N ASP B 344 -33.35 -8.52 -23.17
CA ASP B 344 -34.75 -8.74 -23.50
C ASP B 344 -35.00 -8.74 -25.00
N ASN B 345 -34.68 -7.64 -25.71
CA ASN B 345 -35.00 -7.56 -27.13
C ASN B 345 -33.90 -7.00 -28.00
N GLU B 346 -32.95 -6.21 -27.48
CA GLU B 346 -31.97 -5.52 -28.30
C GLU B 346 -30.58 -5.68 -27.72
N LEU B 347 -29.58 -5.30 -28.50
CA LEU B 347 -28.20 -5.39 -28.07
C LEU B 347 -27.92 -4.43 -26.92
N ARG B 348 -27.20 -4.93 -25.91
CA ARG B 348 -26.87 -4.17 -24.71
C ARG B 348 -25.49 -4.56 -24.23
N ILE B 349 -24.69 -3.56 -23.86
CA ILE B 349 -23.38 -3.80 -23.30
C ILE B 349 -23.51 -4.31 -21.87
N CYS B 350 -22.66 -5.27 -21.51
CA CYS B 350 -22.72 -5.85 -20.17
C CYS B 350 -21.39 -6.50 -19.85
N ALA B 351 -21.15 -6.70 -18.55
CA ALA B 351 -19.92 -7.31 -18.08
C ALA B 351 -20.02 -8.82 -18.28
N ARG B 352 -19.27 -9.35 -19.25
CA ARG B 352 -19.33 -10.79 -19.51
C ARG B 352 -18.87 -11.58 -18.30
N ASP B 353 -17.79 -11.14 -17.66
CA ASP B 353 -17.32 -11.81 -16.45
C ASP B 353 -18.08 -11.29 -15.24
N LYS B 354 -17.88 -11.96 -14.11
CA LYS B 354 -18.63 -11.68 -12.88
C LYS B 354 -17.78 -10.79 -11.98
N GLU B 355 -17.73 -9.50 -12.32
CA GLU B 355 -17.10 -8.50 -11.46
C GLU B 355 -18.12 -7.89 -10.50
N VAL B 356 -18.85 -8.75 -9.80
CA VAL B 356 -19.98 -8.29 -8.99
C VAL B 356 -19.50 -7.50 -7.78
N GLY B 357 -18.47 -7.99 -7.09
CA GLY B 357 -17.93 -7.25 -5.96
C GLY B 357 -17.35 -5.90 -6.38
N ASN B 358 -16.69 -5.85 -7.53
CA ASN B 358 -16.15 -4.59 -8.02
C ASN B 358 -17.26 -3.58 -8.29
N LEU B 359 -18.34 -4.02 -8.93
CA LEU B 359 -19.45 -3.13 -9.21
C LEU B 359 -20.14 -2.68 -7.94
N TYR B 360 -20.31 -3.59 -6.98
CA TYR B 360 -20.92 -3.20 -5.71
C TYR B 360 -20.07 -2.18 -4.98
N ASP B 361 -18.75 -2.34 -5.04
CA ASP B 361 -17.86 -1.36 -4.43
C ASP B 361 -17.93 -0.01 -5.16
N MET B 362 -18.06 -0.04 -6.49
CA MET B 362 -18.24 1.20 -7.24
C MET B 362 -19.53 1.90 -6.83
N PHE B 363 -20.62 1.14 -6.67
CA PHE B 363 -21.87 1.76 -6.24
C PHE B 363 -21.79 2.28 -4.82
N HIS B 364 -21.04 1.60 -3.94
CA HIS B 364 -20.79 2.13 -2.61
C HIS B 364 -20.02 3.43 -2.68
N THR B 365 -19.04 3.51 -3.58
CA THR B 365 -18.31 4.76 -3.80
C THR B 365 -19.25 5.86 -4.28
N ARG B 366 -20.15 5.53 -5.20
CA ARG B 366 -21.14 6.49 -5.67
C ARG B 366 -21.97 7.02 -4.51
N ASN B 367 -22.48 6.11 -3.68
CA ASN B 367 -23.32 6.53 -2.56
C ASN B 367 -22.54 7.40 -1.57
N SER B 368 -21.30 7.03 -1.27
CA SER B 368 -20.48 7.82 -0.36
C SER B 368 -20.22 9.21 -0.93
N LEU B 369 -19.88 9.29 -2.21
CA LEU B 369 -19.62 10.60 -2.83
C LEU B 369 -20.86 11.47 -2.81
N HIS B 370 -22.03 10.90 -3.13
CA HIS B 370 -23.25 11.68 -3.14
C HIS B 370 -23.64 12.14 -1.74
N ARG B 371 -23.49 11.25 -0.74
CA ARG B 371 -23.90 11.58 0.62
C ARG B 371 -22.99 12.63 1.23
N ARG B 372 -21.66 12.46 1.08
CA ARG B 372 -20.74 13.36 1.76
C ARG B 372 -20.54 14.66 1.00
N ALA B 373 -20.23 14.58 -0.30
CA ALA B 373 -19.87 15.77 -1.05
C ALA B 373 -21.10 16.53 -1.54
N TYR B 374 -21.92 15.89 -2.37
CA TYR B 374 -23.00 16.57 -3.07
C TYR B 374 -24.19 16.91 -2.19
N GLN B 375 -24.14 16.59 -0.90
CA GLN B 375 -25.26 16.88 -0.01
C GLN B 375 -24.82 17.53 1.29
N HIS B 376 -23.60 18.06 1.34
CA HIS B 376 -23.11 18.71 2.55
C HIS B 376 -23.94 19.94 2.88
N LYS B 377 -24.24 20.13 4.17
CA LYS B 377 -25.05 21.27 4.59
C LYS B 377 -24.38 22.59 4.24
N VAL B 378 -23.09 22.72 4.58
CA VAL B 378 -22.37 23.96 4.30
C VAL B 378 -22.21 24.16 2.80
N GLY B 379 -22.06 23.09 2.04
CA GLY B 379 -22.02 23.23 0.59
C GLY B 379 -23.30 23.81 0.03
N ASN B 380 -24.45 23.32 0.51
CA ASN B 380 -25.73 23.87 0.08
C ASN B 380 -25.88 25.31 0.53
N ILE B 381 -25.37 25.65 1.72
CA ILE B 381 -25.47 27.04 2.17
C ILE B 381 -24.62 27.96 1.30
N ILE B 382 -23.42 27.53 0.95
CA ILE B 382 -22.57 28.30 0.04
C ILE B 382 -23.25 28.47 -1.31
N ASP B 383 -23.82 27.38 -1.84
CA ASP B 383 -24.52 27.46 -3.12
C ASP B 383 -25.68 28.43 -3.04
N THR B 384 -26.45 28.40 -1.94
CA THR B 384 -27.59 29.30 -1.79
C THR B 384 -27.15 30.75 -1.73
N MET B 385 -26.05 31.03 -1.01
CA MET B 385 -25.57 32.41 -0.94
C MET B 385 -25.08 32.91 -2.29
N ILE B 386 -24.34 32.07 -3.02
CA ILE B 386 -23.90 32.46 -4.35
C ILE B 386 -25.09 32.65 -5.28
N THR B 387 -26.12 31.80 -5.13
CA THR B 387 -27.33 31.95 -5.94
C THR B 387 -28.02 33.26 -5.65
N ASP B 388 -28.14 33.63 -4.37
CA ASP B 388 -28.76 34.91 -4.02
C ASP B 388 -27.96 36.07 -4.59
N ALA B 389 -26.63 35.97 -4.55
CA ALA B 389 -25.78 37.01 -5.12
C ALA B 389 -26.05 37.16 -6.61
N PHE B 390 -26.12 36.04 -7.33
CA PHE B 390 -26.41 36.09 -8.76
C PHE B 390 -27.79 36.68 -9.04
N LEU B 391 -28.79 36.31 -8.25
CA LEU B 391 -30.14 36.86 -8.48
C LEU B 391 -30.16 38.36 -8.27
N LYS B 392 -29.44 38.85 -7.25
CA LYS B 392 -29.40 40.29 -7.05
C LYS B 392 -28.60 41.00 -8.14
N ALA B 393 -27.52 40.38 -8.62
CA ALA B 393 -26.67 41.02 -9.62
C ALA B 393 -27.13 40.76 -11.05
N ASP B 394 -28.23 40.05 -11.25
CA ASP B 394 -28.69 39.73 -12.60
C ASP B 394 -28.98 40.99 -13.42
N ASP B 395 -29.66 41.97 -12.82
CA ASP B 395 -30.09 43.14 -13.57
C ASP B 395 -28.93 44.09 -13.88
N TYR B 396 -27.83 44.00 -13.15
CA TYR B 396 -26.77 45.00 -13.22
C TYR B 396 -25.47 44.44 -13.78
N ILE B 397 -25.51 43.25 -14.37
CA ILE B 397 -24.34 42.66 -15.03
C ILE B 397 -24.68 42.46 -16.49
N GLU B 398 -23.85 43.02 -17.37
CA GLU B 398 -24.08 42.94 -18.81
C GLU B 398 -22.95 42.17 -19.46
N ILE B 399 -23.31 41.17 -20.26
CA ILE B 399 -22.36 40.34 -20.97
C ILE B 399 -22.59 40.53 -22.47
N THR B 400 -21.54 40.87 -23.19
CA THR B 400 -21.65 41.13 -24.62
C THR B 400 -21.74 39.80 -25.37
N GLY B 401 -22.85 39.58 -26.04
CA GLY B 401 -23.03 38.35 -26.81
C GLY B 401 -22.58 38.50 -28.25
N ALA B 402 -23.37 38.00 -29.18
CA ALA B 402 -23.09 38.13 -30.60
C ALA B 402 -23.90 39.29 -31.17
N GLY B 403 -23.27 40.05 -32.07
CA GLY B 403 -23.93 41.21 -32.62
C GLY B 403 -24.02 42.40 -31.68
N GLY B 404 -23.22 42.39 -30.62
CA GLY B 404 -23.21 43.48 -29.67
C GLY B 404 -24.34 43.49 -28.66
N LYS B 405 -25.24 42.50 -28.71
CA LYS B 405 -26.34 42.46 -27.75
C LYS B 405 -25.81 42.18 -26.35
N LYS B 406 -26.46 42.79 -25.36
CA LYS B 406 -26.08 42.63 -23.95
C LYS B 406 -27.06 41.65 -23.31
N TYR B 407 -26.54 40.48 -22.91
CA TYR B 407 -27.33 39.44 -22.27
C TYR B 407 -27.03 39.43 -20.78
N ARG B 408 -28.08 39.38 -19.97
CA ARG B 408 -27.92 39.30 -18.52
C ARG B 408 -27.38 37.93 -18.14
N ILE B 409 -27.18 37.72 -16.84
CA ILE B 409 -26.72 36.42 -16.35
C ILE B 409 -27.75 35.35 -16.67
N SER B 410 -29.03 35.66 -16.46
CA SER B 410 -30.08 34.68 -16.70
C SER B 410 -30.35 34.49 -18.18
N THR B 411 -30.25 35.55 -18.98
CA THR B 411 -30.57 35.48 -20.39
C THR B 411 -29.37 35.15 -21.27
N ALA B 412 -28.24 34.79 -20.68
CA ALA B 412 -27.07 34.43 -21.49
C ALA B 412 -27.14 33.01 -22.02
N ILE B 413 -28.09 32.19 -21.54
CA ILE B 413 -28.27 30.86 -22.07
C ILE B 413 -28.86 30.86 -23.47
N ASP B 414 -29.55 31.94 -23.86
CA ASP B 414 -30.18 32.00 -25.17
C ASP B 414 -29.21 32.33 -26.28
N ASP B 415 -27.97 32.72 -25.97
CA ASP B 415 -26.97 33.00 -26.99
C ASP B 415 -25.64 32.44 -26.52
N MET B 416 -25.02 31.61 -27.35
CA MET B 416 -23.79 30.94 -26.94
C MET B 416 -22.59 31.87 -26.91
N GLU B 417 -22.65 32.99 -27.63
CA GLU B 417 -21.56 33.96 -27.57
C GLU B 417 -21.42 34.55 -26.18
N ALA B 418 -22.55 34.89 -25.53
CA ALA B 418 -22.50 35.37 -24.16
C ALA B 418 -22.27 34.24 -23.17
N TYR B 419 -22.83 33.07 -23.43
CA TYR B 419 -22.67 31.94 -22.52
C TYR B 419 -21.24 31.42 -22.50
N THR B 420 -20.46 31.66 -23.55
CA THR B 420 -19.06 31.26 -23.55
C THR B 420 -18.26 31.97 -22.46
N LYS B 421 -18.60 33.22 -22.17
CA LYS B 421 -17.89 34.00 -21.17
C LYS B 421 -18.55 33.95 -19.80
N LEU B 422 -19.59 33.14 -19.63
CA LEU B 422 -20.30 33.04 -18.36
C LEU B 422 -19.72 31.88 -17.58
N THR B 423 -18.71 32.18 -16.76
CA THR B 423 -17.98 31.19 -15.97
C THR B 423 -18.01 31.58 -14.50
N ASP B 424 -17.21 30.90 -13.69
CA ASP B 424 -17.12 31.24 -12.27
C ASP B 424 -16.56 32.63 -12.02
N ASN B 425 -15.86 33.22 -13.01
CA ASN B 425 -15.25 34.52 -12.80
C ASN B 425 -16.27 35.58 -12.41
N ILE B 426 -17.52 35.43 -12.86
CA ILE B 426 -18.54 36.41 -12.50
C ILE B 426 -18.68 36.53 -10.99
N PHE B 427 -18.50 35.41 -10.27
CA PHE B 427 -18.43 35.45 -8.81
C PHE B 427 -17.46 36.54 -8.37
N LEU B 428 -16.19 36.40 -8.76
CA LEU B 428 -15.21 37.42 -8.42
C LEU B 428 -15.59 38.77 -8.98
N GLU B 429 -16.22 38.79 -10.16
CA GLU B 429 -16.60 40.07 -10.76
C GLU B 429 -17.70 40.77 -9.96
N ILE B 430 -18.34 40.06 -9.02
CA ILE B 430 -19.20 40.72 -8.05
C ILE B 430 -18.43 41.06 -6.78
N LEU B 431 -17.46 40.22 -6.40
CA LEU B 431 -16.74 40.43 -5.15
C LEU B 431 -15.88 41.69 -5.19
N TYR B 432 -15.24 41.95 -6.33
CA TYR B 432 -14.36 43.10 -6.48
C TYR B 432 -15.04 44.26 -7.20
N SER B 433 -16.36 44.22 -7.32
CA SER B 433 -17.10 45.26 -8.02
C SER B 433 -17.17 46.53 -7.19
N THR B 434 -17.13 47.68 -7.86
CA THR B 434 -17.20 48.98 -7.21
C THR B 434 -18.48 49.73 -7.51
N ASP B 435 -19.33 49.23 -8.39
CA ASP B 435 -20.59 49.90 -8.69
C ASP B 435 -21.51 49.84 -7.47
N PRO B 436 -22.13 50.96 -7.09
CA PRO B 436 -23.04 50.93 -5.93
C PRO B 436 -24.22 49.98 -6.12
N LYS B 437 -24.70 49.81 -7.35
CA LYS B 437 -25.85 48.94 -7.58
C LYS B 437 -25.56 47.51 -7.17
N LEU B 438 -24.34 47.04 -7.44
CA LEU B 438 -23.94 45.69 -7.05
C LEU B 438 -23.64 45.58 -5.56
N LYS B 439 -23.65 46.70 -4.84
CA LYS B 439 -23.27 46.74 -3.43
C LYS B 439 -23.85 45.58 -2.63
N ASP B 440 -25.18 45.48 -2.60
CA ASP B 440 -25.84 44.43 -1.84
C ASP B 440 -25.27 43.07 -2.18
N ALA B 441 -25.19 42.76 -3.48
CA ALA B 441 -24.64 41.48 -3.91
C ALA B 441 -23.24 41.30 -3.35
N ARG B 442 -22.37 42.30 -3.56
CA ARG B 442 -21.01 42.22 -3.04
C ARG B 442 -21.02 41.97 -1.54
N GLU B 443 -21.91 42.65 -0.83
CA GLU B 443 -21.95 42.48 0.63
C GLU B 443 -22.25 41.03 0.98
N ILE B 444 -23.17 40.40 0.26
CA ILE B 444 -23.49 39.00 0.56
C ILE B 444 -22.26 38.14 0.31
N LEU B 445 -21.51 38.44 -0.75
CA LEU B 445 -20.27 37.71 -0.96
C LEU B 445 -19.33 37.95 0.21
N LYS B 446 -19.24 39.20 0.66
CA LYS B 446 -18.36 39.53 1.78
C LYS B 446 -18.57 38.58 2.96
N GLN B 447 -19.80 38.08 3.13
CA GLN B 447 -20.06 37.21 4.27
C GLN B 447 -19.15 35.99 4.27
N ILE B 448 -18.97 35.37 3.10
CA ILE B 448 -18.13 34.18 3.02
C ILE B 448 -16.70 34.50 3.43
N GLU B 449 -16.26 35.74 3.22
CA GLU B 449 -14.91 36.11 3.63
C GLU B 449 -14.72 35.90 5.12
N TYR B 450 -15.73 36.22 5.93
CA TYR B 450 -15.67 35.99 7.37
C TYR B 450 -16.45 34.75 7.78
N ARG B 451 -16.79 33.88 6.82
CA ARG B 451 -17.49 32.64 7.07
C ARG B 451 -18.84 32.87 7.76
N ASN B 452 -19.41 34.06 7.58
CA ASN B 452 -20.75 34.33 8.07
C ASN B 452 -21.73 33.64 7.13
N LEU B 453 -22.34 32.56 7.58
CA LEU B 453 -23.21 31.76 6.74
C LEU B 453 -24.57 31.61 7.40
N PHE B 454 -25.55 31.23 6.60
CA PHE B 454 -26.88 30.94 7.11
C PHE B 454 -26.82 29.70 8.01
N LYS B 455 -27.61 29.73 9.08
CA LYS B 455 -27.59 28.66 10.06
C LYS B 455 -28.64 27.60 9.74
N TYR B 456 -28.45 26.43 10.36
CA TYR B 456 -29.35 25.30 10.13
C TYR B 456 -30.61 25.45 10.97
N VAL B 457 -31.76 25.14 10.36
CA VAL B 457 -33.05 25.32 11.01
C VAL B 457 -33.90 24.06 10.99
N GLY B 458 -33.38 22.95 10.51
CA GLY B 458 -34.10 21.69 10.51
C GLY B 458 -34.13 21.07 9.13
N GLU B 459 -34.66 19.84 9.09
CA GLU B 459 -34.79 19.09 7.86
C GLU B 459 -36.17 18.45 7.79
N THR B 460 -36.67 18.28 6.57
CA THR B 460 -37.96 17.64 6.35
C THR B 460 -37.92 16.89 5.02
N GLN B 461 -38.82 15.93 4.89
CA GLN B 461 -38.90 15.11 3.69
C GLN B 461 -40.32 15.14 3.14
N PRO B 462 -40.49 15.21 1.81
CA PRO B 462 -41.76 15.22 1.08
C PRO B 462 -42.69 14.07 1.48
N LYS B 469 -41.38 20.32 -9.62
CA LYS B 469 -40.45 21.01 -10.50
C LYS B 469 -39.76 22.17 -9.79
N ARG B 470 -38.50 22.42 -10.13
CA ARG B 470 -37.76 23.51 -9.52
C ARG B 470 -38.39 24.86 -9.84
N GLU B 471 -38.92 25.01 -11.06
CA GLU B 471 -39.57 26.27 -11.45
C GLU B 471 -40.77 26.57 -10.57
N ASP B 472 -41.57 25.54 -10.25
CA ASP B 472 -42.74 25.76 -9.40
C ASP B 472 -42.33 26.13 -7.98
N TYR B 473 -41.19 25.64 -7.51
CA TYR B 473 -40.71 25.92 -6.16
C TYR B 473 -39.97 27.25 -6.06
N GLU B 474 -39.99 28.07 -7.11
CA GLU B 474 -39.32 29.37 -7.07
C GLU B 474 -39.85 30.22 -5.92
N SER B 475 -41.16 30.14 -5.65
CA SER B 475 -41.78 30.89 -4.59
C SER B 475 -41.88 30.10 -3.29
N LEU B 476 -41.19 28.96 -3.20
CA LEU B 476 -41.19 28.09 -2.02
C LEU B 476 -41.10 28.88 -0.72
N PRO B 477 -40.09 29.73 -0.56
CA PRO B 477 -39.96 30.52 0.68
C PRO B 477 -41.23 31.23 1.11
N LYS B 478 -42.06 31.67 0.14
CA LYS B 478 -43.31 32.35 0.49
C LYS B 478 -44.22 31.43 1.28
N GLU B 479 -44.38 30.18 0.83
CA GLU B 479 -45.11 29.20 1.62
C GLU B 479 -44.42 28.99 2.96
N VAL B 480 -43.09 28.97 2.98
CA VAL B 480 -42.37 28.94 4.24
C VAL B 480 -42.72 30.19 5.05
N ALA B 481 -42.72 31.36 4.40
CA ALA B 481 -43.17 32.56 5.07
C ALA B 481 -44.63 32.49 5.44
N SER B 482 -45.37 31.60 4.80
CA SER B 482 -46.78 31.43 5.14
C SER B 482 -46.91 30.65 6.44
N ALA B 483 -46.00 29.68 6.64
CA ALA B 483 -46.04 28.80 7.80
C ALA B 483 -45.09 29.24 8.91
N LYS B 484 -43.86 29.60 8.57
CA LYS B 484 -42.91 30.06 9.59
C LYS B 484 -43.42 31.29 10.32
N PRO B 485 -43.89 32.34 9.65
CA PRO B 485 -44.55 33.42 10.38
C PRO B 485 -45.86 32.95 10.98
N LYS B 486 -46.22 33.56 12.11
CA LYS B 486 -47.42 33.19 12.86
C LYS B 486 -47.43 31.70 13.20
N VAL B 487 -46.26 31.17 13.58
CA VAL B 487 -46.15 29.76 13.91
C VAL B 487 -46.57 29.53 15.36
N LEU B 488 -46.93 28.29 15.66
CA LEU B 488 -47.34 27.90 17.00
C LEU B 488 -46.19 28.08 18.01
N LYS B 492 -41.02 40.45 6.78
CA LYS B 492 -41.17 39.65 7.98
C LYS B 492 -39.86 38.94 8.34
N LEU B 493 -39.65 38.73 9.64
CA LEU B 493 -38.44 38.06 10.09
C LEU B 493 -38.40 36.62 9.59
N LYS B 494 -39.53 35.92 9.63
CA LYS B 494 -39.58 34.56 9.12
C LYS B 494 -39.27 34.51 7.63
N ALA B 495 -39.85 35.44 6.86
CA ALA B 495 -39.57 35.49 5.42
C ALA B 495 -38.10 35.80 5.17
N GLU B 496 -37.53 36.73 5.96
CA GLU B 496 -36.11 37.07 5.82
C GLU B 496 -35.23 35.85 6.07
N ASP B 497 -35.45 35.15 7.19
CA ASP B 497 -34.64 33.99 7.52
C ASP B 497 -34.91 32.78 6.64
N PHE B 498 -35.99 32.79 5.85
CA PHE B 498 -36.35 31.67 5.00
C PHE B 498 -35.45 31.61 3.78
N ILE B 499 -34.51 30.66 3.75
CA ILE B 499 -33.65 30.50 2.58
C ILE B 499 -33.73 29.06 2.12
N VAL B 500 -34.93 28.46 2.22
CA VAL B 500 -35.19 27.07 1.88
C VAL B 500 -34.60 26.70 0.52
N ASP B 501 -33.77 25.65 0.50
CA ASP B 501 -33.21 25.09 -0.72
C ASP B 501 -33.34 23.57 -0.60
N VAL B 502 -34.48 23.03 -1.07
CA VAL B 502 -34.75 21.61 -0.93
C VAL B 502 -33.69 20.79 -1.66
N ILE B 503 -33.40 21.16 -2.91
CA ILE B 503 -32.37 20.52 -3.73
C ILE B 503 -32.54 19.00 -3.73
N ASN B 504 -33.79 18.53 -3.83
CA ASN B 504 -34.08 17.11 -3.81
C ASN B 504 -33.39 16.36 -4.96
N PRO B 514 -25.67 -3.72 -9.80
CA PRO B 514 -26.67 -3.57 -8.74
C PRO B 514 -28.10 -3.67 -9.26
N ILE B 515 -28.83 -2.56 -9.24
CA ILE B 515 -30.21 -2.55 -9.69
C ILE B 515 -30.26 -2.39 -11.20
N ASP B 516 -30.97 -3.30 -11.87
CA ASP B 516 -31.13 -3.28 -13.32
C ASP B 516 -29.78 -3.32 -14.04
N HIS B 517 -28.85 -4.09 -13.51
CA HIS B 517 -27.51 -4.23 -14.07
C HIS B 517 -27.28 -5.67 -14.46
N VAL B 518 -26.99 -5.90 -15.75
CA VAL B 518 -26.63 -7.23 -16.23
C VAL B 518 -25.19 -7.52 -15.84
N SER B 519 -24.97 -8.69 -15.25
CA SER B 519 -23.65 -9.07 -14.77
C SER B 519 -23.41 -10.54 -15.10
N PHE B 520 -22.12 -10.89 -15.18
CA PHE B 520 -21.69 -12.26 -15.50
C PHE B 520 -22.31 -12.75 -16.80
N LEU B 549 -32.89 16.66 1.14
CA LEU B 549 -34.12 16.94 1.85
C LEU B 549 -34.34 18.43 2.01
N ILE B 550 -35.50 18.82 2.56
CA ILE B 550 -35.79 20.23 2.79
C ILE B 550 -34.78 20.79 3.79
N ARG B 551 -34.23 21.95 3.47
CA ARG B 551 -33.23 22.60 4.32
C ARG B 551 -33.46 24.11 4.26
N VAL B 552 -34.23 24.62 5.21
CA VAL B 552 -34.52 26.05 5.27
C VAL B 552 -33.36 26.76 5.97
N TYR B 553 -32.37 27.17 5.20
CA TYR B 553 -31.24 27.92 5.74
C TYR B 553 -31.71 29.22 6.38
N CYS B 554 -31.27 29.44 7.62
CA CYS B 554 -31.72 30.59 8.41
C CYS B 554 -30.85 31.79 8.06
N LYS B 555 -31.45 32.79 7.40
CA LYS B 555 -30.67 33.97 7.01
C LYS B 555 -30.28 34.80 8.23
N LYS B 556 -31.21 35.01 9.15
CA LYS B 556 -30.92 35.75 10.38
C LYS B 556 -30.13 34.85 11.33
N VAL B 557 -28.91 35.26 11.64
CA VAL B 557 -28.01 34.45 12.47
C VAL B 557 -28.05 34.91 13.94
N ASP B 558 -29.08 35.64 14.33
CA ASP B 558 -29.20 36.08 15.72
C ASP B 558 -29.28 34.88 16.65
N ARG B 559 -28.49 34.91 17.73
CA ARG B 559 -28.45 33.78 18.64
C ARG B 559 -29.76 33.62 19.40
N LYS B 560 -30.33 34.73 19.88
CA LYS B 560 -31.60 34.65 20.61
C LYS B 560 -32.73 34.20 19.69
N SER B 561 -32.77 34.74 18.47
CA SER B 561 -33.82 34.38 17.53
C SER B 561 -33.64 32.98 16.95
N LEU B 562 -32.51 32.33 17.21
CA LEU B 562 -32.26 31.00 16.64
C LEU B 562 -33.28 29.99 17.16
N TYR B 563 -33.56 30.01 18.47
CA TYR B 563 -34.52 29.07 19.02
C TYR B 563 -35.92 29.32 18.48
N ALA B 564 -36.31 30.60 18.34
CA ALA B 564 -37.61 30.92 17.77
C ALA B 564 -37.71 30.46 16.33
N ALA B 565 -36.65 30.66 15.54
CA ALA B 565 -36.66 30.19 14.15
C ALA B 565 -36.75 28.66 14.08
N ARG B 566 -36.02 27.97 14.96
CA ARG B 566 -36.09 26.51 14.97
C ARG B 566 -37.49 26.04 15.33
N GLN B 567 -38.09 26.65 16.35
CA GLN B 567 -39.44 26.27 16.75
C GLN B 567 -40.44 26.54 15.63
N TYR B 568 -40.31 27.69 14.96
CA TYR B 568 -41.20 28.01 13.86
C TYR B 568 -41.06 27.01 12.72
N PHE B 569 -39.82 26.64 12.37
CA PHE B 569 -39.61 25.66 11.31
C PHE B 569 -40.20 24.30 11.69
N VAL B 570 -40.01 23.89 12.94
CA VAL B 570 -40.56 22.61 13.39
C VAL B 570 -42.08 22.64 13.31
N GLN B 571 -42.69 23.72 13.79
CA GLN B 571 -44.14 23.84 13.74
C GLN B 571 -44.63 23.83 12.31
N TRP B 572 -43.94 24.53 11.42
CA TRP B 572 -44.35 24.57 10.01
C TRP B 572 -44.30 23.19 9.40
N CYS B 573 -43.22 22.45 9.63
CA CYS B 573 -43.08 21.12 9.06
C CYS B 573 -44.14 20.18 9.61
N ALA B 574 -44.34 20.20 10.94
CA ALA B 574 -45.30 19.29 11.56
C ALA B 574 -46.74 19.67 11.30
N ASP B 575 -46.99 20.90 10.85
CA ASP B 575 -48.34 21.32 10.50
C ASP B 575 -48.68 21.08 9.03
N ARG B 576 -47.85 21.57 8.12
CA ARG B 576 -48.22 21.59 6.70
C ARG B 576 -48.38 20.19 6.10
N ASN B 577 -47.28 19.44 5.96
CA ASN B 577 -47.34 18.16 5.28
C ASN B 577 -46.44 17.07 5.85
N PHE B 578 -45.74 17.31 6.94
CA PHE B 578 -44.71 16.38 7.41
C PHE B 578 -44.68 16.42 8.93
N THR B 579 -43.59 15.92 9.51
CA THR B 579 -43.41 15.92 10.95
C THR B 579 -41.98 16.28 11.32
N THR C 114 12.73 -26.75 -21.99
CA THR C 114 11.60 -26.62 -21.07
C THR C 114 11.78 -25.41 -20.16
N MET C 115 10.86 -25.23 -19.22
CA MET C 115 10.95 -24.14 -18.25
C MET C 115 10.03 -24.36 -17.06
N LYS C 116 10.59 -24.56 -15.87
CA LYS C 116 9.78 -24.72 -14.67
C LYS C 116 9.62 -23.40 -13.94
N VAL C 117 8.54 -23.27 -13.20
CA VAL C 117 8.26 -22.07 -12.41
C VAL C 117 7.72 -22.47 -11.05
N ILE C 118 8.22 -21.82 -10.00
CA ILE C 118 7.85 -22.12 -8.62
C ILE C 118 7.29 -20.85 -8.00
N ASN C 119 6.11 -20.96 -7.38
CA ASN C 119 5.50 -19.83 -6.71
C ASN C 119 6.01 -19.74 -5.27
N ASP C 120 6.65 -18.61 -4.94
CA ASP C 120 7.11 -18.29 -3.61
C ASP C 120 6.44 -17.00 -3.13
N PRO C 121 6.02 -16.95 -1.86
CA PRO C 121 5.30 -15.75 -1.39
C PRO C 121 6.11 -14.48 -1.42
N ILE C 122 7.43 -14.57 -1.24
CA ILE C 122 8.25 -13.37 -1.04
C ILE C 122 8.71 -12.78 -2.36
N HIS C 123 9.32 -13.58 -3.22
CA HIS C 123 9.80 -13.12 -4.52
C HIS C 123 8.82 -13.41 -5.66
N GLY C 124 7.60 -13.85 -5.34
CA GLY C 124 6.61 -14.12 -6.36
C GLY C 124 6.92 -15.33 -7.22
N HIS C 125 6.98 -15.15 -8.54
CA HIS C 125 7.27 -16.26 -9.43
C HIS C 125 8.77 -16.38 -9.63
N ILE C 126 9.33 -17.53 -9.24
CA ILE C 126 10.75 -17.82 -9.39
C ILE C 126 10.87 -18.83 -10.52
N GLU C 127 11.49 -18.43 -11.63
CA GLU C 127 11.60 -19.30 -12.78
C GLU C 127 12.92 -20.04 -12.74
N LEU C 128 12.88 -21.34 -13.02
CA LEU C 128 14.05 -22.19 -13.01
C LEU C 128 14.08 -23.02 -14.29
N HIS C 129 15.29 -23.41 -14.69
CA HIS C 129 15.50 -24.28 -15.82
C HIS C 129 15.80 -25.69 -15.33
N PRO C 130 15.63 -26.71 -16.17
CA PRO C 130 15.56 -28.08 -15.63
C PRO C 130 16.83 -28.54 -14.92
N LEU C 131 18.00 -28.01 -15.28
CA LEU C 131 19.20 -28.34 -14.52
C LEU C 131 19.11 -27.83 -13.09
N LEU C 132 18.67 -26.58 -12.92
CA LEU C 132 18.53 -26.01 -11.58
C LEU C 132 17.48 -26.75 -10.77
N VAL C 133 16.37 -27.13 -11.40
CA VAL C 133 15.35 -27.90 -10.70
C VAL C 133 15.88 -29.26 -10.29
N ARG C 134 16.55 -29.95 -11.22
CA ARG C 134 17.09 -31.28 -10.93
C ARG C 134 18.07 -31.23 -9.78
N ILE C 135 18.89 -30.18 -9.70
CA ILE C 135 19.72 -30.00 -8.51
C ILE C 135 18.83 -29.72 -7.31
N ILE C 136 17.78 -28.94 -7.50
CA ILE C 136 16.93 -28.49 -6.40
C ILE C 136 16.07 -29.63 -5.89
N ASP C 137 15.21 -30.16 -6.76
CA ASP C 137 14.22 -31.18 -6.37
C ASP C 137 14.90 -32.54 -6.26
N THR C 138 15.79 -32.64 -5.29
CA THR C 138 16.56 -33.84 -4.99
C THR C 138 16.51 -34.07 -3.49
N PRO C 139 16.82 -35.28 -3.03
CA PRO C 139 16.69 -35.57 -1.59
C PRO C 139 17.58 -34.70 -0.72
N GLN C 140 18.74 -34.26 -1.22
CA GLN C 140 19.69 -33.55 -0.38
C GLN C 140 19.38 -32.06 -0.25
N PHE C 141 18.35 -31.57 -0.94
CA PHE C 141 17.81 -30.23 -0.73
C PHE C 141 16.51 -30.22 0.07
N GLN C 142 15.60 -31.16 -0.20
CA GLN C 142 14.38 -31.28 0.60
C GLN C 142 14.63 -31.46 2.09
N ARG C 143 15.79 -31.99 2.48
CA ARG C 143 16.13 -32.02 3.90
C ARG C 143 16.01 -30.63 4.51
N LEU C 144 16.36 -29.60 3.74
CA LEU C 144 16.20 -28.20 4.17
C LEU C 144 14.76 -27.89 4.54
N ARG C 145 13.79 -28.58 3.93
CA ARG C 145 12.38 -28.27 4.18
C ARG C 145 11.99 -28.47 5.64
N TYR C 146 12.76 -29.23 6.41
CA TYR C 146 12.45 -29.50 7.81
C TYR C 146 13.48 -28.91 8.75
N ILE C 147 14.35 -28.03 8.28
CA ILE C 147 15.30 -27.32 9.10
C ILE C 147 14.98 -25.83 8.97
N LYS C 148 14.51 -25.22 10.06
CA LYS C 148 14.07 -23.84 10.00
C LYS C 148 15.27 -22.91 9.80
N GLN C 149 15.13 -21.95 8.88
CA GLN C 149 16.20 -20.99 8.64
C GLN C 149 16.52 -20.21 9.90
N LEU C 150 15.50 -19.72 10.58
CA LEU C 150 15.66 -18.99 11.85
C LEU C 150 15.24 -19.96 12.95
N GLY C 151 16.21 -20.68 13.49
CA GLY C 151 15.97 -21.76 14.43
C GLY C 151 15.50 -21.35 15.81
N GLY C 152 16.32 -20.58 16.53
CA GLY C 152 16.09 -20.40 17.95
C GLY C 152 14.92 -19.51 18.32
N GLY C 153 14.34 -18.81 17.34
CA GLY C 153 13.14 -18.05 17.65
C GLY C 153 11.87 -18.85 17.68
N TYR C 154 11.93 -20.15 17.34
CA TYR C 154 10.73 -20.96 17.20
C TYR C 154 9.91 -20.98 18.49
N TYR C 155 10.57 -21.00 19.64
CA TYR C 155 9.91 -20.90 20.93
C TYR C 155 9.96 -19.49 21.51
N VAL C 156 10.44 -18.52 20.74
CA VAL C 156 10.49 -17.12 21.16
C VAL C 156 9.62 -16.25 20.27
N PHE C 157 9.80 -16.33 18.96
CA PHE C 157 8.97 -15.60 18.01
C PHE C 157 7.97 -16.57 17.41
N PRO C 158 6.68 -16.49 17.78
CA PRO C 158 5.74 -17.55 17.37
C PRO C 158 5.62 -17.71 15.86
N GLY C 159 5.66 -16.61 15.11
CA GLY C 159 5.48 -16.71 13.67
C GLY C 159 6.70 -17.11 12.88
N ALA C 160 7.87 -17.19 13.52
CA ALA C 160 9.13 -17.40 12.81
C ALA C 160 9.39 -18.89 12.56
N SER C 161 8.44 -19.52 11.88
CA SER C 161 8.50 -20.95 11.59
C SER C 161 8.97 -21.25 10.17
N HIS C 162 9.49 -20.25 9.46
CA HIS C 162 9.91 -20.44 8.09
C HIS C 162 11.04 -21.47 8.00
N ASN C 163 11.05 -22.22 6.91
CA ASN C 163 12.09 -23.20 6.64
C ASN C 163 13.03 -22.72 5.54
N ARG C 164 14.15 -23.42 5.39
CA ARG C 164 15.19 -23.04 4.44
C ARG C 164 14.70 -23.03 2.99
N PHE C 165 13.52 -23.61 2.72
CA PHE C 165 13.02 -23.69 1.36
C PHE C 165 12.74 -22.30 0.80
N GLU C 166 12.01 -21.47 1.54
CA GLU C 166 11.69 -20.14 1.08
C GLU C 166 12.93 -19.26 0.98
N HIS C 167 13.89 -19.42 1.90
CA HIS C 167 15.13 -18.67 1.82
C HIS C 167 15.93 -19.04 0.56
N SER C 168 16.06 -20.34 0.27
CA SER C 168 16.79 -20.73 -0.93
C SER C 168 16.07 -20.29 -2.20
N LEU C 169 14.74 -20.43 -2.23
CA LEU C 169 13.99 -19.98 -3.38
C LEU C 169 14.18 -18.49 -3.62
N GLY C 170 14.10 -17.70 -2.55
CA GLY C 170 14.27 -16.26 -2.70
C GLY C 170 15.66 -15.91 -3.20
N VAL C 171 16.68 -16.61 -2.69
CA VAL C 171 18.04 -16.30 -3.12
C VAL C 171 18.22 -16.63 -4.60
N GLY C 172 17.70 -17.79 -5.04
CA GLY C 172 17.77 -18.11 -6.46
C GLY C 172 17.06 -17.11 -7.34
N TYR C 173 15.84 -16.71 -6.95
CA TYR C 173 15.10 -15.74 -7.74
C TYR C 173 15.85 -14.42 -7.84
N LEU C 174 16.35 -13.93 -6.71
CA LEU C 174 17.05 -12.65 -6.70
C LEU C 174 18.30 -12.72 -7.56
N ALA C 175 19.08 -13.80 -7.44
CA ALA C 175 20.29 -13.93 -8.24
C ALA C 175 19.97 -13.97 -9.72
N GLY C 176 18.92 -14.70 -10.09
CA GLY C 176 18.54 -14.75 -11.50
C GLY C 176 18.13 -13.40 -12.04
N CYS C 177 17.34 -12.64 -11.26
CA CYS C 177 16.91 -11.32 -11.72
C CYS C 177 18.08 -10.36 -11.82
N LEU C 178 18.97 -10.37 -10.83
CA LEU C 178 20.10 -9.44 -10.81
C LEU C 178 21.10 -9.75 -11.90
N VAL C 179 21.29 -11.04 -12.26
CA VAL C 179 22.20 -11.34 -13.35
C VAL C 179 21.52 -11.23 -14.72
N HIS C 180 20.19 -11.29 -14.79
CA HIS C 180 19.53 -11.08 -16.07
C HIS C 180 19.38 -9.61 -16.42
N ALA C 181 19.20 -8.75 -15.41
CA ALA C 181 19.15 -7.31 -15.66
C ALA C 181 20.51 -6.78 -16.09
N LEU C 182 21.57 -7.20 -15.42
CA LEU C 182 22.95 -6.83 -15.78
C LEU C 182 23.43 -7.71 -16.92
N GLY C 183 23.22 -7.23 -18.14
CA GLY C 183 23.56 -7.99 -19.33
C GLY C 183 22.55 -7.73 -20.43
N GLU C 184 21.36 -7.29 -20.03
CA GLU C 184 20.45 -6.62 -20.94
C GLU C 184 20.60 -5.10 -20.88
N LYS C 185 21.04 -4.57 -19.74
CA LYS C 185 21.35 -3.16 -19.59
C LYS C 185 22.83 -2.87 -19.75
N GLN C 186 23.60 -3.84 -20.24
CA GLN C 186 25.02 -3.68 -20.53
C GLN C 186 25.45 -4.79 -21.49
N PRO C 187 24.88 -4.84 -22.70
CA PRO C 187 25.14 -5.94 -23.63
C PRO C 187 26.42 -5.78 -24.46
N GLU C 188 27.51 -5.45 -23.78
CA GLU C 188 28.80 -5.26 -24.45
C GLU C 188 29.77 -6.40 -24.23
N LEU C 189 29.56 -7.25 -23.22
CA LEU C 189 30.43 -8.38 -22.96
C LEU C 189 29.86 -9.71 -23.43
N GLN C 190 28.56 -9.78 -23.69
CA GLN C 190 27.90 -10.98 -24.22
C GLN C 190 28.21 -12.20 -23.35
N ILE C 191 27.75 -12.14 -22.10
CA ILE C 191 27.98 -13.21 -21.13
C ILE C 191 27.29 -14.49 -21.61
N SER C 192 27.62 -15.61 -20.98
CA SER C 192 27.11 -16.90 -21.41
C SER C 192 26.19 -17.48 -20.36
N GLU C 193 25.19 -18.24 -20.83
CA GLU C 193 24.24 -18.87 -19.92
C GLU C 193 24.92 -19.84 -18.96
N ARG C 194 25.98 -20.51 -19.41
CA ARG C 194 26.68 -21.46 -18.56
C ARG C 194 27.15 -20.82 -17.26
N ASP C 195 27.71 -19.60 -17.36
CA ASP C 195 28.15 -18.89 -16.16
C ASP C 195 26.98 -18.61 -15.22
N VAL C 196 25.86 -18.13 -15.76
CA VAL C 196 24.70 -17.87 -14.92
C VAL C 196 24.21 -19.16 -14.28
N LEU C 197 24.22 -20.27 -15.01
CA LEU C 197 23.79 -21.54 -14.44
C LEU C 197 24.70 -21.95 -13.27
N CYS C 198 26.00 -21.76 -13.44
CA CYS C 198 26.95 -22.07 -12.37
C CYS C 198 26.71 -21.19 -11.15
N VAL C 199 26.49 -19.90 -11.38
CA VAL C 199 26.20 -18.99 -10.28
C VAL C 199 24.91 -19.38 -9.59
N GLN C 200 23.88 -19.76 -10.35
CA GLN C 200 22.63 -20.18 -9.74
C GLN C 200 22.83 -21.43 -8.90
N ILE C 201 23.66 -22.36 -9.39
CA ILE C 201 23.94 -23.57 -8.60
C ILE C 201 24.60 -23.19 -7.29
N ALA C 202 25.56 -22.26 -7.33
CA ALA C 202 26.22 -21.78 -6.13
C ALA C 202 25.23 -21.12 -5.19
N GLY C 203 24.35 -20.28 -5.75
CA GLY C 203 23.34 -19.61 -4.95
C GLY C 203 22.39 -20.55 -4.25
N LEU C 204 21.98 -21.63 -4.95
CA LEU C 204 21.09 -22.60 -4.32
C LEU C 204 21.75 -23.26 -3.12
N CYS C 205 23.03 -22.94 -2.89
CA CYS C 205 23.73 -23.24 -1.65
C CYS C 205 23.83 -22.01 -0.74
N HIS C 206 22.82 -21.14 -0.78
CA HIS C 206 22.84 -19.94 0.06
C HIS C 206 22.87 -20.31 1.54
N ASP C 207 22.20 -21.40 1.91
CA ASP C 207 22.27 -21.94 3.27
C ASP C 207 22.31 -23.47 3.27
N LEU C 208 22.57 -24.10 2.12
CA LEU C 208 22.49 -25.55 1.96
C LEU C 208 23.26 -26.35 3.01
N GLY C 209 24.51 -25.96 3.29
CA GLY C 209 25.33 -26.73 4.21
C GLY C 209 24.71 -26.91 5.58
N HIS C 210 23.85 -25.99 5.99
CA HIS C 210 23.29 -26.01 7.34
C HIS C 210 22.62 -27.33 7.65
N GLY C 211 22.79 -27.79 8.88
CA GLY C 211 22.18 -29.01 9.35
C GLY C 211 21.09 -28.69 10.36
N PRO C 212 20.97 -29.52 11.40
CA PRO C 212 19.94 -29.25 12.41
C PRO C 212 20.14 -27.88 13.04
N PHE C 213 19.01 -27.23 13.33
CA PHE C 213 19.00 -25.87 13.89
C PHE C 213 19.75 -24.89 12.99
N SER C 214 19.68 -25.12 11.67
CA SER C 214 20.20 -24.21 10.65
C SER C 214 21.64 -23.79 10.91
N HIS C 215 21.85 -22.47 11.04
CA HIS C 215 23.19 -21.92 11.12
C HIS C 215 23.94 -22.40 12.35
N MET C 216 23.23 -23.01 13.31
CA MET C 216 23.88 -23.56 14.49
C MET C 216 24.84 -24.67 14.10
N PHE C 217 24.47 -25.48 13.10
CA PHE C 217 25.25 -26.68 12.79
C PHE C 217 26.70 -26.31 12.48
N ASP C 218 26.89 -25.32 11.62
CA ASP C 218 28.24 -24.86 11.34
C ASP C 218 28.61 -23.68 12.22
N GLY C 219 27.66 -23.17 12.99
CA GLY C 219 27.91 -22.03 13.85
C GLY C 219 28.38 -22.46 15.22
N ARG C 220 27.56 -23.28 15.88
CA ARG C 220 27.78 -23.63 17.28
C ARG C 220 27.68 -25.12 17.57
N PHE C 221 27.32 -25.97 16.61
CA PHE C 221 27.24 -27.41 16.86
C PHE C 221 28.51 -28.15 16.44
N ILE C 222 28.83 -28.14 15.15
CA ILE C 222 29.99 -28.91 14.68
C ILE C 222 31.30 -28.37 15.23
N PRO C 223 31.55 -27.06 15.21
CA PRO C 223 32.78 -26.55 15.86
C PRO C 223 32.85 -26.80 17.35
N LEU C 224 31.71 -26.82 18.05
CA LEU C 224 31.73 -27.10 19.49
C LEU C 224 31.95 -28.56 19.81
N ALA C 225 31.45 -29.48 18.97
CA ALA C 225 31.54 -30.90 19.29
C ALA C 225 32.84 -31.51 18.81
N ARG C 226 33.28 -31.18 17.60
CA ARG C 226 34.56 -31.65 17.09
C ARG C 226 35.51 -30.47 17.00
N PRO C 227 36.06 -30.01 18.13
CA PRO C 227 36.84 -28.76 18.11
C PRO C 227 38.03 -28.79 17.18
N GLU C 228 38.65 -29.95 16.97
CA GLU C 228 39.83 -30.03 16.12
C GLU C 228 39.49 -30.08 14.64
N VAL C 229 38.22 -30.16 14.28
CA VAL C 229 37.80 -30.29 12.89
C VAL C 229 37.53 -28.90 12.33
N LYS C 230 38.18 -28.59 11.20
CA LYS C 230 38.04 -27.30 10.54
C LYS C 230 37.05 -27.47 9.39
N TRP C 231 35.80 -27.05 9.62
CA TRP C 231 34.74 -27.23 8.63
C TRP C 231 33.87 -25.97 8.61
N THR C 232 33.49 -25.55 7.41
CA THR C 232 32.64 -24.38 7.22
C THR C 232 31.52 -24.74 6.25
N HIS C 233 30.37 -24.10 6.42
CA HIS C 233 29.20 -24.57 5.70
C HIS C 233 29.16 -24.12 4.25
N GLU C 234 29.98 -23.15 3.84
CA GLU C 234 30.09 -22.89 2.41
C GLU C 234 30.88 -23.98 1.71
N GLN C 235 32.00 -24.41 2.30
CA GLN C 235 32.72 -25.55 1.77
C GLN C 235 31.89 -26.81 1.85
N GLY C 236 31.14 -26.98 2.94
CA GLY C 236 30.24 -28.10 3.04
C GLY C 236 29.16 -28.07 1.98
N SER C 237 28.63 -26.89 1.68
CA SER C 237 27.64 -26.77 0.61
C SER C 237 28.25 -27.16 -0.72
N VAL C 238 29.49 -26.73 -0.96
CA VAL C 238 30.16 -27.06 -2.22
C VAL C 238 30.33 -28.57 -2.34
N MET C 239 30.78 -29.21 -1.26
CA MET C 239 30.98 -30.65 -1.28
C MET C 239 29.65 -31.38 -1.47
N MET C 240 28.59 -30.91 -0.80
CA MET C 240 27.28 -31.54 -0.95
C MET C 240 26.78 -31.39 -2.38
N PHE C 241 27.04 -30.25 -3.00
CA PHE C 241 26.64 -30.07 -4.40
C PHE C 241 27.40 -31.03 -5.29
N GLU C 242 28.70 -31.21 -5.02
CA GLU C 242 29.49 -32.17 -5.78
C GLU C 242 28.93 -33.58 -5.62
N HIS C 243 28.53 -33.93 -4.40
CA HIS C 243 27.91 -35.23 -4.15
C HIS C 243 26.59 -35.36 -4.91
N LEU C 244 25.78 -34.30 -4.92
CA LEU C 244 24.52 -34.32 -5.65
C LEU C 244 24.77 -34.55 -7.13
N ILE C 245 25.77 -33.86 -7.69
CA ILE C 245 26.13 -34.04 -9.09
C ILE C 245 26.57 -35.48 -9.34
N ASN C 246 27.42 -36.01 -8.46
CA ASN C 246 28.03 -37.31 -8.69
C ASN C 246 27.03 -38.45 -8.50
N SER C 247 26.01 -38.25 -7.69
CA SER C 247 25.03 -39.30 -7.39
C SER C 247 23.81 -39.21 -8.29
N ASN C 248 23.32 -38.00 -8.57
CA ASN C 248 22.09 -37.81 -9.31
C ASN C 248 22.30 -37.80 -10.82
N GLY C 249 23.55 -37.96 -11.26
CA GLY C 249 23.83 -38.12 -12.69
C GLY C 249 23.50 -36.91 -13.52
N ILE C 250 23.83 -35.71 -13.04
CA ILE C 250 23.53 -34.49 -13.79
C ILE C 250 24.67 -34.01 -14.68
N LYS C 251 25.90 -34.46 -14.43
CA LYS C 251 27.03 -33.97 -15.22
C LYS C 251 26.91 -34.29 -16.70
N PRO C 252 26.51 -35.49 -17.12
CA PRO C 252 26.37 -35.73 -18.56
C PRO C 252 25.39 -34.77 -19.22
N VAL C 253 24.32 -34.41 -18.52
CA VAL C 253 23.35 -33.48 -19.07
C VAL C 253 23.78 -32.04 -18.87
N MET C 254 24.69 -31.79 -17.92
CA MET C 254 25.35 -30.50 -17.85
C MET C 254 26.19 -30.27 -19.11
N GLU C 255 26.96 -31.28 -19.52
CA GLU C 255 27.73 -31.13 -20.76
C GLU C 255 26.81 -31.13 -21.96
N GLN C 256 25.68 -31.85 -21.89
CA GLN C 256 24.72 -31.84 -22.98
C GLN C 256 24.09 -30.47 -23.14
N TYR C 257 23.62 -29.88 -22.04
CA TYR C 257 22.93 -28.60 -22.05
C TYR C 257 23.88 -27.43 -21.79
N GLY C 258 25.14 -27.58 -22.15
CA GLY C 258 26.07 -26.46 -22.11
C GLY C 258 26.65 -26.11 -20.76
N LEU C 259 27.37 -27.05 -20.13
CA LEU C 259 28.24 -26.73 -19.01
C LEU C 259 29.46 -27.64 -19.07
N ILE C 260 30.63 -27.05 -18.80
CA ILE C 260 31.89 -27.78 -18.90
C ILE C 260 32.48 -27.96 -17.52
N PRO C 261 32.44 -29.17 -16.95
CA PRO C 261 32.85 -29.34 -15.55
C PRO C 261 34.24 -28.82 -15.25
N GLU C 262 35.20 -29.00 -16.18
CA GLU C 262 36.57 -28.59 -15.92
C GLU C 262 36.65 -27.11 -15.55
N GLU C 263 35.86 -26.26 -16.20
CA GLU C 263 35.80 -24.85 -15.85
C GLU C 263 34.54 -24.43 -15.13
N ASP C 264 33.38 -25.02 -15.47
CA ASP C 264 32.14 -24.63 -14.81
C ASP C 264 32.11 -25.08 -13.36
N ILE C 265 32.60 -26.29 -13.09
CA ILE C 265 32.64 -26.78 -11.72
C ILE C 265 33.61 -25.94 -10.88
N CYS C 266 34.76 -25.58 -11.45
CA CYS C 266 35.69 -24.71 -10.73
C CYS C 266 35.08 -23.35 -10.46
N PHE C 267 34.38 -22.78 -11.45
CA PHE C 267 33.73 -21.49 -11.25
C PHE C 267 32.67 -21.56 -10.16
N ILE C 268 31.83 -22.61 -10.20
CA ILE C 268 30.76 -22.75 -9.22
C ILE C 268 31.32 -22.96 -7.83
N LYS C 269 32.34 -23.82 -7.71
CA LYS C 269 32.97 -24.07 -6.42
C LYS C 269 33.60 -22.82 -5.85
N GLU C 270 34.29 -22.03 -6.68
CA GLU C 270 34.87 -20.78 -6.19
C GLU C 270 33.80 -19.75 -5.82
N GLN C 271 32.71 -19.70 -6.58
CA GLN C 271 31.60 -18.81 -6.22
C GLN C 271 30.98 -19.22 -4.89
N ILE C 272 30.88 -20.52 -4.64
CA ILE C 272 30.26 -21.01 -3.41
C ILE C 272 31.16 -20.79 -2.21
N VAL C 273 32.45 -21.12 -2.34
CA VAL C 273 33.36 -21.15 -1.20
C VAL C 273 34.30 -19.95 -1.19
N GLY C 274 34.82 -19.56 -2.36
CA GLY C 274 35.75 -18.46 -2.43
C GLY C 274 37.08 -18.91 -3.02
N PRO C 275 38.18 -18.40 -2.46
CA PRO C 275 39.50 -18.85 -2.91
C PRO C 275 39.79 -20.27 -2.45
N LEU C 276 39.75 -21.23 -3.39
CA LEU C 276 39.86 -22.63 -3.02
C LEU C 276 41.22 -22.93 -2.38
N GLU C 277 42.30 -22.41 -2.96
CA GLU C 277 43.63 -22.59 -2.42
C GLU C 277 43.98 -21.42 -1.52
N SER C 278 45.24 -21.36 -1.09
CA SER C 278 45.73 -20.28 -0.22
C SER C 278 46.99 -19.68 -0.82
N PRO C 279 46.85 -18.98 -1.94
CA PRO C 279 48.01 -18.29 -2.52
C PRO C 279 48.20 -16.91 -1.92
N VAL C 280 49.43 -16.59 -1.56
CA VAL C 280 49.77 -15.33 -0.90
C VAL C 280 50.40 -14.44 -1.98
N GLU C 281 49.57 -13.61 -2.61
CA GLU C 281 50.03 -12.65 -3.61
C GLU C 281 49.01 -11.54 -3.72
N ASP C 282 49.40 -10.33 -3.30
CA ASP C 282 48.47 -9.21 -3.32
C ASP C 282 48.13 -8.79 -4.75
N SER C 283 49.14 -8.67 -5.60
CA SER C 283 48.93 -8.22 -6.98
C SER C 283 48.77 -9.43 -7.91
N LEU C 284 47.68 -10.16 -7.67
CA LEU C 284 47.34 -11.31 -8.49
C LEU C 284 45.86 -11.63 -8.30
N TRP C 285 45.32 -12.37 -9.26
CA TRP C 285 43.95 -12.89 -9.17
C TRP C 285 44.02 -14.38 -8.88
N PRO C 286 43.85 -14.80 -7.62
CA PRO C 286 44.02 -16.23 -7.30
C PRO C 286 42.84 -17.08 -7.74
N TYR C 287 41.96 -16.52 -8.56
CA TYR C 287 40.77 -17.24 -9.04
C TYR C 287 40.99 -17.63 -10.50
N LYS C 288 41.35 -18.89 -10.72
CA LYS C 288 41.44 -19.45 -12.06
C LYS C 288 40.18 -20.19 -12.47
N GLY C 289 39.13 -20.17 -11.63
CA GLY C 289 37.91 -20.86 -11.98
C GLY C 289 37.19 -20.21 -13.15
N ARG C 290 37.02 -18.89 -13.10
CA ARG C 290 36.40 -18.14 -14.18
C ARG C 290 37.32 -17.01 -14.63
N PRO C 291 37.40 -16.76 -15.93
CA PRO C 291 38.29 -15.70 -16.42
C PRO C 291 37.82 -14.33 -15.97
N GLU C 292 38.77 -13.41 -15.87
CA GLU C 292 38.49 -12.09 -15.31
C GLU C 292 37.54 -11.27 -16.17
N ASN C 293 37.33 -11.65 -17.44
CA ASN C 293 36.37 -10.96 -18.28
C ASN C 293 34.94 -11.12 -17.76
N LYS C 294 34.77 -11.91 -16.70
CA LYS C 294 33.48 -12.04 -16.01
C LYS C 294 33.67 -11.88 -14.51
N SER C 295 34.65 -11.06 -14.10
CA SER C 295 34.94 -10.92 -12.68
C SER C 295 33.73 -10.43 -11.90
N PHE C 296 32.96 -9.52 -12.48
CA PHE C 296 31.79 -9.00 -11.78
C PHE C 296 30.82 -10.10 -11.41
N LEU C 297 30.83 -11.21 -12.17
CA LEU C 297 29.91 -12.31 -11.88
C LEU C 297 30.19 -12.96 -10.54
N TYR C 298 31.36 -12.69 -9.94
CA TYR C 298 31.69 -13.24 -8.64
C TYR C 298 31.35 -12.27 -7.51
N GLU C 299 30.40 -11.35 -7.73
CA GLU C 299 29.86 -10.54 -6.65
C GLU C 299 28.34 -10.52 -6.68
N ILE C 300 27.72 -11.60 -7.14
CA ILE C 300 26.29 -11.65 -7.35
C ILE C 300 25.60 -12.61 -6.39
N VAL C 301 26.19 -13.78 -6.16
CA VAL C 301 25.55 -14.83 -5.37
C VAL C 301 26.06 -14.86 -3.93
N SER C 302 27.38 -14.78 -3.74
CA SER C 302 27.96 -14.82 -2.40
C SER C 302 29.19 -13.93 -2.38
N ASN C 303 29.02 -12.70 -1.91
CA ASN C 303 30.12 -11.74 -1.76
C ASN C 303 30.19 -11.30 -0.32
N LYS C 304 31.38 -11.37 0.27
CA LYS C 304 31.56 -11.07 1.68
C LYS C 304 32.32 -9.76 1.93
N ARG C 305 32.79 -9.09 0.89
CA ARG C 305 33.56 -7.86 1.02
C ARG C 305 32.76 -6.62 0.67
N ASN C 306 32.15 -6.59 -0.52
CA ASN C 306 31.37 -5.43 -0.92
C ASN C 306 30.02 -5.38 -0.20
N GLY C 307 29.45 -6.52 0.15
CA GLY C 307 28.19 -6.56 0.85
C GLY C 307 26.96 -6.46 -0.02
N ILE C 308 27.11 -6.51 -1.33
CA ILE C 308 25.97 -6.50 -2.26
C ILE C 308 25.72 -7.95 -2.64
N ASP C 309 24.85 -8.62 -1.89
CA ASP C 309 24.57 -10.03 -2.09
C ASP C 309 23.07 -10.28 -2.04
N VAL C 310 22.59 -11.13 -2.94
CA VAL C 310 21.16 -11.42 -3.02
C VAL C 310 20.68 -12.19 -1.80
N ASP C 311 21.59 -12.93 -1.16
CA ASP C 311 21.22 -13.71 0.02
C ASP C 311 20.64 -12.84 1.12
N LYS C 312 21.32 -11.74 1.46
CA LYS C 312 20.82 -10.88 2.52
C LYS C 312 19.46 -10.30 2.16
N TRP C 313 19.28 -9.87 0.91
CA TRP C 313 18.00 -9.37 0.45
C TRP C 313 16.90 -10.40 0.67
N ASP C 314 17.13 -11.63 0.20
CA ASP C 314 16.10 -12.65 0.24
C ASP C 314 15.75 -13.02 1.68
N TYR C 315 16.77 -13.17 2.53
CA TYR C 315 16.48 -13.61 3.89
C TYR C 315 15.92 -12.48 4.75
N PHE C 316 16.27 -11.23 4.44
CA PHE C 316 15.63 -10.10 5.09
C PHE C 316 14.14 -10.04 4.74
N ALA C 317 13.82 -10.14 3.45
CA ALA C 317 12.43 -10.10 3.04
C ALA C 317 11.65 -11.27 3.64
N ARG C 318 12.22 -12.47 3.62
CA ARG C 318 11.51 -13.64 4.13
C ARG C 318 11.32 -13.57 5.64
N ASP C 319 12.35 -13.15 6.37
CA ASP C 319 12.22 -13.01 7.82
C ASP C 319 11.20 -11.95 8.19
N CYS C 320 11.16 -10.85 7.44
CA CYS C 320 10.15 -9.82 7.69
C CYS C 320 8.75 -10.31 7.37
N HIS C 321 8.59 -11.05 6.27
CA HIS C 321 7.26 -11.55 5.90
C HIS C 321 6.73 -12.53 6.93
N HIS C 322 7.59 -13.39 7.47
CA HIS C 322 7.16 -14.41 8.42
C HIS C 322 7.24 -13.94 9.87
N LEU C 323 7.63 -12.68 10.10
CA LEU C 323 7.66 -12.10 11.43
C LEU C 323 6.79 -10.86 11.59
N GLY C 324 6.32 -10.27 10.49
CA GLY C 324 5.51 -9.07 10.57
C GLY C 324 6.25 -7.84 11.04
N ILE C 325 7.48 -7.63 10.57
CA ILE C 325 8.25 -6.44 10.86
C ILE C 325 8.37 -5.62 9.57
N GLN C 326 8.53 -4.31 9.73
CA GLN C 326 8.46 -3.39 8.59
C GLN C 326 9.73 -3.50 7.75
N ASN C 327 9.63 -4.07 6.56
CA ASN C 327 10.73 -4.18 5.62
C ASN C 327 10.45 -3.25 4.45
N ASN C 328 11.24 -2.19 4.33
CA ASN C 328 11.01 -1.17 3.31
C ASN C 328 11.77 -1.44 2.01
N PHE C 329 12.86 -2.21 2.07
CA PHE C 329 13.73 -2.38 0.92
C PHE C 329 12.98 -2.97 -0.26
N ASP C 330 13.28 -2.46 -1.45
CA ASP C 330 12.66 -2.90 -2.71
C ASP C 330 13.77 -3.24 -3.70
N TYR C 331 14.13 -4.53 -3.75
CA TYR C 331 15.28 -4.97 -4.54
C TYR C 331 15.06 -4.81 -6.04
N LYS C 332 13.82 -4.66 -6.50
CA LYS C 332 13.56 -4.54 -7.93
C LYS C 332 14.27 -3.34 -8.53
N ARG C 333 14.19 -2.18 -7.85
CA ARG C 333 14.88 -0.99 -8.35
C ARG C 333 16.39 -1.18 -8.34
N PHE C 334 16.93 -1.80 -7.28
CA PHE C 334 18.36 -2.00 -7.20
C PHE C 334 18.87 -2.90 -8.33
N ILE C 335 18.14 -3.99 -8.61
CA ILE C 335 18.49 -4.87 -9.71
C ILE C 335 18.40 -4.15 -11.05
N LYS C 336 17.29 -3.43 -11.27
CA LYS C 336 17.06 -2.80 -12.56
C LYS C 336 18.02 -1.66 -12.87
N PHE C 337 18.80 -1.18 -11.90
CA PHE C 337 19.64 -0.02 -12.10
C PHE C 337 21.10 -0.32 -11.89
N ALA C 338 21.60 -1.40 -12.51
CA ALA C 338 22.98 -1.82 -12.30
C ALA C 338 23.68 -2.10 -13.63
N ARG C 339 24.96 -1.76 -13.69
CA ARG C 339 25.81 -1.97 -14.85
C ARG C 339 27.20 -2.33 -14.36
N VAL C 340 27.99 -2.97 -15.21
CA VAL C 340 29.37 -3.30 -14.86
C VAL C 340 30.27 -2.13 -15.23
N CYS C 341 31.01 -1.62 -14.25
CA CYS C 341 31.89 -0.47 -14.43
C CYS C 341 33.25 -0.78 -13.84
N GLU C 342 34.30 -0.24 -14.47
CA GLU C 342 35.65 -0.41 -13.96
C GLU C 342 35.91 0.68 -12.94
N VAL C 343 36.30 0.30 -11.73
CA VAL C 343 36.42 1.26 -10.64
C VAL C 343 37.87 1.71 -10.50
N ASP C 344 38.75 0.78 -10.13
CA ASP C 344 40.19 1.04 -10.03
C ASP C 344 40.92 -0.11 -10.73
N ASN C 345 41.05 -0.01 -12.05
CA ASN C 345 41.72 -1.02 -12.88
C ASN C 345 41.11 -2.39 -12.70
N GLU C 346 39.90 -2.47 -12.14
CA GLU C 346 39.20 -3.73 -11.96
C GLU C 346 37.71 -3.48 -12.04
N LEU C 347 36.97 -4.45 -12.56
CA LEU C 347 35.58 -4.28 -12.90
C LEU C 347 34.68 -4.77 -11.78
N ARG C 348 33.71 -3.95 -11.40
CA ARG C 348 32.73 -4.29 -10.37
C ARG C 348 31.34 -3.86 -10.84
N ILE C 349 30.33 -4.59 -10.43
CA ILE C 349 28.96 -4.23 -10.76
C ILE C 349 28.54 -3.10 -9.83
N CYS C 350 28.02 -2.02 -10.41
CA CYS C 350 27.66 -0.83 -9.66
C CYS C 350 26.27 -0.36 -10.04
N ALA C 351 25.59 0.25 -9.07
CA ALA C 351 24.24 0.76 -9.23
C ALA C 351 24.29 2.25 -9.55
N ARG C 352 23.11 2.84 -9.73
CA ARG C 352 23.01 4.26 -10.06
C ARG C 352 22.90 5.10 -8.79
N ASP C 353 23.12 6.41 -8.96
CA ASP C 353 23.11 7.32 -7.82
C ASP C 353 21.74 7.39 -7.17
N LYS C 354 20.67 7.38 -7.97
CA LYS C 354 19.34 7.59 -7.44
C LYS C 354 18.77 6.32 -6.83
N GLU C 355 19.54 5.67 -5.95
CA GLU C 355 19.05 4.51 -5.22
C GLU C 355 19.55 4.45 -3.78
N VAL C 356 20.30 5.47 -3.32
CA VAL C 356 20.98 5.38 -2.03
C VAL C 356 19.99 5.25 -0.88
N GLY C 357 18.79 5.81 -1.03
CA GLY C 357 17.78 5.61 -0.01
C GLY C 357 17.30 4.17 0.08
N ASN C 358 17.18 3.50 -1.06
CA ASN C 358 16.80 2.09 -1.05
C ASN C 358 17.82 1.26 -0.28
N LEU C 359 19.12 1.53 -0.49
CA LEU C 359 20.13 0.75 0.21
C LEU C 359 20.22 1.15 1.68
N TYR C 360 19.94 2.40 2.01
CA TYR C 360 19.84 2.76 3.42
C TYR C 360 18.70 2.00 4.10
N ASP C 361 17.55 1.90 3.43
CA ASP C 361 16.44 1.10 3.96
C ASP C 361 16.84 -0.36 4.11
N MET C 362 17.57 -0.90 3.12
CA MET C 362 18.02 -2.28 3.20
C MET C 362 18.92 -2.49 4.42
N PHE C 363 19.88 -1.56 4.63
CA PHE C 363 20.78 -1.69 5.77
C PHE C 363 20.04 -1.59 7.09
N HIS C 364 19.05 -0.70 7.17
CA HIS C 364 18.30 -0.59 8.42
C HIS C 364 17.42 -1.83 8.65
N THR C 365 16.88 -2.42 7.58
CA THR C 365 16.19 -3.69 7.71
C THR C 365 17.13 -4.78 8.21
N ARG C 366 18.35 -4.83 7.65
CA ARG C 366 19.34 -5.81 8.10
C ARG C 366 19.62 -5.67 9.58
N ASN C 367 19.88 -4.44 10.03
CA ASN C 367 20.21 -4.22 11.43
C ASN C 367 19.02 -4.55 12.33
N SER C 368 17.81 -4.19 11.91
CA SER C 368 16.64 -4.47 12.72
C SER C 368 16.40 -5.98 12.85
N LEU C 369 16.56 -6.71 11.75
CA LEU C 369 16.43 -8.17 11.82
C LEU C 369 17.51 -8.79 12.69
N HIS C 370 18.75 -8.29 12.57
CA HIS C 370 19.84 -8.86 13.35
C HIS C 370 19.67 -8.61 14.85
N ARG C 371 19.16 -7.44 15.23
CA ARG C 371 19.07 -7.10 16.64
C ARG C 371 17.75 -7.46 17.29
N ARG C 372 16.68 -7.68 16.52
CA ARG C 372 15.44 -8.19 17.10
C ARG C 372 15.48 -9.69 17.35
N ALA C 373 15.87 -10.47 16.33
CA ALA C 373 15.74 -11.93 16.40
C ALA C 373 17.08 -12.63 16.63
N TYR C 374 18.06 -12.39 15.77
CA TYR C 374 19.28 -13.19 15.76
C TYR C 374 20.12 -13.03 17.02
N GLN C 375 19.78 -12.09 17.91
CA GLN C 375 20.44 -11.97 19.19
C GLN C 375 19.43 -11.89 20.34
N HIS C 376 18.21 -12.39 20.14
CA HIS C 376 17.17 -12.28 21.14
C HIS C 376 17.58 -12.99 22.44
N LYS C 377 17.09 -12.49 23.56
CA LYS C 377 17.48 -13.04 24.85
C LYS C 377 16.97 -14.48 25.02
N VAL C 378 15.64 -14.65 25.04
CA VAL C 378 15.09 -15.99 25.22
C VAL C 378 15.36 -16.85 23.99
N GLY C 379 15.43 -16.23 22.82
CA GLY C 379 15.78 -16.97 21.61
C GLY C 379 17.16 -17.60 21.71
N ASN C 380 18.15 -16.82 22.14
CA ASN C 380 19.48 -17.37 22.33
C ASN C 380 19.55 -18.35 23.48
N ILE C 381 18.76 -18.14 24.54
CA ILE C 381 18.77 -19.10 25.65
C ILE C 381 18.24 -20.45 25.18
N ILE C 382 17.13 -20.45 24.43
CA ILE C 382 16.61 -21.71 23.92
C ILE C 382 17.55 -22.30 22.88
N ASP C 383 18.19 -21.47 22.07
CA ASP C 383 19.18 -21.97 21.13
C ASP C 383 20.32 -22.69 21.85
N THR C 384 20.82 -22.09 22.92
CA THR C 384 21.90 -22.72 23.68
C THR C 384 21.46 -24.03 24.32
N MET C 385 20.24 -24.06 24.88
CA MET C 385 19.78 -25.29 25.52
C MET C 385 19.57 -26.41 24.49
N ILE C 386 18.94 -26.09 23.35
CA ILE C 386 18.74 -27.09 22.31
C ILE C 386 20.07 -27.56 21.73
N THR C 387 21.01 -26.63 21.53
CA THR C 387 22.32 -27.01 21.01
C THR C 387 23.05 -27.94 21.96
N ASP C 388 23.01 -27.64 23.26
CA ASP C 388 23.67 -28.52 24.23
C ASP C 388 23.01 -29.90 24.27
N ALA C 389 21.67 -29.95 24.25
CA ALA C 389 21.00 -31.23 24.29
C ALA C 389 21.28 -32.08 23.05
N PHE C 390 21.32 -31.45 21.87
CA PHE C 390 21.68 -32.20 20.66
C PHE C 390 23.13 -32.65 20.70
N LEU C 391 24.05 -31.77 21.10
CA LEU C 391 25.47 -32.12 21.14
C LEU C 391 25.76 -33.28 22.08
N LYS C 392 25.22 -33.24 23.29
CA LYS C 392 25.55 -34.25 24.29
C LYS C 392 25.12 -35.66 23.92
N ALA C 393 24.24 -35.83 22.93
CA ALA C 393 23.85 -37.16 22.47
C ALA C 393 24.46 -37.53 21.12
N ASP C 394 25.61 -36.94 20.77
CA ASP C 394 26.10 -37.06 19.41
C ASP C 394 26.43 -38.50 19.02
N ASP C 395 27.10 -39.23 19.92
CA ASP C 395 27.67 -40.51 19.53
C ASP C 395 26.69 -41.68 19.60
N TYR C 396 25.72 -41.63 20.51
CA TYR C 396 24.88 -42.79 20.79
C TYR C 396 23.49 -42.70 20.17
N ILE C 397 23.23 -41.68 19.36
CA ILE C 397 22.01 -41.60 18.55
C ILE C 397 22.48 -41.28 17.13
N GLU C 398 22.75 -42.31 16.35
CA GLU C 398 23.57 -42.18 15.15
C GLU C 398 22.75 -42.51 13.90
N ILE C 399 23.27 -42.06 12.77
CA ILE C 399 22.75 -42.42 11.45
C ILE C 399 23.83 -43.17 10.69
N THR C 400 23.42 -43.99 9.75
CA THR C 400 24.34 -44.77 8.93
C THR C 400 24.56 -44.07 7.60
N GLY C 401 25.82 -43.97 7.20
CA GLY C 401 26.18 -43.33 5.94
C GLY C 401 26.52 -44.33 4.86
N ALA C 402 27.50 -43.99 4.04
CA ALA C 402 27.92 -44.88 2.97
C ALA C 402 28.75 -46.03 3.53
N GLY C 403 28.51 -47.23 3.01
CA GLY C 403 29.18 -48.40 3.54
C GLY C 403 28.60 -48.92 4.83
N GLY C 404 27.46 -48.37 5.28
CA GLY C 404 26.80 -48.83 6.48
C GLY C 404 27.46 -48.42 7.77
N LYS C 405 28.53 -47.63 7.69
CA LYS C 405 29.23 -47.18 8.88
C LYS C 405 28.35 -46.24 9.69
N LYS C 406 28.38 -46.41 11.02
CA LYS C 406 27.61 -45.56 11.92
C LYS C 406 28.43 -44.30 12.21
N TYR C 407 28.46 -43.40 11.22
CA TYR C 407 29.18 -42.13 11.33
C TYR C 407 28.24 -41.12 11.97
N ARG C 408 28.43 -40.85 13.25
CA ARG C 408 27.46 -40.13 14.05
C ARG C 408 27.33 -38.68 13.58
N ILE C 409 26.42 -37.94 14.23
CA ILE C 409 26.10 -36.59 13.80
C ILE C 409 27.33 -35.70 13.78
N SER C 410 28.13 -35.76 14.84
CA SER C 410 29.37 -35.00 14.88
C SER C 410 30.30 -35.42 13.75
N THR C 411 30.42 -36.72 13.51
CA THR C 411 31.30 -37.23 12.47
C THR C 411 30.61 -37.29 11.11
N ALA C 412 29.33 -36.95 11.02
CA ALA C 412 28.63 -37.03 9.75
C ALA C 412 29.10 -35.97 8.77
N ILE C 413 29.89 -35.01 9.23
CA ILE C 413 30.46 -34.03 8.32
C ILE C 413 31.49 -34.68 7.40
N ASP C 414 31.98 -35.87 7.76
CA ASP C 414 32.99 -36.53 6.94
C ASP C 414 32.41 -37.23 5.72
N ASP C 415 31.10 -37.51 5.70
CA ASP C 415 30.47 -38.17 4.57
C ASP C 415 29.11 -37.53 4.29
N MET C 416 28.82 -37.35 3.00
CA MET C 416 27.59 -36.65 2.62
C MET C 416 26.36 -37.53 2.70
N GLU C 417 26.51 -38.83 2.46
CA GLU C 417 25.37 -39.74 2.58
C GLU C 417 24.80 -39.75 4.00
N ALA C 418 25.67 -39.70 5.01
CA ALA C 418 25.19 -39.56 6.37
C ALA C 418 24.70 -38.15 6.64
N TYR C 419 25.41 -37.15 6.09
CA TYR C 419 25.08 -35.76 6.34
C TYR C 419 23.71 -35.39 5.79
N THR C 420 23.18 -36.17 4.86
CA THR C 420 21.84 -35.93 4.34
C THR C 420 20.78 -36.03 5.43
N LYS C 421 20.89 -37.05 6.29
CA LYS C 421 19.85 -37.33 7.28
C LYS C 421 20.04 -36.57 8.58
N LEU C 422 20.69 -35.42 8.55
CA LEU C 422 20.90 -34.60 9.74
C LEU C 422 19.94 -33.42 9.67
N THR C 423 18.75 -33.59 10.23
CA THR C 423 17.72 -32.56 10.23
C THR C 423 17.24 -32.28 11.66
N ASP C 424 16.22 -31.43 11.76
CA ASP C 424 15.68 -31.03 13.05
C ASP C 424 15.04 -32.17 13.80
N ASN C 425 14.73 -33.28 13.12
CA ASN C 425 14.08 -34.41 13.76
C ASN C 425 14.85 -34.88 14.99
N ILE C 426 16.17 -34.69 15.02
CA ILE C 426 16.97 -35.13 16.15
C ILE C 426 16.42 -34.53 17.44
N PHE C 427 16.04 -33.25 17.39
CA PHE C 427 15.36 -32.62 18.52
C PHE C 427 14.23 -33.51 19.03
N LEU C 428 13.28 -33.82 18.16
CA LEU C 428 12.15 -34.65 18.54
C LEU C 428 12.62 -36.06 18.90
N GLU C 429 13.68 -36.55 18.27
CA GLU C 429 14.19 -37.87 18.59
C GLU C 429 14.77 -37.93 20.00
N ILE C 430 15.02 -36.78 20.62
CA ILE C 430 15.33 -36.77 22.05
C ILE C 430 14.06 -36.68 22.89
N LEU C 431 13.04 -35.98 22.40
CA LEU C 431 11.87 -35.70 23.23
C LEU C 431 11.01 -36.94 23.44
N TYR C 432 10.90 -37.78 22.42
CA TYR C 432 10.01 -38.95 22.44
C TYR C 432 10.78 -40.27 22.50
N SER C 433 11.93 -40.28 23.18
CA SER C 433 12.77 -41.47 23.27
C SER C 433 12.65 -42.07 24.65
N THR C 434 12.63 -43.40 24.71
CA THR C 434 12.49 -44.13 25.96
C THR C 434 13.78 -44.76 26.45
N ASP C 435 14.87 -44.64 25.69
CA ASP C 435 16.11 -45.30 26.07
C ASP C 435 16.65 -44.70 27.36
N PRO C 436 17.27 -45.51 28.22
CA PRO C 436 17.85 -44.95 29.45
C PRO C 436 18.95 -43.93 29.19
N LYS C 437 19.75 -44.12 28.14
CA LYS C 437 20.84 -43.19 27.87
C LYS C 437 20.32 -41.85 27.35
N LEU C 438 19.19 -41.85 26.65
CA LEU C 438 18.57 -40.62 26.16
C LEU C 438 17.74 -39.91 27.22
N LYS C 439 17.66 -40.47 28.43
CA LYS C 439 16.86 -39.91 29.52
C LYS C 439 17.09 -38.41 29.70
N ASP C 440 18.35 -38.03 29.98
CA ASP C 440 18.69 -36.63 30.25
C ASP C 440 18.15 -35.69 29.18
N ALA C 441 18.40 -36.00 27.91
CA ALA C 441 17.92 -35.13 26.83
C ALA C 441 16.41 -34.93 26.91
N ARG C 442 15.66 -36.02 26.97
CA ARG C 442 14.20 -35.89 27.08
C ARG C 442 13.81 -35.07 28.29
N GLU C 443 14.45 -35.32 29.44
CA GLU C 443 14.13 -34.58 30.65
C GLU C 443 14.27 -33.09 30.41
N ILE C 444 15.40 -32.68 29.84
CA ILE C 444 15.65 -31.26 29.65
C ILE C 444 14.62 -30.67 28.69
N LEU C 445 14.31 -31.41 27.62
CA LEU C 445 13.31 -30.91 26.68
C LEU C 445 11.96 -30.74 27.39
N LYS C 446 11.62 -31.67 28.26
CA LYS C 446 10.36 -31.54 29.00
C LYS C 446 10.37 -30.31 29.88
N GLN C 447 11.50 -30.04 30.55
CA GLN C 447 11.58 -28.82 31.33
C GLN C 447 11.48 -27.58 30.45
N ILE C 448 11.83 -27.71 29.18
CA ILE C 448 11.64 -26.61 28.24
C ILE C 448 10.16 -26.44 27.93
N GLU C 449 9.45 -27.55 27.79
CA GLU C 449 8.03 -27.51 27.43
C GLU C 449 7.17 -26.99 28.59
N TYR C 450 7.49 -27.40 29.81
CA TYR C 450 6.74 -26.99 31.00
C TYR C 450 7.10 -25.60 31.49
N ARG C 451 7.70 -24.78 30.63
CA ARG C 451 8.06 -23.40 30.94
C ARG C 451 8.98 -23.31 32.15
N ASN C 452 9.86 -24.30 32.29
CA ASN C 452 10.98 -24.21 33.24
C ASN C 452 12.23 -23.72 32.54
N LEU C 453 12.11 -22.62 31.80
CA LEU C 453 13.21 -22.11 31.00
C LEU C 453 14.30 -21.54 31.90
N PHE C 454 15.51 -21.43 31.33
CA PHE C 454 16.61 -20.76 32.00
C PHE C 454 16.40 -19.25 31.87
N LYS C 455 16.03 -18.60 32.97
CA LYS C 455 15.87 -17.15 32.98
C LYS C 455 17.24 -16.48 33.05
N TYR C 456 17.39 -15.39 32.31
CA TYR C 456 18.70 -14.83 31.99
C TYR C 456 18.84 -13.42 32.57
N VAL C 457 20.03 -13.13 33.07
CA VAL C 457 20.36 -11.81 33.64
C VAL C 457 21.85 -11.55 33.45
N GLY C 458 22.20 -10.41 32.87
CA GLY C 458 23.59 -10.01 32.76
C GLY C 458 24.16 -10.14 31.37
N GLU C 459 24.96 -9.16 30.94
CA GLU C 459 25.50 -9.16 29.59
C GLU C 459 26.77 -8.33 29.54
N THR C 460 27.67 -8.73 28.65
CA THR C 460 28.91 -8.00 28.41
C THR C 460 29.37 -8.27 26.99
N GLN C 461 30.39 -7.52 26.56
CA GLN C 461 31.04 -7.72 25.27
C GLN C 461 32.55 -7.66 25.44
N PRO C 462 33.30 -8.63 24.92
CA PRO C 462 34.74 -8.65 25.14
C PRO C 462 35.48 -7.74 24.17
N THR C 463 36.51 -7.06 24.70
CA THR C 463 37.34 -6.17 23.91
C THR C 463 38.78 -6.66 23.78
N GLY C 464 39.13 -7.78 24.41
CA GLY C 464 40.48 -8.28 24.34
C GLY C 464 40.71 -9.28 23.22
N GLN C 465 40.67 -8.82 21.98
CA GLN C 465 40.84 -9.67 20.78
C GLN C 465 39.73 -10.72 20.82
N ILE C 466 40.04 -12.01 20.81
CA ILE C 466 39.06 -13.07 20.92
C ILE C 466 39.57 -14.12 21.89
N LYS C 467 38.78 -15.18 22.08
CA LYS C 467 39.16 -16.27 22.97
C LYS C 467 40.32 -17.07 22.38
N ILE C 468 41.01 -17.79 23.25
CA ILE C 468 42.15 -18.60 22.82
C ILE C 468 41.70 -19.87 22.12
N LYS C 469 40.96 -20.72 22.83
CA LYS C 469 40.44 -21.94 22.25
C LYS C 469 39.22 -21.61 21.38
N ARG C 470 38.58 -22.63 20.81
CA ARG C 470 37.42 -22.37 19.96
C ARG C 470 36.18 -22.08 20.80
N GLU C 471 35.71 -23.08 21.56
CA GLU C 471 34.64 -22.86 22.53
C GLU C 471 34.84 -23.59 23.84
N ASP C 472 35.76 -24.56 23.93
CA ASP C 472 35.89 -25.40 25.11
C ASP C 472 36.19 -24.58 26.36
N TYR C 473 37.28 -23.82 26.33
CA TYR C 473 37.69 -23.03 27.49
C TYR C 473 36.69 -21.94 27.87
N GLU C 474 35.74 -21.62 26.99
CA GLU C 474 34.76 -20.60 27.32
C GLU C 474 33.93 -21.01 28.53
N SER C 475 33.47 -22.26 28.56
CA SER C 475 32.60 -22.71 29.63
C SER C 475 33.38 -22.83 30.94
N LEU C 476 34.54 -23.48 30.89
CA LEU C 476 35.30 -23.77 32.11
C LEU C 476 35.69 -22.48 32.82
N PRO C 477 36.29 -21.48 32.16
CA PRO C 477 36.57 -20.23 32.85
C PRO C 477 35.30 -19.59 33.39
N LYS C 478 34.20 -19.70 32.65
CA LYS C 478 32.94 -19.11 33.10
C LYS C 478 32.48 -19.76 34.41
N GLU C 479 32.50 -21.09 34.45
CA GLU C 479 32.13 -21.79 35.66
C GLU C 479 33.05 -21.40 36.81
N VAL C 480 34.35 -21.29 36.54
CA VAL C 480 35.31 -20.98 37.59
C VAL C 480 35.00 -19.59 38.16
N ALA C 481 34.86 -18.61 37.28
CA ALA C 481 34.59 -17.23 37.69
C ALA C 481 33.17 -17.06 38.23
N SER C 482 32.32 -18.07 38.11
CA SER C 482 30.95 -17.95 38.62
C SER C 482 30.92 -17.78 40.13
N ALA C 483 31.88 -18.37 40.85
CA ALA C 483 31.93 -18.31 42.29
C ALA C 483 33.05 -17.37 42.74
N LYS C 484 32.73 -16.47 43.64
CA LYS C 484 33.70 -15.54 44.21
C LYS C 484 33.14 -15.01 45.52
N PRO C 485 34.00 -14.53 46.42
CA PRO C 485 33.50 -14.01 47.72
C PRO C 485 33.19 -12.51 47.68
N LYS C 486 32.16 -12.16 46.91
CA LYS C 486 31.71 -10.77 46.80
C LYS C 486 30.53 -10.53 47.75
N VAL C 487 30.78 -10.78 49.03
CA VAL C 487 29.78 -10.62 50.08
C VAL C 487 28.51 -11.41 49.78
N VAL C 491 22.28 -15.41 50.04
CA VAL C 491 21.90 -16.80 49.82
C VAL C 491 23.02 -17.73 50.27
N LYS C 492 22.86 -19.03 49.98
CA LYS C 492 23.84 -20.04 50.37
C LYS C 492 24.07 -20.96 49.18
N LEU C 493 24.85 -22.02 49.42
CA LEU C 493 25.20 -23.00 48.41
C LEU C 493 25.96 -22.39 47.23
N LYS C 494 26.37 -23.22 46.29
CA LYS C 494 27.08 -22.75 45.10
C LYS C 494 26.93 -23.80 44.01
N ALA C 495 27.17 -23.38 42.77
CA ALA C 495 26.97 -24.24 41.62
C ALA C 495 28.12 -24.07 40.65
N GLU C 496 28.15 -24.94 39.64
CA GLU C 496 29.14 -24.87 38.58
C GLU C 496 28.57 -25.06 37.18
N ASP C 497 27.39 -25.68 37.04
CA ASP C 497 26.78 -25.90 35.74
C ASP C 497 25.73 -24.81 35.46
N PHE C 498 26.24 -23.58 35.32
CA PHE C 498 25.43 -22.43 35.00
C PHE C 498 25.85 -21.92 33.63
N ILE C 499 24.88 -21.49 32.83
CA ILE C 499 25.15 -21.31 31.42
C ILE C 499 25.97 -20.04 31.20
N VAL C 500 26.64 -20.00 30.05
CA VAL C 500 27.43 -18.87 29.61
C VAL C 500 27.20 -18.71 28.11
N ASP C 501 26.37 -17.77 27.70
CA ASP C 501 26.01 -17.64 26.30
C ASP C 501 26.98 -16.65 25.65
N VAL C 502 27.81 -17.16 24.75
CA VAL C 502 28.78 -16.38 23.99
C VAL C 502 28.35 -16.40 22.53
N ILE C 503 27.97 -15.24 22.00
CA ILE C 503 27.52 -15.12 20.62
C ILE C 503 28.58 -14.34 19.84
N ASN C 504 29.12 -14.97 18.80
CA ASN C 504 30.30 -14.46 18.10
C ASN C 504 30.00 -14.02 16.68
N MET C 505 29.45 -14.91 15.86
CA MET C 505 29.17 -14.63 14.45
C MET C 505 30.41 -14.16 13.70
N PRO C 514 24.79 4.83 6.38
CA PRO C 514 26.14 4.35 6.70
C PRO C 514 26.57 3.19 5.81
N ILE C 515 25.98 3.10 4.62
CA ILE C 515 26.32 2.02 3.70
C ILE C 515 27.75 2.18 3.20
N ASP C 516 28.62 1.29 3.63
CA ASP C 516 30.02 1.29 3.21
C ASP C 516 30.18 0.61 1.87
N HIS C 517 29.50 1.12 0.85
CA HIS C 517 29.52 0.53 -0.49
C HIS C 517 29.93 1.60 -1.49
N VAL C 518 30.83 1.24 -2.41
CA VAL C 518 31.37 2.17 -3.38
C VAL C 518 30.99 1.78 -4.81
N SER C 519 29.96 0.93 -4.95
CA SER C 519 29.49 0.53 -6.28
C SER C 519 28.31 1.41 -6.68
N PHE C 520 28.60 2.70 -6.84
CA PHE C 520 27.63 3.69 -7.27
C PHE C 520 27.98 4.29 -8.63
N TYR C 521 28.96 3.72 -9.33
CA TYR C 521 29.35 4.17 -10.66
C TYR C 521 28.18 4.33 -11.61
N CYS C 522 28.26 5.30 -12.51
CA CYS C 522 27.22 5.54 -13.50
C CYS C 522 27.60 4.86 -14.81
N LYS C 523 26.58 4.32 -15.50
CA LYS C 523 26.84 3.64 -16.76
C LYS C 523 27.43 4.59 -17.81
N THR C 524 26.91 5.82 -17.88
CA THR C 524 27.42 6.78 -18.86
C THR C 524 28.90 7.06 -18.64
N ALA C 525 29.30 7.27 -17.39
CA ALA C 525 30.70 7.42 -17.07
C ALA C 525 31.40 6.09 -17.29
N PRO C 526 32.46 6.02 -18.10
CA PRO C 526 33.10 4.71 -18.33
C PRO C 526 33.69 4.10 -17.06
N ASN C 527 34.45 4.87 -16.29
CA ASN C 527 35.12 4.34 -15.10
C ASN C 527 35.10 5.36 -13.96
N ARG C 528 33.94 5.94 -13.66
CA ARG C 528 33.91 7.03 -12.68
C ARG C 528 32.56 7.02 -11.96
N ALA C 529 32.24 8.16 -11.32
CA ALA C 529 30.98 8.36 -10.59
C ALA C 529 30.89 7.49 -9.34
N ILE C 530 31.97 7.45 -8.56
CA ILE C 530 31.96 6.69 -7.30
C ILE C 530 31.28 7.42 -6.16
N ARG C 531 30.85 8.67 -6.36
CA ARG C 531 30.11 9.44 -5.36
C ARG C 531 30.86 9.52 -4.02
N ILE C 532 32.18 9.71 -4.10
CA ILE C 532 33.08 9.81 -2.95
C ILE C 532 32.71 8.83 -1.85
N THR C 533 32.66 7.56 -2.19
CA THR C 533 32.34 6.47 -1.27
C THR C 533 31.06 6.76 -0.46
N LYS C 534 30.01 7.14 -1.19
CA LYS C 534 28.71 7.48 -0.59
C LYS C 534 28.87 8.49 0.55
N ASN C 535 29.60 9.55 0.28
CA ASN C 535 29.90 10.61 1.27
C ASN C 535 30.61 9.92 2.44
N GLN C 536 30.18 10.13 3.68
CA GLN C 536 30.80 9.48 4.85
C GLN C 536 30.88 7.97 4.69
N GLU C 547 32.63 -8.22 19.34
CA GLU C 547 32.58 -9.36 18.43
C GLU C 547 31.89 -10.56 19.07
N GLN C 548 31.68 -10.49 20.38
CA GLN C 548 31.05 -11.56 21.13
C GLN C 548 30.29 -10.97 22.31
N LEU C 549 29.03 -11.38 22.47
CA LEU C 549 28.21 -11.00 23.60
C LEU C 549 28.08 -12.17 24.56
N ILE C 550 28.33 -11.93 25.84
CA ILE C 550 28.30 -12.96 26.86
C ILE C 550 27.21 -12.64 27.86
N ARG C 551 26.34 -13.62 28.12
CA ARG C 551 25.21 -13.46 29.02
C ARG C 551 25.14 -14.66 29.96
N VAL C 552 24.45 -14.48 31.09
CA VAL C 552 24.31 -15.57 32.06
C VAL C 552 22.85 -15.95 32.25
N TYR C 553 22.60 -16.93 33.13
CA TYR C 553 21.26 -17.43 33.41
C TYR C 553 21.25 -18.29 34.67
N CYS C 554 20.55 -17.86 35.72
CA CYS C 554 20.51 -18.60 36.98
C CYS C 554 19.06 -18.89 37.35
N LYS C 555 18.76 -20.16 37.62
CA LYS C 555 17.41 -20.62 37.91
C LYS C 555 17.41 -21.59 39.08
N LYS C 556 18.09 -21.21 40.17
CA LYS C 556 18.12 -22.06 41.36
C LYS C 556 16.77 -22.04 42.07
N VAL C 557 16.22 -20.84 42.32
CA VAL C 557 14.95 -20.71 43.03
C VAL C 557 14.22 -19.47 42.52
N ASP C 558 13.02 -19.21 43.07
CA ASP C 558 12.26 -18.06 42.63
C ASP C 558 13.00 -16.75 42.89
N ARG C 559 13.52 -16.57 44.10
CA ARG C 559 14.26 -15.37 44.47
C ARG C 559 15.75 -15.61 44.69
N LYS C 560 16.13 -16.81 45.14
CA LYS C 560 17.53 -17.14 45.34
C LYS C 560 18.32 -17.06 44.04
N SER C 561 17.71 -17.49 42.93
CA SER C 561 18.38 -17.42 41.63
C SER C 561 18.71 -16.00 41.22
N LEU C 562 17.82 -15.04 41.45
CA LEU C 562 18.13 -13.65 41.08
C LEU C 562 19.34 -13.13 41.86
N TYR C 563 19.36 -13.36 43.18
CA TYR C 563 20.48 -12.89 43.98
C TYR C 563 21.78 -13.58 43.56
N ALA C 564 21.73 -14.89 43.33
CA ALA C 564 22.91 -15.62 42.89
C ALA C 564 23.38 -15.14 41.53
N ALA C 565 22.43 -14.82 40.64
CA ALA C 565 22.77 -14.29 39.33
C ALA C 565 23.45 -12.93 39.45
N ARG C 566 22.97 -12.07 40.35
CA ARG C 566 23.66 -10.80 40.56
C ARG C 566 25.08 -11.01 41.07
N GLN C 567 25.24 -11.90 42.05
CA GLN C 567 26.57 -12.16 42.60
C GLN C 567 27.51 -12.72 41.52
N TYR C 568 27.00 -13.63 40.69
CA TYR C 568 27.81 -14.21 39.64
C TYR C 568 28.10 -13.18 38.55
N PHE C 569 27.15 -12.30 38.26
CA PHE C 569 27.39 -11.23 37.29
C PHE C 569 28.50 -10.30 37.78
N VAL C 570 28.54 -10.06 39.08
CA VAL C 570 29.64 -9.26 39.65
C VAL C 570 30.95 -10.00 39.48
N GLN C 571 30.96 -11.30 39.80
CA GLN C 571 32.21 -12.05 39.81
C GLN C 571 32.75 -12.19 38.39
N TRP C 572 31.87 -12.57 37.45
CA TRP C 572 32.25 -12.72 36.05
C TRP C 572 32.70 -11.40 35.46
N CYS C 573 32.00 -10.30 35.77
CA CYS C 573 32.41 -8.99 35.27
C CYS C 573 33.80 -8.65 35.77
N ALA C 574 34.05 -8.84 37.06
CA ALA C 574 35.39 -8.55 37.58
C ALA C 574 36.42 -9.56 37.06
N ASP C 575 35.97 -10.67 36.47
CA ASP C 575 36.85 -11.74 36.01
C ASP C 575 36.99 -11.84 34.50
N ARG C 576 36.01 -11.37 33.73
CA ARG C 576 36.03 -11.55 32.27
C ARG C 576 37.00 -10.54 31.65
N ASN C 577 38.28 -10.72 31.97
CA ASN C 577 39.36 -9.90 31.43
C ASN C 577 39.07 -8.41 31.60
N PHE C 578 38.51 -8.05 32.76
CA PHE C 578 38.14 -6.68 33.07
C PHE C 578 37.18 -6.12 32.02
N THR C 579 36.10 -6.86 31.77
CA THR C 579 35.11 -6.48 30.77
C THR C 579 34.40 -5.17 31.13
N ASP D 113 -0.90 -13.64 39.13
CA ASP D 113 -0.22 -13.25 37.90
C ASP D 113 -1.09 -12.30 37.09
N THR D 114 -0.77 -12.16 35.80
CA THR D 114 -1.53 -11.26 34.93
C THR D 114 -1.36 -11.74 33.49
N MET D 115 -1.74 -10.88 32.54
CA MET D 115 -1.80 -11.25 31.14
C MET D 115 -0.41 -11.46 30.55
N LYS D 116 -0.25 -12.53 29.78
CA LYS D 116 0.87 -12.72 28.89
C LYS D 116 0.50 -12.24 27.50
N VAL D 117 1.50 -12.01 26.65
CA VAL D 117 1.24 -11.54 25.30
C VAL D 117 2.17 -12.26 24.34
N ILE D 118 1.62 -12.73 23.23
CA ILE D 118 2.38 -13.47 22.22
C ILE D 118 2.22 -12.79 20.87
N ASN D 119 3.32 -12.58 20.17
CA ASN D 119 3.31 -11.87 18.90
C ASN D 119 3.09 -12.86 17.77
N ASP D 120 2.09 -12.59 16.93
CA ASP D 120 1.78 -13.40 15.77
C ASP D 120 1.77 -12.53 14.51
N PRO D 121 2.22 -13.08 13.38
CA PRO D 121 2.17 -12.30 12.13
C PRO D 121 0.77 -11.94 11.70
N ILE D 122 -0.24 -12.69 12.12
CA ILE D 122 -1.61 -12.47 11.66
C ILE D 122 -2.27 -11.38 12.48
N HIS D 123 -2.42 -11.60 13.78
CA HIS D 123 -3.18 -10.71 14.65
C HIS D 123 -2.31 -9.83 15.53
N GLY D 124 -1.02 -9.79 15.29
CA GLY D 124 -0.14 -8.95 16.10
C GLY D 124 -0.06 -9.46 17.54
N HIS D 125 -0.24 -8.56 18.50
CA HIS D 125 -0.18 -8.93 19.90
C HIS D 125 -1.45 -9.65 20.32
N ILE D 126 -1.29 -10.82 20.93
CA ILE D 126 -2.39 -11.65 21.41
C ILE D 126 -2.23 -11.78 22.92
N GLU D 127 -3.09 -11.09 23.68
CA GLU D 127 -2.98 -11.08 25.13
C GLU D 127 -3.87 -12.16 25.73
N LEU D 128 -3.28 -12.99 26.58
CA LEU D 128 -3.92 -14.17 27.16
C LEU D 128 -3.92 -14.06 28.68
N HIS D 129 -5.02 -14.49 29.28
CA HIS D 129 -5.12 -14.57 30.73
C HIS D 129 -4.29 -15.74 31.26
N PRO D 130 -4.01 -15.74 32.56
CA PRO D 130 -3.14 -16.80 33.12
C PRO D 130 -3.68 -18.21 32.91
N LEU D 131 -5.00 -18.41 32.94
CA LEU D 131 -5.56 -19.73 32.69
C LEU D 131 -5.27 -20.19 31.27
N LEU D 132 -5.38 -19.28 30.29
CA LEU D 132 -5.03 -19.62 28.92
C LEU D 132 -3.57 -20.03 28.81
N VAL D 133 -2.69 -19.32 29.54
CA VAL D 133 -1.27 -19.68 29.53
C VAL D 133 -1.08 -21.08 30.11
N ARG D 134 -1.73 -21.35 31.25
CA ARG D 134 -1.61 -22.67 31.87
C ARG D 134 -2.07 -23.76 30.92
N ILE D 135 -3.14 -23.50 30.15
CA ILE D 135 -3.57 -24.46 29.15
C ILE D 135 -2.49 -24.61 28.08
N ILE D 136 -1.89 -23.49 27.67
CA ILE D 136 -0.95 -23.51 26.56
C ILE D 136 0.34 -24.22 26.97
N ASP D 137 0.76 -24.05 28.22
CA ASP D 137 2.00 -24.63 28.72
C ASP D 137 1.80 -26.09 29.14
N THR D 138 1.48 -26.92 28.15
CA THR D 138 1.32 -28.36 28.35
C THR D 138 1.99 -29.10 27.21
N PRO D 139 2.57 -30.27 27.49
CA PRO D 139 3.07 -31.09 26.38
C PRO D 139 2.01 -31.45 25.38
N GLN D 140 0.79 -31.74 25.85
CA GLN D 140 -0.29 -32.18 24.98
C GLN D 140 -0.84 -31.05 24.12
N PHE D 141 -0.44 -29.81 24.40
CA PHE D 141 -0.76 -28.66 23.56
C PHE D 141 0.44 -28.17 22.76
N GLN D 142 1.64 -28.17 23.36
CA GLN D 142 2.85 -27.86 22.61
C GLN D 142 3.16 -28.88 21.55
N ARG D 143 2.53 -30.06 21.60
CA ARG D 143 2.66 -31.03 20.50
C ARG D 143 2.22 -30.42 19.18
N LEU D 144 1.31 -29.45 19.22
CA LEU D 144 0.78 -28.79 18.02
C LEU D 144 1.83 -27.99 17.27
N ARG D 145 2.99 -27.73 17.88
CA ARG D 145 4.05 -26.97 17.21
C ARG D 145 4.52 -27.63 15.92
N TYR D 146 4.31 -28.94 15.77
CA TYR D 146 4.82 -29.67 14.61
C TYR D 146 3.68 -30.21 13.75
N ILE D 147 2.55 -29.52 13.73
CA ILE D 147 1.38 -29.93 12.95
C ILE D 147 1.05 -28.79 12.01
N LYS D 148 1.40 -28.95 10.73
CA LYS D 148 1.12 -27.93 9.73
C LYS D 148 -0.35 -27.96 9.33
N GLN D 149 -1.00 -26.80 9.38
CA GLN D 149 -2.39 -26.70 8.96
C GLN D 149 -2.56 -27.11 7.50
N LEU D 150 -1.77 -26.50 6.61
CA LEU D 150 -1.80 -26.84 5.20
C LEU D 150 -1.10 -28.16 4.90
N GLY D 151 -0.44 -28.77 5.88
CA GLY D 151 0.07 -30.12 5.79
C GLY D 151 0.77 -30.49 4.49
N GLY D 152 0.22 -31.47 3.79
CA GLY D 152 0.81 -31.95 2.56
C GLY D 152 0.96 -30.89 1.50
N GLY D 153 0.13 -29.84 1.55
CA GLY D 153 0.27 -28.75 0.60
C GLY D 153 1.64 -28.11 0.61
N TYR D 154 2.43 -28.37 1.66
CA TYR D 154 3.77 -27.84 1.71
C TYR D 154 4.63 -28.39 0.59
N TYR D 155 4.45 -29.68 0.25
CA TYR D 155 5.28 -30.26 -0.80
C TYR D 155 4.90 -29.77 -2.19
N VAL D 156 3.86 -28.96 -2.31
CA VAL D 156 3.54 -28.28 -3.56
C VAL D 156 3.42 -26.77 -3.39
N PHE D 157 3.09 -26.28 -2.20
CA PHE D 157 3.04 -24.85 -1.91
C PHE D 157 4.16 -24.49 -0.95
N PRO D 158 5.16 -23.71 -1.37
CA PRO D 158 6.36 -23.53 -0.54
C PRO D 158 6.10 -22.95 0.84
N GLY D 159 5.52 -21.76 0.91
CA GLY D 159 5.53 -21.00 2.15
C GLY D 159 4.55 -21.44 3.22
N ALA D 160 3.66 -22.39 2.93
CA ALA D 160 2.57 -22.72 3.84
C ALA D 160 3.06 -23.71 4.91
N SER D 161 3.94 -23.20 5.78
CA SER D 161 4.55 -24.04 6.81
C SER D 161 4.08 -23.68 8.23
N HIS D 162 3.01 -22.90 8.37
CA HIS D 162 2.54 -22.50 9.69
C HIS D 162 2.17 -23.72 10.52
N ASN D 163 2.18 -23.54 11.83
CA ASN D 163 1.92 -24.61 12.77
C ASN D 163 0.62 -24.37 13.53
N ARG D 164 0.19 -25.39 14.28
CA ARG D 164 -1.08 -25.33 14.99
C ARG D 164 -1.00 -24.53 16.28
N PHE D 165 0.20 -24.20 16.75
CA PHE D 165 0.33 -23.43 17.99
C PHE D 165 -0.23 -22.03 17.81
N GLU D 166 0.20 -21.35 16.74
CA GLU D 166 -0.30 -20.02 16.45
C GLU D 166 -1.77 -20.06 16.06
N HIS D 167 -2.22 -21.12 15.38
CA HIS D 167 -3.65 -21.24 15.08
C HIS D 167 -4.47 -21.31 16.36
N SER D 168 -4.03 -22.10 17.33
CA SER D 168 -4.75 -22.20 18.60
C SER D 168 -4.72 -20.86 19.34
N LEU D 169 -3.55 -20.22 19.38
CA LEU D 169 -3.45 -18.91 20.04
C LEU D 169 -4.37 -17.91 19.37
N GLY D 170 -4.41 -17.91 18.04
CA GLY D 170 -5.26 -16.97 17.32
C GLY D 170 -6.74 -17.23 17.55
N VAL D 171 -7.14 -18.50 17.60
CA VAL D 171 -8.55 -18.80 17.84
C VAL D 171 -8.95 -18.39 19.25
N GLY D 172 -8.05 -18.59 20.22
CA GLY D 172 -8.32 -18.10 21.57
C GLY D 172 -8.45 -16.60 21.62
N TYR D 173 -7.55 -15.90 20.93
CA TYR D 173 -7.60 -14.44 20.87
C TYR D 173 -8.90 -13.96 20.23
N LEU D 174 -9.26 -14.57 19.10
CA LEU D 174 -10.48 -14.16 18.39
C LEU D 174 -11.72 -14.40 19.23
N ALA D 175 -11.79 -15.55 19.91
CA ALA D 175 -12.95 -15.83 20.75
C ALA D 175 -13.02 -14.85 21.91
N GLY D 176 -11.87 -14.53 22.53
CA GLY D 176 -11.89 -13.53 23.59
C GLY D 176 -12.33 -12.17 23.11
N CYS D 177 -11.85 -11.77 21.93
CA CYS D 177 -12.26 -10.49 21.36
C CYS D 177 -13.75 -10.48 21.06
N LEU D 178 -14.28 -11.58 20.51
CA LEU D 178 -15.69 -11.65 20.17
C LEU D 178 -16.54 -11.54 21.44
N VAL D 179 -16.16 -12.26 22.48
CA VAL D 179 -16.95 -12.23 23.71
C VAL D 179 -16.86 -10.86 24.37
N HIS D 180 -15.68 -10.23 24.30
CA HIS D 180 -15.55 -8.89 24.89
C HIS D 180 -16.36 -7.87 24.11
N ALA D 181 -16.38 -7.98 22.78
CA ALA D 181 -17.19 -7.08 21.98
C ALA D 181 -18.68 -7.27 22.26
N LEU D 182 -19.12 -8.53 22.37
CA LEU D 182 -20.51 -8.79 22.72
C LEU D 182 -20.85 -8.23 24.09
N GLY D 183 -19.93 -8.36 25.05
CA GLY D 183 -20.19 -7.85 26.38
C GLY D 183 -20.28 -6.33 26.41
N GLU D 184 -19.36 -5.66 25.73
CA GLU D 184 -19.39 -4.19 25.70
C GLU D 184 -20.62 -3.69 24.96
N LYS D 185 -20.94 -4.29 23.82
CA LYS D 185 -22.04 -3.79 23.00
C LYS D 185 -23.38 -4.01 23.69
N GLN D 186 -23.54 -5.16 24.36
CA GLN D 186 -24.79 -5.54 25.01
C GLN D 186 -24.54 -5.77 26.50
N PRO D 187 -24.76 -4.77 27.35
CA PRO D 187 -24.66 -4.99 28.79
C PRO D 187 -25.72 -5.96 29.32
N GLU D 188 -26.79 -6.21 28.57
CA GLU D 188 -27.88 -7.08 28.97
C GLU D 188 -27.49 -8.56 29.03
N LEU D 189 -26.33 -8.93 28.50
CA LEU D 189 -25.88 -10.32 28.62
C LEU D 189 -25.28 -10.66 29.97
N GLN D 190 -24.75 -9.67 30.71
CA GLN D 190 -24.21 -9.89 32.06
C GLN D 190 -23.10 -10.93 32.05
N ILE D 191 -22.06 -10.68 31.26
CA ILE D 191 -20.96 -11.63 31.11
C ILE D 191 -20.19 -11.76 32.41
N SER D 192 -19.91 -13.00 32.80
CA SER D 192 -19.17 -13.33 34.00
C SER D 192 -17.84 -13.97 33.64
N GLU D 193 -17.06 -14.34 34.65
CA GLU D 193 -15.72 -14.88 34.43
C GLU D 193 -15.74 -16.33 33.99
N ARG D 194 -16.73 -17.11 34.45
CA ARG D 194 -16.82 -18.51 34.07
C ARG D 194 -17.02 -18.66 32.56
N ASP D 195 -17.92 -17.84 31.99
CA ASP D 195 -18.14 -17.89 30.55
C ASP D 195 -16.88 -17.52 29.78
N VAL D 196 -16.15 -16.51 30.26
CA VAL D 196 -14.95 -16.06 29.56
C VAL D 196 -13.89 -17.15 29.56
N LEU D 197 -13.63 -17.75 30.73
CA LEU D 197 -12.62 -18.80 30.81
C LEU D 197 -13.03 -20.05 30.02
N CYS D 198 -14.30 -20.44 30.10
CA CYS D 198 -14.75 -21.60 29.34
C CYS D 198 -14.68 -21.36 27.84
N VAL D 199 -15.07 -20.16 27.40
CA VAL D 199 -15.02 -19.82 25.98
C VAL D 199 -13.58 -19.79 25.48
N GLN D 200 -12.66 -19.22 26.26
CA GLN D 200 -11.27 -19.21 25.85
C GLN D 200 -10.69 -20.62 25.76
N ILE D 201 -10.99 -21.46 26.75
CA ILE D 201 -10.48 -22.83 26.74
C ILE D 201 -11.04 -23.62 25.56
N ALA D 202 -12.34 -23.48 25.27
CA ALA D 202 -12.91 -24.12 24.08
C ALA D 202 -12.37 -23.53 22.78
N GLY D 203 -12.09 -22.23 22.74
CA GLY D 203 -11.54 -21.63 21.53
C GLY D 203 -10.16 -22.15 21.21
N LEU D 204 -9.31 -22.28 22.23
CA LEU D 204 -7.95 -22.72 21.95
C LEU D 204 -7.89 -24.20 21.50
N CYS D 205 -9.02 -24.81 21.16
CA CYS D 205 -9.09 -26.17 20.67
C CYS D 205 -9.45 -26.26 19.19
N HIS D 206 -9.27 -25.18 18.43
CA HIS D 206 -9.73 -25.15 17.04
C HIS D 206 -9.05 -26.19 16.15
N ASP D 207 -7.94 -26.78 16.60
CA ASP D 207 -7.42 -27.99 15.97
C ASP D 207 -6.83 -28.96 17.01
N LEU D 208 -7.29 -28.89 18.26
CA LEU D 208 -6.53 -29.45 19.38
C LEU D 208 -6.29 -30.94 19.22
N GLY D 209 -7.28 -31.68 18.72
CA GLY D 209 -7.09 -33.10 18.60
C GLY D 209 -6.39 -33.58 17.35
N HIS D 210 -6.05 -32.66 16.44
CA HIS D 210 -5.45 -33.05 15.17
C HIS D 210 -4.16 -33.82 15.38
N GLY D 211 -3.98 -34.87 14.61
CA GLY D 211 -2.81 -35.70 14.72
C GLY D 211 -1.80 -35.38 13.63
N PRO D 212 -1.01 -36.38 13.26
CA PRO D 212 0.03 -36.17 12.24
C PRO D 212 -0.56 -35.66 10.93
N PHE D 213 -0.02 -34.53 10.46
CA PHE D 213 -0.40 -33.91 9.19
C PHE D 213 -1.86 -33.46 9.18
N SER D 214 -2.47 -33.28 10.36
CA SER D 214 -3.79 -32.69 10.48
C SER D 214 -4.84 -33.41 9.62
N HIS D 215 -5.46 -32.67 8.70
CA HIS D 215 -6.61 -33.20 7.97
C HIS D 215 -6.26 -34.40 7.10
N MET D 216 -4.97 -34.64 6.83
CA MET D 216 -4.59 -35.84 6.10
C MET D 216 -4.84 -37.09 6.92
N PHE D 217 -4.64 -37.01 8.25
CA PHE D 217 -4.67 -38.21 9.07
C PHE D 217 -6.06 -38.81 9.16
N ASP D 218 -7.09 -37.97 9.29
CA ASP D 218 -8.46 -38.46 9.39
C ASP D 218 -9.25 -38.29 8.11
N GLY D 219 -8.94 -37.30 7.28
CA GLY D 219 -9.63 -37.17 6.01
C GLY D 219 -9.22 -38.20 4.99
N ARG D 220 -7.98 -38.68 5.07
CA ARG D 220 -7.50 -39.64 4.08
C ARG D 220 -6.76 -40.84 4.65
N PHE D 221 -6.11 -40.74 5.80
CA PHE D 221 -5.22 -41.80 6.24
C PHE D 221 -5.92 -42.83 7.13
N ILE D 222 -6.41 -42.41 8.29
CA ILE D 222 -7.02 -43.35 9.23
C ILE D 222 -8.25 -44.02 8.63
N PRO D 223 -9.19 -43.30 8.04
CA PRO D 223 -10.34 -43.97 7.41
C PRO D 223 -9.98 -44.95 6.29
N LEU D 224 -8.93 -44.66 5.52
CA LEU D 224 -8.53 -45.58 4.46
C LEU D 224 -7.92 -46.86 5.02
N ALA D 225 -7.06 -46.76 6.03
CA ALA D 225 -6.34 -47.94 6.50
C ALA D 225 -7.28 -48.90 7.23
N ARG D 226 -8.06 -48.38 8.17
CA ARG D 226 -8.93 -49.21 9.02
C ARG D 226 -10.32 -48.59 9.03
N PRO D 227 -11.19 -48.97 8.10
CA PRO D 227 -12.49 -48.29 7.97
C PRO D 227 -13.46 -48.54 9.12
N GLU D 228 -13.14 -49.45 10.04
CA GLU D 228 -14.09 -49.90 11.05
C GLU D 228 -14.06 -49.07 12.33
N VAL D 229 -13.18 -48.07 12.43
CA VAL D 229 -13.02 -47.29 13.63
C VAL D 229 -13.47 -45.86 13.34
N LYS D 230 -14.28 -45.30 14.25
CA LYS D 230 -14.80 -43.96 14.07
C LYS D 230 -13.77 -42.95 14.59
N TRP D 231 -13.21 -42.16 13.67
CA TRP D 231 -12.16 -41.21 14.00
C TRP D 231 -12.61 -39.82 13.54
N THR D 232 -13.01 -38.99 14.50
CA THR D 232 -13.28 -37.58 14.25
C THR D 232 -12.45 -36.77 15.24
N HIS D 233 -11.87 -35.67 14.76
CA HIS D 233 -10.88 -35.00 15.58
C HIS D 233 -11.49 -34.16 16.70
N GLU D 234 -12.80 -33.89 16.68
CA GLU D 234 -13.42 -33.22 17.81
C GLU D 234 -13.49 -34.11 19.04
N GLN D 235 -13.86 -35.38 18.86
CA GLN D 235 -13.80 -36.34 19.97
C GLN D 235 -12.38 -36.51 20.48
N GLY D 236 -11.41 -36.56 19.56
CA GLY D 236 -10.02 -36.63 19.99
C GLY D 236 -9.60 -35.40 20.76
N SER D 237 -10.10 -34.23 20.35
CA SER D 237 -9.79 -33.01 21.08
C SER D 237 -10.39 -33.04 22.47
N VAL D 238 -11.61 -33.58 22.60
CA VAL D 238 -12.24 -33.72 23.90
C VAL D 238 -11.41 -34.63 24.79
N MET D 239 -11.01 -35.79 24.26
CA MET D 239 -10.21 -36.73 25.04
C MET D 239 -8.86 -36.13 25.43
N MET D 240 -8.21 -35.42 24.49
CA MET D 240 -6.92 -34.81 24.79
C MET D 240 -7.07 -33.70 25.84
N PHE D 241 -8.15 -32.93 25.77
CA PHE D 241 -8.37 -31.91 26.79
C PHE D 241 -8.61 -32.55 28.15
N GLU D 242 -9.37 -33.64 28.19
CA GLU D 242 -9.59 -34.34 29.44
C GLU D 242 -8.27 -34.86 30.02
N HIS D 243 -7.42 -35.41 29.16
CA HIS D 243 -6.10 -35.87 29.61
C HIS D 243 -5.26 -34.70 30.12
N LEU D 244 -5.31 -33.56 29.44
CA LEU D 244 -4.57 -32.38 29.86
C LEU D 244 -5.02 -31.91 31.24
N ILE D 245 -6.33 -31.81 31.43
CA ILE D 245 -6.88 -31.37 32.71
C ILE D 245 -6.50 -32.34 33.82
N ASN D 246 -6.63 -33.65 33.55
CA ASN D 246 -6.37 -34.64 34.59
C ASN D 246 -4.90 -34.70 34.95
N SER D 247 -4.01 -34.72 33.96
CA SER D 247 -2.58 -34.82 34.25
C SER D 247 -2.05 -33.54 34.87
N ASN D 248 -2.39 -32.39 34.28
CA ASN D 248 -1.75 -31.13 34.65
C ASN D 248 -2.42 -30.48 35.86
N GLY D 249 -3.42 -31.13 36.45
CA GLY D 249 -4.11 -30.56 37.58
C GLY D 249 -4.81 -29.26 37.28
N ILE D 250 -5.44 -29.15 36.10
CA ILE D 250 -6.06 -27.89 35.70
C ILE D 250 -7.24 -27.58 36.62
N LYS D 251 -7.96 -28.60 37.06
CA LYS D 251 -9.18 -28.37 37.84
C LYS D 251 -8.91 -27.53 39.08
N PRO D 252 -7.83 -27.77 39.85
CA PRO D 252 -7.53 -26.87 40.97
C PRO D 252 -7.33 -25.43 40.56
N VAL D 253 -6.71 -25.18 39.41
CA VAL D 253 -6.51 -23.80 38.97
C VAL D 253 -7.84 -23.19 38.55
N MET D 254 -8.69 -23.97 37.88
CA MET D 254 -10.01 -23.46 37.51
C MET D 254 -10.81 -23.09 38.75
N GLU D 255 -10.73 -23.92 39.80
CA GLU D 255 -11.36 -23.52 41.06
C GLU D 255 -10.70 -22.27 41.63
N GLN D 256 -9.38 -22.15 41.43
CA GLN D 256 -8.62 -21.04 42.01
C GLN D 256 -9.05 -19.71 41.41
N TYR D 257 -9.45 -19.71 40.13
CA TYR D 257 -9.87 -18.50 39.46
C TYR D 257 -11.39 -18.31 39.45
N GLY D 258 -12.15 -19.25 40.00
CA GLY D 258 -13.57 -19.08 40.22
C GLY D 258 -14.47 -19.87 39.28
N LEU D 259 -13.96 -20.32 38.14
CA LEU D 259 -14.78 -21.08 37.21
C LEU D 259 -15.06 -22.47 37.76
N ILE D 260 -16.16 -23.05 37.29
CA ILE D 260 -16.66 -24.33 37.81
C ILE D 260 -16.36 -25.39 36.76
N PRO D 261 -15.40 -26.30 37.01
CA PRO D 261 -15.09 -27.34 36.02
C PRO D 261 -16.27 -28.20 35.63
N GLU D 262 -17.14 -28.55 36.59
CA GLU D 262 -18.18 -29.54 36.37
C GLU D 262 -19.10 -29.18 35.21
N GLU D 263 -19.30 -27.88 34.94
CA GLU D 263 -20.09 -27.45 33.80
C GLU D 263 -19.27 -26.76 32.72
N ASP D 264 -18.22 -26.04 33.09
CA ASP D 264 -17.39 -25.37 32.09
C ASP D 264 -16.66 -26.35 31.20
N ILE D 265 -16.15 -27.45 31.77
CA ILE D 265 -15.47 -28.46 30.96
C ILE D 265 -16.44 -29.13 29.99
N CYS D 266 -17.65 -29.44 30.46
CA CYS D 266 -18.66 -30.00 29.57
C CYS D 266 -19.02 -29.04 28.46
N PHE D 267 -19.14 -27.75 28.79
CA PHE D 267 -19.43 -26.74 27.77
C PHE D 267 -18.30 -26.64 26.75
N ILE D 268 -17.05 -26.69 27.22
CA ILE D 268 -15.90 -26.59 26.34
C ILE D 268 -15.87 -27.79 25.40
N LYS D 269 -16.07 -29.00 25.94
CA LYS D 269 -16.09 -30.19 25.11
C LYS D 269 -17.22 -30.15 24.09
N GLU D 270 -18.40 -29.67 24.50
CA GLU D 270 -19.50 -29.54 23.57
C GLU D 270 -19.19 -28.55 22.46
N GLN D 271 -18.59 -27.41 22.81
CA GLN D 271 -18.19 -26.44 21.79
C GLN D 271 -17.14 -27.04 20.85
N ILE D 272 -16.27 -27.88 21.39
CA ILE D 272 -15.24 -28.52 20.56
C ILE D 272 -15.87 -29.52 19.61
N VAL D 273 -16.93 -30.19 20.04
CA VAL D 273 -17.50 -31.33 19.31
C VAL D 273 -18.85 -30.98 18.70
N GLY D 274 -19.76 -30.44 19.49
CA GLY D 274 -21.12 -30.20 19.04
C GLY D 274 -22.14 -30.60 20.08
N PRO D 275 -23.19 -31.30 19.64
CA PRO D 275 -24.23 -31.72 20.58
C PRO D 275 -23.66 -32.60 21.69
N LEU D 276 -24.09 -32.32 22.93
CA LEU D 276 -23.58 -33.07 24.08
C LEU D 276 -23.98 -34.54 24.03
N GLU D 277 -25.22 -34.83 23.65
CA GLU D 277 -25.68 -36.21 23.54
C GLU D 277 -25.38 -36.79 22.16
N ASP D 282 -34.64 -35.10 22.14
CA ASP D 282 -35.98 -34.79 21.64
C ASP D 282 -36.00 -33.43 20.95
N SER D 283 -34.91 -33.12 20.25
CA SER D 283 -34.77 -31.86 19.51
C SER D 283 -34.98 -30.65 20.42
N LEU D 284 -34.45 -30.73 21.64
CA LEU D 284 -34.60 -29.66 22.64
C LEU D 284 -33.25 -29.48 23.34
N TRP D 285 -32.45 -28.56 22.82
CA TRP D 285 -31.17 -28.17 23.41
C TRP D 285 -30.28 -29.39 23.65
N PRO D 286 -29.71 -29.99 22.60
CA PRO D 286 -28.84 -31.16 22.82
C PRO D 286 -27.65 -30.86 23.71
N TYR D 287 -27.08 -29.67 23.61
CA TYR D 287 -25.99 -29.29 24.51
C TYR D 287 -26.54 -29.08 25.92
N LYS D 288 -25.86 -29.68 26.91
CA LYS D 288 -26.31 -29.64 28.30
C LYS D 288 -25.31 -28.95 29.21
N GLY D 289 -24.41 -28.14 28.65
CA GLY D 289 -23.44 -27.43 29.44
C GLY D 289 -23.86 -26.02 29.80
N ARG D 290 -24.75 -25.44 29.00
CA ARG D 290 -25.23 -24.09 29.23
C ARG D 290 -26.73 -24.02 28.92
N PRO D 291 -27.45 -23.13 29.60
CA PRO D 291 -28.90 -23.03 29.37
C PRO D 291 -29.22 -22.37 28.03
N GLU D 292 -30.51 -22.17 27.76
CA GLU D 292 -30.94 -21.49 26.55
C GLU D 292 -30.59 -20.00 26.53
N ASN D 293 -30.17 -19.44 27.68
CA ASN D 293 -29.89 -18.01 27.71
C ASN D 293 -28.59 -17.66 26.98
N LYS D 294 -27.61 -18.55 26.98
CA LYS D 294 -26.37 -18.33 26.24
C LYS D 294 -26.41 -19.07 24.90
N SER D 295 -27.37 -18.67 24.06
CA SER D 295 -27.58 -19.36 22.79
C SER D 295 -26.64 -18.93 21.70
N PHE D 296 -25.91 -17.82 21.87
CA PHE D 296 -25.00 -17.32 20.85
C PHE D 296 -23.55 -17.71 21.11
N LEU D 297 -23.16 -17.86 22.38
CA LEU D 297 -21.77 -18.19 22.71
C LEU D 297 -21.34 -19.54 22.13
N TYR D 298 -22.28 -20.41 21.79
CA TYR D 298 -21.95 -21.73 21.28
C TYR D 298 -21.55 -21.73 19.82
N GLU D 299 -21.65 -20.58 19.13
CA GLU D 299 -21.29 -20.48 17.72
C GLU D 299 -20.24 -19.41 17.49
N ILE D 300 -19.48 -19.06 18.53
CA ILE D 300 -18.41 -18.07 18.40
C ILE D 300 -17.22 -18.66 17.65
N VAL D 301 -16.85 -19.89 17.98
CA VAL D 301 -15.64 -20.53 17.45
C VAL D 301 -15.99 -21.61 16.44
N SER D 302 -16.91 -22.51 16.78
CA SER D 302 -17.20 -23.65 15.91
C SER D 302 -18.27 -23.30 14.88
N ASN D 303 -19.48 -22.96 15.34
CA ASN D 303 -20.57 -22.53 14.48
C ASN D 303 -20.78 -23.48 13.30
N LYS D 304 -21.14 -24.73 13.65
CA LYS D 304 -21.33 -25.76 12.64
C LYS D 304 -22.47 -25.45 11.68
N ARG D 305 -23.37 -24.54 12.03
CA ARG D 305 -24.56 -24.30 11.23
C ARG D 305 -24.29 -23.29 10.12
N ASN D 306 -23.86 -22.07 10.48
CA ASN D 306 -23.77 -20.98 9.52
C ASN D 306 -22.70 -21.23 8.47
N GLY D 307 -21.51 -21.64 8.91
CA GLY D 307 -20.39 -21.83 8.01
C GLY D 307 -19.37 -20.70 8.00
N ILE D 308 -19.60 -19.65 8.79
CA ILE D 308 -18.62 -18.60 9.04
C ILE D 308 -18.38 -18.56 10.53
N ASP D 309 -17.12 -18.75 10.94
CA ASP D 309 -16.77 -18.88 12.34
C ASP D 309 -15.38 -18.31 12.57
N VAL D 310 -15.06 -18.04 13.84
CA VAL D 310 -13.78 -17.41 14.14
C VAL D 310 -12.62 -18.32 13.76
N ASP D 311 -12.81 -19.64 13.87
CA ASP D 311 -11.78 -20.57 13.45
C ASP D 311 -11.48 -20.41 11.96
N LYS D 312 -12.54 -20.41 11.13
CA LYS D 312 -12.37 -20.27 9.69
C LYS D 312 -11.80 -18.91 9.34
N TRP D 313 -12.30 -17.84 9.98
CA TRP D 313 -11.79 -16.50 9.71
C TRP D 313 -10.30 -16.41 10.01
N ASP D 314 -9.90 -16.84 11.22
CA ASP D 314 -8.50 -16.70 11.62
C ASP D 314 -7.60 -17.56 10.76
N TYR D 315 -8.02 -18.80 10.45
CA TYR D 315 -7.15 -19.65 9.67
C TYR D 315 -7.14 -19.25 8.20
N PHE D 316 -8.22 -18.63 7.71
CA PHE D 316 -8.20 -18.03 6.39
C PHE D 316 -7.19 -16.89 6.33
N ALA D 317 -7.20 -16.02 7.35
CA ALA D 317 -6.26 -14.92 7.37
C ALA D 317 -4.83 -15.43 7.39
N ARG D 318 -4.55 -16.45 8.21
CA ARG D 318 -3.19 -16.94 8.33
C ARG D 318 -2.75 -17.70 7.07
N ASP D 319 -3.64 -18.50 6.51
CA ASP D 319 -3.34 -19.21 5.26
C ASP D 319 -3.09 -18.24 4.13
N CYS D 320 -3.89 -17.17 4.01
CA CYS D 320 -3.66 -16.22 2.94
C CYS D 320 -2.40 -15.41 3.19
N HIS D 321 -2.05 -15.15 4.45
CA HIS D 321 -0.81 -14.46 4.75
C HIS D 321 0.40 -15.29 4.34
N HIS D 322 0.37 -16.59 4.60
CA HIS D 322 1.50 -17.47 4.33
C HIS D 322 1.44 -18.20 2.99
N LEU D 323 0.40 -17.97 2.19
CA LEU D 323 0.26 -18.65 0.91
C LEU D 323 0.28 -17.72 -0.30
N GLY D 324 0.21 -16.41 -0.10
CA GLY D 324 0.13 -15.49 -1.22
C GLY D 324 -1.28 -15.17 -1.69
N ILE D 325 -2.31 -15.65 -1.00
CA ILE D 325 -3.68 -15.31 -1.35
C ILE D 325 -3.96 -13.89 -0.88
N GLN D 326 -4.66 -13.12 -1.73
CA GLN D 326 -4.97 -11.73 -1.42
C GLN D 326 -6.25 -11.69 -0.60
N ASN D 327 -6.10 -11.49 0.72
CA ASN D 327 -7.21 -11.52 1.65
C ASN D 327 -7.65 -10.08 1.93
N ASN D 328 -8.84 -9.72 1.45
CA ASN D 328 -9.38 -8.39 1.65
C ASN D 328 -10.26 -8.29 2.89
N PHE D 329 -10.33 -9.35 3.71
CA PHE D 329 -11.25 -9.38 4.82
C PHE D 329 -10.69 -8.62 6.02
N ASP D 330 -11.51 -7.76 6.61
CA ASP D 330 -11.19 -7.03 7.83
C ASP D 330 -12.05 -7.56 8.96
N TYR D 331 -11.49 -8.47 9.76
CA TYR D 331 -12.27 -9.13 10.81
C TYR D 331 -12.51 -8.23 12.01
N LYS D 332 -11.64 -7.26 12.27
CA LYS D 332 -11.80 -6.39 13.43
C LYS D 332 -13.11 -5.61 13.36
N ARG D 333 -13.45 -5.09 12.17
CA ARG D 333 -14.70 -4.35 12.02
C ARG D 333 -15.89 -5.26 12.29
N PHE D 334 -15.85 -6.48 11.76
CA PHE D 334 -16.94 -7.43 11.99
C PHE D 334 -17.10 -7.73 13.48
N ILE D 335 -15.99 -7.89 14.18
CA ILE D 335 -16.02 -8.11 15.63
C ILE D 335 -16.67 -6.91 16.32
N LYS D 336 -16.27 -5.70 15.93
CA LYS D 336 -16.74 -4.50 16.60
C LYS D 336 -18.22 -4.23 16.36
N PHE D 337 -18.81 -4.83 15.33
CA PHE D 337 -20.19 -4.55 14.96
C PHE D 337 -21.10 -5.77 15.16
N ALA D 338 -20.95 -6.45 16.30
CA ALA D 338 -21.72 -7.65 16.60
C ALA D 338 -22.75 -7.33 17.69
N ARG D 339 -23.99 -7.74 17.46
CA ARG D 339 -25.06 -7.59 18.46
C ARG D 339 -25.88 -8.86 18.45
N VAL D 340 -26.57 -9.13 19.55
CA VAL D 340 -27.36 -10.35 19.69
C VAL D 340 -28.81 -10.01 19.43
N CYS D 341 -29.44 -10.75 18.51
CA CYS D 341 -30.79 -10.47 18.05
C CYS D 341 -31.51 -11.81 17.95
N GLU D 342 -32.65 -11.84 17.26
CA GLU D 342 -33.38 -13.06 16.99
C GLU D 342 -33.49 -13.24 15.48
N VAL D 343 -33.23 -14.46 15.02
CA VAL D 343 -33.21 -14.74 13.58
C VAL D 343 -34.54 -15.35 13.17
N ASP D 344 -34.85 -16.54 13.72
CA ASP D 344 -36.12 -17.19 13.45
C ASP D 344 -36.97 -17.31 14.71
N ASN D 345 -36.44 -17.95 15.76
CA ASN D 345 -37.17 -18.06 17.03
C ASN D 345 -36.31 -17.80 18.26
N GLU D 346 -34.99 -17.93 18.18
CA GLU D 346 -34.13 -17.86 19.35
C GLU D 346 -32.97 -16.90 19.09
N LEU D 347 -32.20 -16.64 20.14
CA LEU D 347 -31.13 -15.66 20.08
C LEU D 347 -30.00 -16.12 19.17
N ARG D 348 -29.52 -15.19 18.35
CA ARG D 348 -28.46 -15.43 17.37
C ARG D 348 -27.59 -14.18 17.27
N ILE D 349 -26.27 -14.38 17.27
CA ILE D 349 -25.34 -13.26 17.14
C ILE D 349 -25.38 -12.77 15.69
N CYS D 350 -25.93 -11.57 15.48
CA CYS D 350 -26.08 -10.98 14.16
C CYS D 350 -25.14 -9.80 13.98
N ALA D 351 -24.63 -9.64 12.77
CA ALA D 351 -23.70 -8.57 12.44
C ALA D 351 -24.50 -7.27 12.34
N ARG D 352 -24.30 -6.37 13.30
CA ARG D 352 -25.10 -5.14 13.38
C ARG D 352 -24.95 -4.30 12.12
N ASP D 353 -23.71 -4.10 11.66
CA ASP D 353 -23.44 -3.24 10.52
C ASP D 353 -23.67 -3.98 9.21
N LYS D 354 -23.87 -3.20 8.15
CA LYS D 354 -24.10 -3.75 6.81
C LYS D 354 -22.75 -4.01 6.15
N GLU D 355 -22.18 -5.18 6.43
CA GLU D 355 -20.90 -5.60 5.89
C GLU D 355 -21.04 -6.56 4.72
N VAL D 356 -22.18 -6.52 4.01
CA VAL D 356 -22.46 -7.47 2.94
C VAL D 356 -21.33 -7.47 1.91
N GLY D 357 -20.85 -6.29 1.53
CA GLY D 357 -19.75 -6.17 0.59
C GLY D 357 -18.51 -6.89 1.07
N ASN D 358 -18.03 -6.47 2.25
CA ASN D 358 -16.86 -7.10 2.86
C ASN D 358 -16.99 -8.62 2.88
N LEU D 359 -18.12 -9.14 3.39
CA LEU D 359 -18.26 -10.59 3.45
C LEU D 359 -18.42 -11.22 2.07
N TYR D 360 -18.80 -10.43 1.07
CA TYR D 360 -18.85 -10.94 -0.30
C TYR D 360 -17.44 -11.21 -0.80
N ASP D 361 -16.58 -10.20 -0.68
CA ASP D 361 -15.18 -10.43 -1.07
C ASP D 361 -14.56 -11.47 -0.18
N MET D 362 -15.06 -11.60 1.05
CA MET D 362 -14.50 -12.56 1.99
C MET D 362 -14.78 -13.98 1.52
N PHE D 363 -16.02 -14.24 1.10
CA PHE D 363 -16.35 -15.56 0.61
C PHE D 363 -15.68 -15.81 -0.74
N HIS D 364 -15.45 -14.76 -1.54
CA HIS D 364 -14.73 -14.94 -2.78
C HIS D 364 -13.33 -15.47 -2.49
N THR D 365 -12.61 -14.79 -1.58
CA THR D 365 -11.27 -15.21 -1.23
C THR D 365 -11.29 -16.55 -0.53
N ARG D 366 -12.37 -16.84 0.19
CA ARG D 366 -12.51 -18.12 0.88
C ARG D 366 -12.57 -19.25 -0.14
N ASN D 367 -13.40 -19.10 -1.18
CA ASN D 367 -13.45 -20.13 -2.20
C ASN D 367 -12.12 -20.23 -2.92
N SER D 368 -11.46 -19.08 -3.12
CA SER D 368 -10.16 -19.04 -3.79
C SER D 368 -9.12 -19.88 -3.05
N LEU D 369 -9.01 -19.69 -1.74
CA LEU D 369 -7.96 -20.36 -1.00
C LEU D 369 -8.41 -21.69 -0.43
N HIS D 370 -9.72 -21.92 -0.32
CA HIS D 370 -10.20 -23.23 0.06
C HIS D 370 -9.93 -24.20 -1.08
N ARG D 371 -10.23 -23.78 -2.32
CA ARG D 371 -9.90 -24.65 -3.43
C ARG D 371 -8.41 -24.65 -3.71
N ARG D 372 -7.68 -23.62 -3.23
CA ARG D 372 -6.23 -23.66 -3.36
C ARG D 372 -5.63 -24.68 -2.40
N ALA D 373 -6.22 -24.80 -1.21
CA ALA D 373 -5.79 -25.77 -0.21
C ALA D 373 -6.03 -27.20 -0.65
N TYR D 374 -7.19 -27.49 -1.24
CA TYR D 374 -7.45 -28.80 -1.83
C TYR D 374 -6.73 -28.78 -3.18
N GLN D 375 -5.44 -29.06 -3.11
CA GLN D 375 -4.56 -28.93 -4.27
C GLN D 375 -5.00 -29.86 -5.40
N HIS D 376 -4.49 -29.56 -6.59
CA HIS D 376 -4.79 -30.32 -7.79
C HIS D 376 -3.48 -30.82 -8.39
N LYS D 377 -3.61 -31.86 -9.22
CA LYS D 377 -2.46 -32.51 -9.84
C LYS D 377 -1.40 -32.91 -8.81
N VAL D 378 -0.28 -32.18 -8.78
CA VAL D 378 0.88 -32.58 -7.99
C VAL D 378 0.54 -32.71 -6.51
N GLY D 379 -0.15 -31.71 -5.96
CA GLY D 379 -0.48 -31.75 -4.54
C GLY D 379 -1.30 -32.95 -4.12
N ASN D 380 -2.37 -33.24 -4.87
CA ASN D 380 -3.19 -34.39 -4.54
C ASN D 380 -2.40 -35.69 -4.60
N ILE D 381 -1.60 -35.87 -5.66
CA ILE D 381 -0.81 -37.09 -5.76
C ILE D 381 0.17 -37.20 -4.61
N ILE D 382 0.80 -36.08 -4.23
CA ILE D 382 1.76 -36.10 -3.13
C ILE D 382 1.08 -36.53 -1.84
N ASP D 383 -0.11 -35.97 -1.58
CA ASP D 383 -0.86 -36.33 -0.39
C ASP D 383 -1.19 -37.82 -0.38
N THR D 384 -1.68 -38.33 -1.52
CA THR D 384 -2.02 -39.75 -1.61
C THR D 384 -0.79 -40.61 -1.37
N MET D 385 0.34 -40.24 -1.96
CA MET D 385 1.57 -41.01 -1.78
C MET D 385 1.97 -41.06 -0.32
N ILE D 386 1.91 -39.91 0.36
CA ILE D 386 2.26 -39.85 1.78
C ILE D 386 1.35 -40.76 2.58
N THR D 387 0.04 -40.68 2.32
CA THR D 387 -0.91 -41.53 3.02
C THR D 387 -0.59 -43.01 2.82
N ASP D 388 -0.46 -43.43 1.55
CA ASP D 388 -0.17 -44.82 1.24
C ASP D 388 1.12 -45.27 1.92
N ALA D 389 2.13 -44.41 1.93
CA ALA D 389 3.41 -44.74 2.59
C ALA D 389 3.20 -44.99 4.08
N PHE D 390 2.42 -44.12 4.74
CA PHE D 390 2.14 -44.33 6.16
C PHE D 390 1.38 -45.65 6.37
N LEU D 391 0.44 -45.95 5.48
CA LEU D 391 -0.33 -47.18 5.60
C LEU D 391 0.57 -48.40 5.46
N LYS D 392 1.53 -48.34 4.54
CA LYS D 392 2.47 -49.45 4.37
C LYS D 392 3.42 -49.55 5.56
N ALA D 393 3.81 -48.40 6.13
CA ALA D 393 4.77 -48.38 7.21
C ALA D 393 4.12 -48.57 8.58
N ASP D 394 2.81 -48.79 8.61
CA ASP D 394 2.11 -48.93 9.89
C ASP D 394 2.71 -50.07 10.71
N ASP D 395 3.03 -51.19 10.07
CA ASP D 395 3.51 -52.37 10.79
C ASP D 395 4.96 -52.21 11.28
N TYR D 396 5.71 -51.26 10.72
CA TYR D 396 7.14 -51.16 10.97
C TYR D 396 7.51 -49.87 11.71
N ILE D 397 6.62 -49.42 12.58
CA ILE D 397 6.91 -48.31 13.51
C ILE D 397 5.95 -48.43 14.68
N GLU D 398 6.48 -48.36 15.90
CA GLU D 398 5.70 -48.57 17.11
C GLU D 398 5.68 -47.31 17.96
N ILE D 399 4.56 -47.08 18.64
CA ILE D 399 4.38 -45.92 19.51
C ILE D 399 4.10 -46.40 20.92
N THR D 400 4.82 -45.86 21.89
CA THR D 400 4.69 -46.25 23.28
C THR D 400 3.60 -45.45 23.96
N GLY D 401 2.80 -46.12 24.79
CA GLY D 401 1.72 -45.44 25.48
C GLY D 401 1.93 -45.26 26.97
N ALA D 402 0.83 -45.34 27.73
CA ALA D 402 0.87 -45.24 29.19
C ALA D 402 0.81 -46.63 29.80
N GLY D 403 1.56 -46.82 30.88
CA GLY D 403 1.63 -48.14 31.47
C GLY D 403 2.43 -49.13 30.69
N GLY D 404 3.32 -48.66 29.82
CA GLY D 404 4.14 -49.53 28.98
C GLY D 404 3.45 -50.07 27.76
N LYS D 405 2.20 -49.68 27.50
CA LYS D 405 1.48 -50.20 26.35
C LYS D 405 2.09 -49.70 25.05
N LYS D 406 2.12 -50.57 24.05
CA LYS D 406 2.59 -50.23 22.71
C LYS D 406 1.43 -50.40 21.74
N TYR D 407 0.93 -49.30 21.21
CA TYR D 407 -0.14 -49.29 20.23
C TYR D 407 0.44 -49.06 18.84
N ARG D 408 -0.06 -49.79 17.85
CA ARG D 408 0.47 -49.70 16.50
C ARG D 408 0.19 -48.31 15.92
N ILE D 409 0.63 -48.10 14.69
CA ILE D 409 0.60 -46.76 14.10
C ILE D 409 -0.83 -46.24 14.02
N SER D 410 -1.78 -47.10 13.64
CA SER D 410 -3.15 -46.67 13.42
C SER D 410 -3.97 -46.62 14.71
N THR D 411 -3.70 -47.50 15.67
CA THR D 411 -4.54 -47.69 16.85
C THR D 411 -4.16 -46.82 18.03
N ALA D 412 -3.29 -45.81 17.83
CA ALA D 412 -2.84 -44.95 18.91
C ALA D 412 -3.89 -43.94 19.37
N ILE D 413 -5.00 -43.81 18.64
CA ILE D 413 -6.07 -42.91 19.01
C ILE D 413 -6.81 -43.31 20.29
N ASP D 414 -6.72 -44.57 20.70
CA ASP D 414 -7.49 -45.03 21.86
C ASP D 414 -6.90 -44.61 23.20
N ASP D 415 -5.75 -43.95 23.24
CA ASP D 415 -5.19 -43.47 24.49
C ASP D 415 -4.62 -42.07 24.30
N MET D 416 -5.09 -41.12 25.12
CA MET D 416 -4.64 -39.74 24.97
C MET D 416 -3.26 -39.51 25.56
N GLU D 417 -2.83 -40.36 26.51
CA GLU D 417 -1.46 -40.26 27.02
C GLU D 417 -0.46 -40.57 25.92
N ALA D 418 -0.75 -41.60 25.11
CA ALA D 418 0.08 -41.90 23.94
C ALA D 418 -0.20 -40.94 22.80
N TYR D 419 -1.45 -40.51 22.64
CA TYR D 419 -1.78 -39.60 21.56
C TYR D 419 -1.14 -38.23 21.74
N THR D 420 -0.78 -37.86 22.97
CA THR D 420 -0.08 -36.60 23.18
C THR D 420 1.23 -36.56 22.42
N LYS D 421 1.87 -37.71 22.25
CA LYS D 421 3.15 -37.82 21.56
C LYS D 421 2.99 -38.16 20.09
N LEU D 422 1.83 -37.88 19.51
CA LEU D 422 1.58 -38.09 18.09
C LEU D 422 1.62 -36.74 17.38
N THR D 423 2.73 -36.46 16.72
CA THR D 423 2.86 -35.30 15.85
C THR D 423 3.37 -35.77 14.48
N ASP D 424 3.60 -34.80 13.60
CA ASP D 424 4.16 -35.09 12.28
C ASP D 424 5.46 -35.90 12.36
N ASN D 425 6.07 -35.97 13.55
CA ASN D 425 7.36 -36.64 13.69
C ASN D 425 7.32 -38.07 13.18
N ILE D 426 6.15 -38.73 13.21
CA ILE D 426 6.07 -40.10 12.72
C ILE D 426 6.54 -40.17 11.27
N PHE D 427 6.27 -39.12 10.50
CA PHE D 427 6.84 -38.97 9.17
C PHE D 427 8.34 -39.19 9.21
N LEU D 428 9.02 -38.35 10.01
CA LEU D 428 10.46 -38.48 10.18
C LEU D 428 10.83 -39.84 10.73
N GLU D 429 9.96 -40.44 11.55
CA GLU D 429 10.30 -41.73 12.11
C GLU D 429 10.39 -42.81 11.05
N ILE D 430 9.90 -42.55 9.84
CA ILE D 430 10.20 -43.43 8.72
C ILE D 430 11.42 -42.93 7.95
N LEU D 431 11.59 -41.61 7.85
CA LEU D 431 12.70 -41.06 7.08
C LEU D 431 14.03 -41.37 7.74
N TYR D 432 14.03 -41.57 9.05
CA TYR D 432 15.21 -41.98 9.79
C TYR D 432 15.16 -43.45 10.20
N SER D 433 14.21 -44.22 9.67
CA SER D 433 14.04 -45.59 10.08
C SER D 433 15.06 -46.50 9.39
N THR D 434 15.52 -47.52 10.11
CA THR D 434 16.44 -48.49 9.57
C THR D 434 15.94 -49.93 9.68
N ASP D 435 14.81 -50.17 10.33
CA ASP D 435 14.28 -51.52 10.41
C ASP D 435 13.92 -52.01 9.02
N PRO D 436 14.31 -53.24 8.66
CA PRO D 436 14.18 -53.66 7.25
C PRO D 436 12.76 -53.70 6.72
N LYS D 437 11.78 -54.02 7.58
CA LYS D 437 10.41 -54.17 7.09
C LYS D 437 9.88 -52.87 6.48
N LEU D 438 10.23 -51.72 7.06
CA LEU D 438 9.76 -50.47 6.51
C LEU D 438 10.44 -50.06 5.21
N LYS D 439 11.43 -50.82 4.73
CA LYS D 439 12.21 -50.43 3.57
C LYS D 439 11.35 -49.87 2.44
N ASP D 440 10.46 -50.72 1.90
CA ASP D 440 9.59 -50.32 0.80
C ASP D 440 8.85 -49.04 1.14
N ALA D 441 8.26 -48.99 2.33
CA ALA D 441 7.51 -47.82 2.77
C ALA D 441 8.37 -46.56 2.69
N ARG D 442 9.59 -46.60 3.24
CA ARG D 442 10.45 -45.43 3.19
C ARG D 442 10.63 -44.94 1.76
N GLU D 443 10.78 -45.88 0.82
CA GLU D 443 11.00 -45.51 -0.58
C GLU D 443 9.84 -44.67 -1.09
N ILE D 444 8.61 -45.00 -0.70
CA ILE D 444 7.46 -44.24 -1.20
C ILE D 444 7.56 -42.79 -0.74
N LEU D 445 8.00 -42.56 0.49
CA LEU D 445 8.23 -41.18 0.92
C LEU D 445 9.30 -40.54 0.07
N LYS D 446 10.36 -41.29 -0.22
CA LYS D 446 11.40 -40.82 -1.14
C LYS D 446 10.80 -40.46 -2.48
N GLN D 447 9.75 -41.18 -2.90
CA GLN D 447 9.14 -40.94 -4.19
C GLN D 447 8.53 -39.55 -4.31
N ILE D 448 8.35 -38.84 -3.19
CA ILE D 448 7.89 -37.46 -3.27
C ILE D 448 9.00 -36.46 -2.99
N GLU D 449 10.11 -36.90 -2.38
CA GLU D 449 11.27 -36.02 -2.25
C GLU D 449 11.87 -35.72 -3.62
N TYR D 450 12.12 -36.75 -4.42
CA TYR D 450 12.66 -36.63 -5.75
C TYR D 450 11.54 -36.53 -6.78
N ARG D 451 11.85 -35.86 -7.90
CA ARG D 451 10.86 -35.58 -8.94
C ARG D 451 10.80 -36.75 -9.92
N ASN D 452 10.11 -37.80 -9.50
CA ASN D 452 9.69 -38.90 -10.36
C ASN D 452 8.20 -39.15 -10.19
N LEU D 453 7.46 -38.08 -9.94
CA LEU D 453 6.08 -38.21 -9.45
C LEU D 453 5.17 -38.86 -10.48
N PHE D 454 4.16 -39.55 -9.99
CA PHE D 454 3.15 -40.14 -10.84
C PHE D 454 2.15 -39.09 -11.31
N LYS D 455 1.57 -39.33 -12.48
CA LYS D 455 0.52 -38.47 -13.02
C LYS D 455 -0.86 -39.03 -12.65
N TYR D 456 -1.83 -38.14 -12.60
CA TYR D 456 -3.21 -38.51 -12.30
C TYR D 456 -3.92 -38.95 -13.57
N VAL D 457 -4.76 -39.98 -13.45
CA VAL D 457 -5.43 -40.56 -14.61
C VAL D 457 -6.78 -39.89 -14.88
N GLY D 458 -7.13 -38.83 -14.16
CA GLY D 458 -8.30 -38.06 -14.47
C GLY D 458 -9.16 -37.84 -13.24
N GLU D 459 -10.37 -37.35 -13.48
CA GLU D 459 -11.33 -37.07 -12.41
C GLU D 459 -12.73 -37.12 -13.00
N THR D 460 -13.71 -37.31 -12.13
CA THR D 460 -15.11 -37.41 -12.54
C THR D 460 -15.99 -36.97 -11.38
N GLN D 461 -17.26 -36.73 -11.69
CA GLN D 461 -18.19 -36.26 -10.69
C GLN D 461 -19.36 -37.23 -10.55
N PRO D 462 -19.89 -37.40 -9.33
CA PRO D 462 -21.02 -38.27 -8.99
C PRO D 462 -22.37 -37.59 -9.23
N ILE D 466 -26.41 -39.72 -2.08
CA ILE D 466 -25.17 -40.16 -1.47
C ILE D 466 -25.08 -41.68 -1.55
N LYS D 467 -23.88 -42.17 -1.89
CA LYS D 467 -23.63 -43.61 -2.01
C LYS D 467 -22.35 -44.05 -1.32
N ILE D 468 -21.64 -43.13 -0.66
CA ILE D 468 -20.35 -43.44 -0.06
C ILE D 468 -20.34 -42.98 1.39
N LYS D 469 -19.77 -43.80 2.26
CA LYS D 469 -19.60 -43.48 3.68
C LYS D 469 -18.23 -43.97 4.10
N ARG D 470 -18.00 -44.05 5.42
CA ARG D 470 -16.73 -44.51 5.96
C ARG D 470 -16.51 -46.01 5.76
N GLU D 471 -17.43 -46.70 5.09
CA GLU D 471 -17.30 -48.12 4.80
C GLU D 471 -17.19 -48.33 3.29
N ASP D 472 -16.39 -49.33 2.91
CA ASP D 472 -16.17 -49.77 1.54
C ASP D 472 -15.43 -48.74 0.68
N TYR D 473 -15.04 -47.60 1.26
CA TYR D 473 -14.20 -46.68 0.52
C TYR D 473 -12.84 -47.29 0.21
N GLU D 474 -12.34 -48.14 1.11
CA GLU D 474 -11.07 -48.83 0.90
C GLU D 474 -11.10 -49.79 -0.27
N SER D 475 -12.28 -50.15 -0.78
CA SER D 475 -12.38 -50.96 -1.98
C SER D 475 -12.68 -50.14 -3.23
N LEU D 476 -12.66 -48.81 -3.11
CA LEU D 476 -12.98 -47.97 -4.27
C LEU D 476 -12.02 -48.22 -5.42
N PRO D 477 -10.71 -48.31 -5.20
CA PRO D 477 -9.80 -48.63 -6.32
C PRO D 477 -10.08 -49.98 -6.94
N LYS D 478 -10.56 -50.94 -6.16
CA LYS D 478 -10.87 -52.27 -6.72
C LYS D 478 -11.93 -52.17 -7.79
N GLU D 479 -13.01 -51.43 -7.52
CA GLU D 479 -13.99 -51.15 -8.57
C GLU D 479 -13.33 -50.39 -9.71
N VAL D 480 -12.43 -49.45 -9.36
CA VAL D 480 -11.62 -48.80 -10.38
C VAL D 480 -10.77 -49.83 -11.12
N ALA D 481 -10.18 -50.77 -10.37
CA ALA D 481 -9.46 -51.87 -11.00
C ALA D 481 -10.38 -52.75 -11.84
N SER D 482 -11.69 -52.65 -11.62
CA SER D 482 -12.63 -53.42 -12.41
C SER D 482 -12.74 -52.82 -13.80
N ALA D 483 -12.65 -51.49 -13.90
CA ALA D 483 -12.80 -50.80 -15.18
C ALA D 483 -11.47 -50.48 -15.82
N LYS D 484 -10.49 -50.03 -15.03
CA LYS D 484 -9.17 -49.69 -15.57
C LYS D 484 -8.49 -50.91 -16.18
N PRO D 485 -8.31 -52.01 -15.45
CA PRO D 485 -7.79 -53.23 -16.08
C PRO D 485 -8.87 -53.91 -16.91
N LYS D 486 -8.42 -54.60 -17.96
CA LYS D 486 -9.29 -55.38 -18.84
C LYS D 486 -10.45 -54.54 -19.37
N VAL D 487 -10.11 -53.35 -19.88
CA VAL D 487 -11.10 -52.46 -20.46
C VAL D 487 -11.43 -52.94 -21.86
N LEU D 488 -12.47 -52.38 -22.47
CA LEU D 488 -12.88 -52.78 -23.80
C LEU D 488 -11.75 -52.52 -24.79
N LEU D 489 -11.42 -53.54 -25.59
CA LEU D 489 -10.35 -53.47 -26.58
C LEU D 489 -9.03 -53.04 -25.94
N ASP D 490 -8.75 -53.55 -24.74
CA ASP D 490 -7.56 -53.20 -23.99
C ASP D 490 -6.78 -54.48 -23.65
N VAL D 491 -5.47 -54.43 -23.84
CA VAL D 491 -4.59 -55.56 -23.57
C VAL D 491 -3.52 -55.12 -22.57
N LYS D 492 -3.33 -55.93 -21.53
CA LYS D 492 -2.27 -55.73 -20.54
C LYS D 492 -2.39 -54.39 -19.83
N LEU D 493 -1.28 -53.91 -19.28
CA LEU D 493 -1.23 -52.67 -18.49
C LEU D 493 -2.16 -52.74 -17.28
N LYS D 494 -2.37 -53.94 -16.75
CA LYS D 494 -3.29 -54.18 -15.65
C LYS D 494 -2.51 -54.43 -14.37
N ALA D 495 -2.85 -53.72 -13.31
CA ALA D 495 -2.19 -53.84 -12.02
C ALA D 495 -3.06 -53.17 -10.98
N GLU D 496 -2.51 -52.99 -9.78
CA GLU D 496 -3.15 -52.26 -8.69
C GLU D 496 -2.76 -50.78 -8.69
N ASP D 497 -2.47 -50.21 -9.86
CA ASP D 497 -2.03 -48.82 -9.96
C ASP D 497 -3.06 -47.82 -9.47
N PHE D 498 -4.27 -48.25 -9.13
CA PHE D 498 -5.32 -47.33 -8.74
C PHE D 498 -5.07 -46.83 -7.32
N ILE D 499 -4.94 -45.51 -7.18
CA ILE D 499 -4.74 -44.86 -5.89
C ILE D 499 -5.88 -43.86 -5.69
N VAL D 500 -7.06 -44.23 -6.17
CA VAL D 500 -8.21 -43.33 -6.32
C VAL D 500 -8.42 -42.47 -5.08
N ASP D 501 -8.78 -41.21 -5.29
CA ASP D 501 -8.93 -40.23 -4.23
C ASP D 501 -10.35 -39.70 -4.22
N VAL D 502 -10.99 -39.77 -3.06
CA VAL D 502 -12.31 -39.17 -2.83
C VAL D 502 -12.12 -38.02 -1.84
N ILE D 503 -12.58 -36.83 -2.25
CA ILE D 503 -12.27 -35.62 -1.49
C ILE D 503 -13.54 -34.95 -1.00
N ASN D 504 -14.59 -35.76 -0.75
CA ASN D 504 -15.82 -35.19 -0.22
C ASN D 504 -15.59 -34.53 1.13
N MET D 505 -14.86 -35.21 2.01
CA MET D 505 -14.38 -34.68 3.29
C MET D 505 -15.59 -34.15 4.07
N ASP D 506 -15.57 -32.91 4.54
CA ASP D 506 -16.67 -32.34 5.31
C ASP D 506 -17.11 -31.02 4.71
N PRO D 514 -24.85 -18.00 -5.67
CA PRO D 514 -23.62 -17.28 -5.32
C PRO D 514 -23.08 -17.67 -3.94
N ILE D 515 -22.81 -16.67 -3.10
CA ILE D 515 -22.34 -16.94 -1.75
C ILE D 515 -23.36 -17.75 -0.97
N ASP D 516 -24.65 -17.43 -1.14
CA ASP D 516 -25.74 -18.11 -0.46
C ASP D 516 -25.53 -18.12 1.05
N HIS D 517 -25.05 -16.99 1.58
CA HIS D 517 -24.83 -16.87 3.02
C HIS D 517 -26.15 -17.01 3.76
N VAL D 518 -26.14 -17.81 4.83
CA VAL D 518 -27.34 -17.99 5.65
C VAL D 518 -27.57 -16.83 6.61
N SER D 519 -26.49 -16.25 7.15
CA SER D 519 -26.59 -15.16 8.12
C SER D 519 -27.53 -15.52 9.27
N PHE D 520 -27.43 -16.77 9.72
CA PHE D 520 -28.24 -17.29 10.81
C PHE D 520 -28.18 -16.41 12.05
N PRO D 526 -34.05 -3.46 19.16
CA PRO D 526 -34.02 -3.97 20.53
C PRO D 526 -35.27 -4.75 20.90
N ASN D 527 -36.18 -4.90 19.94
CA ASN D 527 -37.44 -5.60 20.20
C ASN D 527 -37.79 -6.53 19.03
N ARG D 528 -36.83 -7.32 18.58
CA ARG D 528 -37.03 -8.33 17.54
C ARG D 528 -37.39 -7.69 16.20
N ALA D 529 -37.51 -8.52 15.16
CA ALA D 529 -37.88 -8.10 13.81
C ALA D 529 -36.83 -7.23 13.14
N ILE D 530 -35.57 -7.38 13.54
CA ILE D 530 -34.49 -6.56 12.98
C ILE D 530 -33.53 -7.38 12.11
N ARG D 531 -33.55 -8.71 12.19
CA ARG D 531 -32.64 -9.54 11.41
C ARG D 531 -33.04 -9.55 9.95
N ILE D 532 -32.93 -8.40 9.28
CA ILE D 532 -33.40 -8.24 7.91
C ILE D 532 -32.41 -8.86 6.93
N THR D 533 -32.59 -10.14 6.63
CA THR D 533 -31.84 -10.78 5.56
C THR D 533 -32.06 -10.04 4.25
N LYS D 534 -30.99 -9.86 3.48
CA LYS D 534 -31.04 -9.01 2.30
C LYS D 534 -31.47 -9.83 1.09
N ASN D 535 -31.33 -9.26 -0.10
CA ASN D 535 -31.78 -9.86 -1.34
C ASN D 535 -30.61 -10.41 -2.15
N GLN D 536 -30.93 -11.34 -3.05
CA GLN D 536 -29.93 -11.93 -3.93
C GLN D 536 -30.61 -12.61 -5.11
N ALA D 546 -20.73 -30.29 -2.64
CA ALA D 546 -21.31 -31.58 -3.02
C ALA D 546 -20.22 -32.64 -3.14
N GLU D 547 -20.44 -33.58 -4.06
CA GLU D 547 -19.44 -34.62 -4.29
C GLU D 547 -18.20 -34.02 -4.95
N GLN D 548 -17.03 -34.45 -4.51
CA GLN D 548 -15.77 -34.01 -5.09
C GLN D 548 -15.41 -34.91 -6.27
N LEU D 549 -14.22 -34.71 -6.81
CA LEU D 549 -13.82 -35.43 -8.02
C LEU D 549 -13.56 -36.90 -7.73
N ILE D 550 -13.83 -37.74 -8.71
CA ILE D 550 -13.43 -39.16 -8.66
C ILE D 550 -12.05 -39.22 -9.31
N ARG D 551 -11.03 -38.89 -8.52
CA ARG D 551 -9.67 -38.77 -9.01
C ARG D 551 -8.89 -40.03 -8.67
N VAL D 552 -8.48 -40.76 -9.70
CA VAL D 552 -7.70 -41.99 -9.54
C VAL D 552 -6.33 -41.73 -10.15
N TYR D 553 -5.37 -41.36 -9.32
CA TYR D 553 -3.99 -41.21 -9.77
C TYR D 553 -3.32 -42.58 -9.89
N CYS D 554 -2.71 -42.84 -11.04
CA CYS D 554 -2.04 -44.12 -11.27
C CYS D 554 -0.69 -44.12 -10.57
N LYS D 555 -0.46 -45.13 -9.73
CA LYS D 555 0.80 -45.21 -8.99
C LYS D 555 1.99 -45.32 -9.94
N LYS D 556 1.86 -46.11 -10.99
CA LYS D 556 2.91 -46.26 -12.00
C LYS D 556 2.81 -45.14 -13.03
N VAL D 557 3.91 -44.42 -13.23
CA VAL D 557 3.94 -43.27 -14.12
C VAL D 557 4.58 -43.63 -15.48
N ASP D 558 4.53 -44.90 -15.87
CA ASP D 558 5.18 -45.34 -17.10
C ASP D 558 4.63 -44.61 -18.32
N ARG D 559 5.53 -44.18 -19.20
CA ARG D 559 5.13 -43.45 -20.40
C ARG D 559 4.39 -44.35 -21.39
N LYS D 560 4.84 -45.61 -21.52
CA LYS D 560 4.14 -46.56 -22.37
C LYS D 560 2.71 -46.77 -21.89
N SER D 561 2.53 -46.85 -20.57
CA SER D 561 1.22 -47.05 -19.95
C SER D 561 0.33 -45.82 -20.03
N LEU D 562 0.84 -44.67 -20.48
CA LEU D 562 0.02 -43.46 -20.52
C LEU D 562 -1.19 -43.62 -21.44
N TYR D 563 -0.98 -44.19 -22.63
CA TYR D 563 -2.10 -44.39 -23.56
C TYR D 563 -3.13 -45.35 -22.97
N ALA D 564 -2.64 -46.41 -22.32
CA ALA D 564 -3.53 -47.35 -21.66
C ALA D 564 -4.31 -46.66 -20.54
N ALA D 565 -3.64 -45.78 -19.79
CA ALA D 565 -4.32 -45.03 -18.74
C ALA D 565 -5.40 -44.12 -19.31
N ARG D 566 -5.12 -43.48 -20.44
CA ARG D 566 -6.15 -42.63 -21.06
C ARG D 566 -7.36 -43.46 -21.48
N GLN D 567 -7.10 -44.62 -22.11
CA GLN D 567 -8.20 -45.49 -22.53
C GLN D 567 -8.97 -46.00 -21.32
N TYR D 568 -8.25 -46.38 -20.26
CA TYR D 568 -8.88 -46.85 -19.03
C TYR D 568 -9.74 -45.77 -18.39
N PHE D 569 -9.24 -44.54 -18.35
CA PHE D 569 -10.03 -43.45 -17.77
C PHE D 569 -11.29 -43.21 -18.57
N VAL D 570 -11.19 -43.26 -19.90
CA VAL D 570 -12.38 -43.07 -20.74
C VAL D 570 -13.39 -44.18 -20.49
N GLN D 571 -12.91 -45.43 -20.47
CA GLN D 571 -13.80 -46.57 -20.23
C GLN D 571 -14.43 -46.50 -18.84
N TRP D 572 -13.64 -46.15 -17.82
CA TRP D 572 -14.16 -46.06 -16.45
C TRP D 572 -15.23 -45.00 -16.35
N CYS D 573 -14.96 -43.81 -16.90
CA CYS D 573 -15.94 -42.73 -16.80
C CYS D 573 -17.22 -43.09 -17.55
N ALA D 574 -17.10 -43.61 -18.77
CA ALA D 574 -18.28 -43.95 -19.55
C ALA D 574 -19.00 -45.19 -19.05
N ASP D 575 -18.36 -46.01 -18.21
CA ASP D 575 -19.02 -47.18 -17.67
C ASP D 575 -19.75 -46.94 -16.35
N ARG D 576 -19.04 -46.52 -15.30
CA ARG D 576 -19.62 -46.60 -13.98
C ARG D 576 -20.85 -45.73 -13.77
N ASN D 577 -20.67 -44.41 -13.64
CA ASN D 577 -21.82 -43.53 -13.53
C ASN D 577 -21.61 -42.12 -14.06
N PHE D 578 -20.45 -41.77 -14.60
CA PHE D 578 -20.02 -40.37 -14.60
C PHE D 578 -19.54 -39.99 -16.00
N THR D 579 -18.90 -38.84 -16.08
CA THR D 579 -18.41 -38.31 -17.36
C THR D 579 -17.05 -37.64 -17.18
#